data_7KC1
#
_entry.id   7KC1
#
_cell.length_a   1.00
_cell.length_b   1.00
_cell.length_c   1.00
_cell.angle_alpha   90.00
_cell.angle_beta   90.00
_cell.angle_gamma   90.00
#
_symmetry.space_group_name_H-M   'P 1'
#
loop_
_entity.id
_entity.type
_entity.pdbx_description
1 polymer Hemagglutinin
2 polymer 'Fusion protein of Hemagglutinin and Envelope glycoprotein'
3 polymer 'Fab heavy chain'
4 polymer 'Fab light chain'
5 branched alpha-D-mannopyranose-(1-3)-[alpha-D-mannopyranose-(1-6)]beta-D-mannopyranose-(1-4)-2-acetamido-2-deoxy-beta-D-glucopyranose-(1-4)-2-acetamido-2-deoxy-beta-D-glucopyranose
6 branched beta-D-mannopyranose-(1-4)-2-acetamido-2-deoxy-beta-D-glucopyranose-(1-4)-2-acetamido-2-deoxy-beta-D-glucopyranose
7 non-polymer 2-acetamido-2-deoxy-beta-D-glucopyranose
#
loop_
_entity_poly.entity_id
_entity_poly.type
_entity_poly.pdbx_seq_one_letter_code
_entity_poly.pdbx_strand_id
1 'polypeptide(L)'
;MKTIIALSHILCLVFAQKLPGNDNSTATLCLGHHAVPNGTIVKTITNDQIEVTNATELVQNSSIGEICDSPHQILDGENC
TLIDALLGDPQCDGFQNKKWDLFVERSKAYSNCYPYDVPDYASLRSLVASSGTLEFNNESFNWTGVTQNGTSSACIRRSN
NSFFSRLNWLTQLNFKYPALNVTMPNNEQFDKLYIWGVHHPVTDKDQIFLYAQSSGRITVSTKRSQQAVIPNIGYRPRIR
NIPSRISIYWTIVKPGDILLINSTGNLIAPRGYFKIRSGKSSIMRSDAPIGKCNSECITPNGSIPNDKPFQNVNRITYGA
CPRYVKQSTLKLATGMRNVPEKQTR
;
A,C,G
2 'polypeptide(L)'
;GIFGAIAGFIENGWEGMVDGWYGFRHQNSEGRGQAADLKSTQAAIDQINGKLNRLIGKTNEKFHQIEKEFSEVEGRIQDL
EKYVEDTKIDLWSYNAELLVALENQHTIDLTDSEMNKLFEKTKKQLRENAEDMGNGCFKIYHKCDNACIGSIRNGTYDHD
VYRDEALNNRFQIKGVSGRLVPRGSPGSGYIPEAPRDGQAYVRKDGEWVLLSTFLGHHHHHH
;
B,D,I
3 'polypeptide(L)'
;QIQLQQSGPGLVKPSQTLSLTCSISGDTVTNNYAAWDWIRQSPTRGLEWLGRTFYRSKWYKEYALSVKSRLTISPDTSKN
QISLQLSSVTPEDTAVYYCARAGITIFGLITGGLDYWGQGSLVTVSSASTKGPSVFPLAPSSKSTSGGTAALGCLVKDYF
PEPVTVSWNSGALTSGVHTFPAVLQSSGLYSLSSVVTVPSSSLGTQTYICNVNHKPSNTKVDKKVEP
;
H,E,J
4 'polypeptide(L)'
;MTQSPSSLSASVGDRVTITCRTSQSLSSYTHWYQQKPGKAPKLLIYAASSRGSGVPSRFSGSGSGTDFTLTISSLQPEDF
ATYYCQQSRTFGQGTKVEIKRTVAAPSVFIFPPSDEQLKSGTASVVCLLNNFYPREAKVQWKVDNALQSGNSQESVTEQD
SKDSTYSLSSTLTLSKADYEKHKVYACEVTHQGLSSPVTKSFNRGE
;
L,F,K
#
# COMPACT_ATOMS: atom_id res chain seq x y z
N THR A 28 -0.77 -13.81 46.29
CA THR A 28 -2.01 -13.11 46.57
C THR A 28 -2.28 -12.04 45.52
N LEU A 29 -3.45 -12.14 44.88
CA LEU A 29 -3.91 -11.19 43.85
C LEU A 29 -2.90 -11.08 42.70
N CYS A 30 -2.36 -12.23 42.29
CA CYS A 30 -1.43 -12.26 41.18
C CYS A 30 -2.18 -12.06 39.86
N LEU A 31 -1.43 -11.67 38.83
CA LEU A 31 -1.99 -11.46 37.50
C LEU A 31 -1.25 -12.32 36.49
N GLY A 32 -2.01 -12.91 35.56
CA GLY A 32 -1.45 -13.77 34.55
C GLY A 32 -2.22 -13.70 33.26
N HIS A 33 -1.96 -14.61 32.32
CA HIS A 33 -2.65 -14.60 31.05
C HIS A 33 -2.63 -16.00 30.45
N HIS A 34 -3.46 -16.19 29.42
CA HIS A 34 -3.61 -17.49 28.79
C HIS A 34 -2.35 -17.85 28.00
N ALA A 35 -2.00 -19.14 28.03
CA ALA A 35 -0.84 -19.66 27.33
C ALA A 35 -1.20 -20.96 26.64
N VAL A 36 -0.41 -21.33 25.65
CA VAL A 36 -0.64 -22.53 24.86
C VAL A 36 0.66 -23.31 24.77
N PRO A 37 0.64 -24.64 24.91
CA PRO A 37 1.87 -25.42 24.71
C PRO A 37 2.41 -25.34 23.28
N ASN A 38 1.53 -25.23 22.29
CA ASN A 38 1.94 -25.21 20.88
C ASN A 38 1.11 -24.18 20.14
N GLY A 39 1.66 -22.98 19.96
CA GLY A 39 1.02 -21.95 19.16
C GLY A 39 1.73 -21.77 17.82
N THR A 40 1.10 -20.98 16.96
CA THR A 40 1.65 -20.73 15.64
C THR A 40 2.48 -19.44 15.64
N ILE A 41 3.08 -19.14 14.48
CA ILE A 41 3.99 -18.03 14.31
C ILE A 41 3.46 -17.13 13.20
N VAL A 42 3.32 -15.84 13.51
CA VAL A 42 2.91 -14.86 12.52
C VAL A 42 4.08 -13.93 12.25
N LYS A 43 3.91 -13.05 11.27
CA LYS A 43 4.91 -12.05 10.91
C LYS A 43 4.37 -10.66 11.19
N THR A 44 5.18 -9.83 11.84
CA THR A 44 4.77 -8.47 12.16
C THR A 44 5.78 -7.47 11.63
N ILE A 45 5.60 -6.19 11.98
CA ILE A 45 6.51 -5.15 11.50
C ILE A 45 7.88 -5.29 12.12
N THR A 46 7.94 -5.46 13.45
CA THR A 46 9.22 -5.49 14.15
C THR A 46 9.88 -6.86 14.06
N ASN A 47 9.23 -7.89 14.60
CA ASN A 47 9.80 -9.23 14.67
C ASN A 47 9.39 -10.06 13.46
N ASP A 48 9.99 -11.24 13.35
CA ASP A 48 9.71 -12.15 12.25
C ASP A 48 9.15 -13.48 12.70
N GLN A 49 9.49 -13.94 13.91
CA GLN A 49 9.10 -15.25 14.41
C GLN A 49 8.43 -15.11 15.77
N ILE A 50 7.50 -14.17 15.88
CA ILE A 50 6.80 -13.95 17.15
C ILE A 50 5.76 -15.06 17.36
N GLU A 51 5.49 -15.36 18.61
CA GLU A 51 4.68 -16.50 19.01
C GLU A 51 3.32 -16.01 19.50
N VAL A 52 2.24 -16.46 18.84
CA VAL A 52 0.88 -16.04 19.15
C VAL A 52 0.06 -17.29 19.48
N THR A 53 -0.86 -17.15 20.43
CA THR A 53 -1.64 -18.30 20.89
C THR A 53 -2.55 -18.85 19.79
N ASN A 54 -3.33 -17.98 19.15
CA ASN A 54 -4.28 -18.41 18.14
C ASN A 54 -4.16 -17.52 16.91
N ALA A 55 -4.01 -18.15 15.75
CA ALA A 55 -3.93 -17.46 14.47
C ALA A 55 -4.85 -18.13 13.46
N THR A 56 -5.42 -17.32 12.58
CA THR A 56 -6.36 -17.79 11.56
C THR A 56 -5.75 -17.64 10.18
N GLU A 57 -5.92 -18.66 9.35
CA GLU A 57 -5.44 -18.62 7.98
C GLU A 57 -6.25 -17.62 7.16
N LEU A 58 -5.55 -16.82 6.35
CA LEU A 58 -6.20 -15.79 5.56
C LEU A 58 -6.13 -16.04 4.06
N VAL A 59 -5.25 -16.93 3.61
CA VAL A 59 -5.08 -17.21 2.19
C VAL A 59 -5.68 -18.58 1.90
N GLN A 60 -6.63 -18.62 0.96
CA GLN A 60 -7.26 -19.88 0.56
C GLN A 60 -6.35 -20.61 -0.41
N ASN A 61 -5.84 -21.77 0.00
CA ASN A 61 -4.90 -22.54 -0.81
C ASN A 61 -5.46 -23.90 -1.19
N SER A 62 -6.78 -24.07 -1.15
CA SER A 62 -7.42 -25.35 -1.47
C SER A 62 -8.60 -25.11 -2.39
N SER A 63 -8.95 -26.14 -3.15
CA SER A 63 -10.06 -26.07 -4.10
C SER A 63 -10.93 -27.30 -3.95
N ILE A 64 -12.20 -27.14 -4.33
CA ILE A 64 -13.13 -28.26 -4.33
C ILE A 64 -12.71 -29.30 -5.36
N GLY A 65 -12.31 -28.84 -6.55
CA GLY A 65 -11.91 -29.71 -7.63
C GLY A 65 -12.94 -29.85 -8.73
N GLU A 66 -14.08 -29.17 -8.61
CA GLU A 66 -15.13 -29.24 -9.60
C GLU A 66 -15.70 -27.85 -9.84
N ILE A 67 -16.27 -27.65 -11.02
CA ILE A 67 -16.89 -26.39 -11.41
C ILE A 67 -18.40 -26.53 -11.25
N CYS A 68 -19.00 -25.62 -10.51
CA CYS A 68 -20.41 -25.68 -10.18
C CYS A 68 -21.16 -24.51 -10.83
N ASP A 69 -22.41 -24.76 -11.21
CA ASP A 69 -23.15 -23.88 -12.10
C ASP A 69 -24.44 -23.35 -11.48
N SER A 70 -24.50 -23.22 -10.16
CA SER A 70 -25.74 -22.75 -9.58
C SER A 70 -25.91 -21.22 -9.64
N PRO A 71 -24.90 -20.36 -9.34
CA PRO A 71 -25.15 -18.92 -9.51
C PRO A 71 -25.03 -18.46 -10.96
N HIS A 72 -24.11 -19.06 -11.71
CA HIS A 72 -23.82 -18.66 -13.07
C HIS A 72 -24.20 -19.78 -14.03
N GLN A 73 -24.75 -19.39 -15.18
CA GLN A 73 -25.08 -20.36 -16.22
C GLN A 73 -23.79 -20.78 -16.92
N ILE A 74 -23.32 -21.98 -16.61
CA ILE A 74 -22.06 -22.49 -17.16
C ILE A 74 -22.38 -23.42 -18.31
N LEU A 75 -21.75 -23.18 -19.46
CA LEU A 75 -21.90 -24.01 -20.64
C LEU A 75 -20.65 -24.86 -20.82
N ASP A 76 -20.82 -26.17 -20.86
CA ASP A 76 -19.70 -27.09 -20.98
C ASP A 76 -19.16 -27.10 -22.40
N GLY A 77 -17.90 -27.50 -22.53
CA GLY A 77 -17.26 -27.56 -23.83
C GLY A 77 -17.61 -28.80 -24.61
N GLU A 78 -17.30 -29.97 -24.06
CA GLU A 78 -17.52 -31.28 -24.69
C GLU A 78 -16.84 -31.34 -26.06
N ASN A 79 -15.51 -31.28 -26.00
CA ASN A 79 -14.56 -31.16 -27.12
C ASN A 79 -15.04 -30.23 -28.22
N CYS A 80 -15.58 -29.07 -27.83
CA CYS A 80 -15.96 -28.01 -28.74
C CYS A 80 -15.36 -26.70 -28.28
N THR A 81 -14.68 -26.00 -29.18
CA THR A 81 -14.20 -24.66 -28.90
C THR A 81 -15.28 -23.65 -29.30
N LEU A 82 -15.05 -22.39 -28.95
CA LEU A 82 -16.06 -21.36 -29.20
C LEU A 82 -16.19 -21.06 -30.69
N ILE A 83 -15.07 -21.06 -31.42
CA ILE A 83 -15.10 -20.73 -32.85
C ILE A 83 -15.81 -21.84 -33.63
N ASP A 84 -15.56 -23.09 -33.28
CA ASP A 84 -16.24 -24.20 -33.96
C ASP A 84 -17.73 -24.18 -33.73
N ALA A 85 -18.16 -23.87 -32.50
CA ALA A 85 -19.59 -23.78 -32.21
C ALA A 85 -20.21 -22.56 -32.88
N LEU A 86 -19.41 -21.52 -33.12
CA LEU A 86 -19.93 -20.32 -33.78
C LEU A 86 -20.22 -20.58 -35.26
N LEU A 87 -19.31 -21.28 -35.95
CA LEU A 87 -19.46 -21.48 -37.38
C LEU A 87 -20.43 -22.60 -37.72
N GLY A 88 -20.78 -23.45 -36.75
CA GLY A 88 -21.67 -24.56 -37.03
C GLY A 88 -20.93 -25.84 -37.37
N ASP A 89 -20.00 -26.23 -36.52
CA ASP A 89 -19.33 -27.52 -36.64
C ASP A 89 -20.36 -28.63 -36.43
N PRO A 90 -20.46 -29.60 -37.35
CA PRO A 90 -21.47 -30.67 -37.18
C PRO A 90 -21.30 -31.49 -35.90
N GLN A 91 -20.09 -31.64 -35.39
CA GLN A 91 -19.92 -32.28 -34.09
C GLN A 91 -20.25 -31.34 -32.93
N CYS A 92 -20.51 -30.07 -33.22
CA CYS A 92 -20.77 -29.05 -32.21
C CYS A 92 -22.19 -28.51 -32.35
N ASP A 93 -23.09 -29.35 -32.87
CA ASP A 93 -24.44 -28.90 -33.21
C ASP A 93 -25.32 -28.65 -32.00
N GLY A 94 -24.92 -29.13 -30.81
CA GLY A 94 -25.73 -28.91 -29.62
C GLY A 94 -25.73 -27.48 -29.14
N PHE A 95 -24.72 -26.69 -29.51
CA PHE A 95 -24.61 -25.29 -29.09
C PHE A 95 -25.18 -24.36 -30.17
N GLN A 96 -26.47 -24.56 -30.46
CA GLN A 96 -27.19 -23.72 -31.41
C GLN A 96 -28.18 -22.85 -30.66
N ASN A 97 -28.07 -21.53 -30.89
CA ASN A 97 -28.90 -20.51 -30.23
C ASN A 97 -28.82 -20.62 -28.71
N LYS A 98 -27.61 -20.87 -28.20
CA LYS A 98 -27.39 -21.04 -26.77
C LYS A 98 -26.69 -19.81 -26.21
N LYS A 99 -26.99 -19.51 -24.95
CA LYS A 99 -26.38 -18.40 -24.24
C LYS A 99 -25.79 -18.91 -22.93
N TRP A 100 -24.78 -18.19 -22.44
CA TRP A 100 -24.04 -18.64 -21.27
C TRP A 100 -23.59 -17.44 -20.45
N ASP A 101 -23.25 -17.71 -19.19
CA ASP A 101 -22.60 -16.74 -18.34
C ASP A 101 -21.09 -16.92 -18.26
N LEU A 102 -20.59 -18.11 -18.57
CA LEU A 102 -19.15 -18.38 -18.61
C LEU A 102 -18.92 -19.62 -19.46
N PHE A 103 -18.23 -19.45 -20.58
CA PHE A 103 -17.91 -20.57 -21.45
C PHE A 103 -16.68 -21.31 -20.94
N VAL A 104 -16.72 -22.64 -21.00
CA VAL A 104 -15.60 -23.47 -20.56
C VAL A 104 -15.11 -24.23 -21.78
N GLU A 105 -13.82 -24.10 -22.08
CA GLU A 105 -13.19 -24.78 -23.20
C GLU A 105 -12.33 -25.92 -22.66
N ARG A 106 -12.61 -27.14 -23.11
CA ARG A 106 -11.84 -28.28 -22.66
C ARG A 106 -10.49 -28.32 -23.36
N SER A 107 -9.55 -29.04 -22.74
CA SER A 107 -8.22 -29.19 -23.31
C SER A 107 -8.15 -30.27 -24.39
N LYS A 108 -9.22 -31.02 -24.58
CA LYS A 108 -9.29 -32.07 -25.60
C LYS A 108 -10.14 -31.65 -26.80
N ALA A 109 -10.34 -30.36 -26.99
CA ALA A 109 -11.18 -29.88 -28.08
C ALA A 109 -10.48 -30.09 -29.42
N TYR A 110 -11.21 -30.67 -30.37
CA TYR A 110 -10.69 -30.92 -31.71
C TYR A 110 -11.74 -30.55 -32.73
N SER A 111 -11.28 -30.23 -33.94
CA SER A 111 -12.14 -29.83 -35.03
C SER A 111 -12.13 -30.89 -36.13
N ASN A 112 -13.31 -31.34 -36.52
CA ASN A 112 -13.47 -32.28 -37.63
C ASN A 112 -14.40 -31.65 -38.66
N CYS A 113 -13.83 -30.79 -39.50
CA CYS A 113 -14.55 -30.13 -40.58
C CYS A 113 -13.53 -29.64 -41.59
N TYR A 114 -13.95 -28.74 -42.47
CA TYR A 114 -13.05 -28.12 -43.43
C TYR A 114 -11.98 -27.32 -42.69
N PRO A 115 -10.72 -27.37 -43.13
CA PRO A 115 -9.65 -26.64 -42.43
C PRO A 115 -9.81 -25.13 -42.60
N TYR A 116 -9.99 -24.44 -41.48
CA TYR A 116 -10.13 -22.99 -41.46
C TYR A 116 -8.96 -22.39 -40.71
N ASP A 117 -8.78 -21.07 -40.87
CA ASP A 117 -7.69 -20.36 -40.23
C ASP A 117 -8.11 -18.90 -40.07
N VAL A 118 -8.39 -18.50 -38.84
CA VAL A 118 -8.76 -17.11 -38.56
C VAL A 118 -7.50 -16.26 -38.50
N PRO A 119 -7.40 -15.19 -39.28
CA PRO A 119 -6.22 -14.31 -39.19
C PRO A 119 -6.06 -13.65 -37.84
N ASP A 120 -7.15 -13.33 -37.15
CA ASP A 120 -7.11 -12.76 -35.81
C ASP A 120 -7.96 -13.66 -34.92
N TYR A 121 -7.34 -14.70 -34.37
CA TYR A 121 -8.08 -15.68 -33.59
C TYR A 121 -8.47 -15.12 -32.22
N ALA A 122 -7.56 -14.38 -31.58
CA ALA A 122 -7.83 -13.88 -30.23
C ALA A 122 -8.86 -12.76 -30.23
N SER A 123 -8.91 -11.97 -31.31
CA SER A 123 -9.87 -10.88 -31.37
C SER A 123 -11.30 -11.40 -31.54
N LEU A 124 -11.48 -12.39 -32.40
CA LEU A 124 -12.82 -12.95 -32.60
C LEU A 124 -13.26 -13.77 -31.39
N ARG A 125 -12.33 -14.46 -30.74
CA ARG A 125 -12.66 -15.25 -29.56
C ARG A 125 -13.01 -14.38 -28.36
N SER A 126 -12.56 -13.12 -28.34
CA SER A 126 -12.81 -12.27 -27.19
C SER A 126 -14.18 -11.61 -27.26
N LEU A 127 -14.53 -11.04 -28.41
CA LEU A 127 -15.80 -10.32 -28.51
C LEU A 127 -16.99 -11.27 -28.53
N VAL A 128 -16.82 -12.48 -29.07
CA VAL A 128 -17.90 -13.46 -29.04
C VAL A 128 -18.13 -13.96 -27.63
N ALA A 129 -17.05 -14.25 -26.90
CA ALA A 129 -17.18 -14.72 -25.52
C ALA A 129 -17.72 -13.63 -24.59
N SER A 130 -17.38 -12.37 -24.86
CA SER A 130 -17.91 -11.28 -24.06
C SER A 130 -19.39 -11.05 -24.29
N SER A 131 -19.89 -11.39 -25.48
CA SER A 131 -21.32 -11.28 -25.74
C SER A 131 -22.11 -12.35 -25.01
N GLY A 132 -21.62 -13.58 -25.03
CA GLY A 132 -22.30 -14.67 -24.33
C GLY A 132 -23.58 -15.13 -24.98
N THR A 133 -23.71 -14.95 -26.29
CA THR A 133 -24.92 -15.38 -26.98
C THR A 133 -24.58 -15.80 -28.40
N LEU A 134 -25.37 -16.74 -28.91
CA LEU A 134 -25.25 -17.25 -30.28
C LEU A 134 -26.60 -17.26 -30.97
N GLU A 135 -27.38 -16.19 -30.77
CA GLU A 135 -28.71 -16.13 -31.38
C GLU A 135 -28.60 -15.85 -32.87
N PHE A 136 -28.43 -16.92 -33.65
CA PHE A 136 -28.29 -16.79 -35.10
C PHE A 136 -29.66 -16.63 -35.74
N ASN A 137 -29.80 -15.60 -36.57
CA ASN A 137 -31.04 -15.34 -37.30
C ASN A 137 -30.74 -15.38 -38.79
N ASN A 138 -31.51 -16.19 -39.51
CA ASN A 138 -31.31 -16.29 -40.95
C ASN A 138 -31.82 -15.05 -41.65
N GLU A 139 -31.08 -14.61 -42.68
CA GLU A 139 -31.47 -13.48 -43.49
C GLU A 139 -31.48 -13.88 -44.96
N SER A 140 -32.49 -13.43 -45.68
CA SER A 140 -32.69 -13.81 -47.07
C SER A 140 -31.85 -12.90 -47.96
N PHE A 141 -30.76 -13.42 -48.51
CA PHE A 141 -29.92 -12.69 -49.44
C PHE A 141 -30.47 -12.85 -50.86
N ASN A 142 -29.69 -12.41 -51.84
CA ASN A 142 -30.09 -12.44 -53.25
C ASN A 142 -28.97 -12.99 -54.11
N TRP A 143 -28.42 -14.13 -53.72
CA TRP A 143 -27.37 -14.78 -54.51
C TRP A 143 -28.01 -15.38 -55.77
N THR A 144 -27.88 -14.66 -56.89
CA THR A 144 -28.43 -15.10 -58.16
C THR A 144 -27.29 -15.39 -59.13
N GLY A 145 -27.48 -16.42 -59.96
CA GLY A 145 -26.47 -16.83 -60.91
C GLY A 145 -25.38 -17.72 -60.36
N VAL A 146 -25.46 -18.11 -59.08
CA VAL A 146 -24.48 -18.99 -58.47
C VAL A 146 -25.20 -20.15 -57.81
N THR A 147 -24.47 -21.22 -57.55
CA THR A 147 -24.99 -22.40 -56.88
C THR A 147 -24.58 -22.36 -55.41
N GLN A 148 -25.57 -22.23 -54.53
CA GLN A 148 -25.31 -22.14 -53.10
C GLN A 148 -25.26 -23.54 -52.49
N ASN A 149 -25.09 -23.58 -51.17
CA ASN A 149 -25.09 -24.81 -50.36
C ASN A 149 -24.03 -25.80 -50.84
N GLY A 150 -22.82 -25.30 -51.05
CA GLY A 150 -21.72 -26.16 -51.43
C GLY A 150 -21.29 -27.05 -50.28
N THR A 151 -21.01 -28.31 -50.60
CA THR A 151 -20.62 -29.31 -49.61
C THR A 151 -19.19 -29.74 -49.81
N SER A 152 -18.62 -30.35 -48.78
CA SER A 152 -17.25 -30.85 -48.82
C SER A 152 -17.22 -32.25 -48.21
N SER A 153 -16.22 -33.04 -48.62
CA SER A 153 -16.08 -34.40 -48.13
C SER A 153 -15.31 -34.48 -46.82
N ALA A 154 -14.72 -33.39 -46.35
CA ALA A 154 -13.97 -33.40 -45.11
C ALA A 154 -14.80 -32.96 -43.90
N CYS A 155 -16.08 -32.63 -44.10
CA CYS A 155 -16.95 -32.17 -43.02
C CYS A 155 -18.24 -32.97 -43.12
N ILE A 156 -18.28 -34.09 -42.40
CA ILE A 156 -19.36 -35.07 -42.52
C ILE A 156 -20.44 -34.76 -41.49
N ARG A 157 -21.69 -34.70 -41.96
CA ARG A 157 -22.85 -34.52 -41.09
C ARG A 157 -23.88 -35.58 -41.43
N ARG A 158 -24.18 -36.45 -40.47
CA ARG A 158 -25.15 -37.54 -40.61
C ARG A 158 -24.79 -38.45 -41.80
N SER A 159 -23.51 -38.81 -41.88
CA SER A 159 -22.97 -39.67 -42.94
C SER A 159 -23.22 -39.09 -44.33
N ASN A 160 -23.13 -37.76 -44.43
CA ASN A 160 -23.31 -37.07 -45.70
C ASN A 160 -22.32 -35.92 -45.78
N ASN A 161 -22.02 -35.50 -47.02
CA ASN A 161 -21.14 -34.37 -47.23
C ASN A 161 -21.88 -33.08 -46.91
N SER A 162 -21.28 -32.25 -46.07
CA SER A 162 -21.90 -31.00 -45.64
C SER A 162 -20.82 -29.97 -45.40
N PHE A 163 -21.22 -28.82 -44.85
CA PHE A 163 -20.31 -27.70 -44.60
C PHE A 163 -20.68 -27.09 -43.26
N PHE A 164 -20.13 -25.91 -43.00
CA PHE A 164 -20.52 -25.16 -41.82
C PHE A 164 -21.97 -24.70 -41.94
N SER A 165 -22.72 -24.82 -40.85
CA SER A 165 -24.14 -24.49 -40.88
C SER A 165 -24.40 -22.99 -40.92
N ARG A 166 -23.41 -22.18 -40.52
CA ARG A 166 -23.57 -20.73 -40.49
C ARG A 166 -22.90 -20.03 -41.67
N LEU A 167 -22.39 -20.80 -42.63
CA LEU A 167 -21.76 -20.24 -43.82
C LEU A 167 -22.43 -20.79 -45.07
N ASN A 168 -22.02 -20.25 -46.21
CA ASN A 168 -22.56 -20.65 -47.51
C ASN A 168 -21.42 -20.70 -48.52
N TRP A 169 -21.23 -21.84 -49.15
CA TRP A 169 -20.19 -22.00 -50.17
C TRP A 169 -20.80 -21.72 -51.54
N LEU A 170 -20.21 -20.78 -52.26
CA LEU A 170 -20.70 -20.36 -53.57
C LEU A 170 -19.85 -20.99 -54.66
N THR A 171 -20.52 -21.56 -55.67
CA THR A 171 -19.85 -22.28 -56.73
C THR A 171 -20.51 -21.86 -58.05
N GLN A 172 -19.77 -22.02 -59.15
CA GLN A 172 -20.22 -21.56 -60.46
C GLN A 172 -21.51 -22.26 -60.89
N LEU A 173 -22.27 -21.57 -61.74
CA LEU A 173 -23.50 -22.09 -62.31
C LEU A 173 -23.38 -22.05 -63.83
N ASN A 174 -23.46 -23.22 -64.47
CA ASN A 174 -23.35 -23.38 -65.91
C ASN A 174 -22.06 -22.76 -66.46
N PHE A 175 -20.95 -22.99 -65.73
CA PHE A 175 -19.62 -22.45 -66.05
C PHE A 175 -19.65 -20.93 -66.14
N LYS A 176 -20.42 -20.30 -65.25
CA LYS A 176 -20.50 -18.84 -65.18
C LYS A 176 -20.47 -18.42 -63.73
N TYR A 177 -20.07 -17.16 -63.51
CA TYR A 177 -20.01 -16.59 -62.17
C TYR A 177 -20.13 -15.09 -62.28
N PRO A 178 -21.35 -14.56 -62.26
CA PRO A 178 -21.52 -13.10 -62.27
C PRO A 178 -21.08 -12.48 -60.97
N ALA A 179 -20.70 -11.21 -61.05
CA ALA A 179 -20.27 -10.47 -59.87
C ALA A 179 -21.46 -10.24 -58.94
N LEU A 180 -21.27 -10.58 -57.66
CA LEU A 180 -22.35 -10.53 -56.69
C LEU A 180 -22.34 -9.18 -55.97
N ASN A 181 -23.39 -8.40 -56.18
CA ASN A 181 -23.55 -7.09 -55.55
C ASN A 181 -24.84 -7.13 -54.73
N VAL A 182 -24.73 -7.61 -53.49
CA VAL A 182 -25.89 -7.82 -52.63
C VAL A 182 -25.70 -6.96 -51.39
N THR A 183 -26.70 -6.13 -51.09
CA THR A 183 -26.71 -5.30 -49.91
C THR A 183 -27.67 -5.86 -48.87
N MET A 184 -27.46 -5.45 -47.62
CA MET A 184 -28.30 -5.91 -46.51
C MET A 184 -28.29 -4.84 -45.42
N PRO A 185 -29.25 -3.93 -45.43
CA PRO A 185 -29.28 -2.87 -44.43
C PRO A 185 -29.69 -3.39 -43.06
N ASN A 186 -29.26 -2.67 -42.04
CA ASN A 186 -29.59 -2.97 -40.65
C ASN A 186 -30.60 -1.94 -40.16
N ASN A 187 -31.86 -2.36 -40.06
CA ASN A 187 -32.93 -1.49 -39.59
C ASN A 187 -33.31 -1.73 -38.14
N GLU A 188 -32.63 -2.66 -37.46
CA GLU A 188 -32.94 -2.97 -36.07
C GLU A 188 -32.23 -1.97 -35.14
N GLN A 189 -32.29 -2.23 -33.84
CA GLN A 189 -31.71 -1.34 -32.84
C GLN A 189 -30.61 -2.03 -32.04
N PHE A 190 -29.93 -2.99 -32.63
CA PHE A 190 -28.81 -3.67 -31.99
C PHE A 190 -27.73 -3.94 -33.03
N ASP A 191 -26.50 -4.08 -32.55
CA ASP A 191 -25.38 -4.36 -33.43
C ASP A 191 -25.49 -5.78 -33.98
N LYS A 192 -25.05 -5.94 -35.23
CA LYS A 192 -25.04 -7.24 -35.90
C LYS A 192 -23.60 -7.66 -36.17
N LEU A 193 -23.33 -8.95 -36.00
CA LEU A 193 -22.00 -9.51 -36.23
C LEU A 193 -22.11 -10.52 -37.37
N TYR A 194 -21.57 -10.16 -38.53
CA TYR A 194 -21.60 -11.01 -39.71
C TYR A 194 -20.30 -11.79 -39.79
N ILE A 195 -20.40 -13.11 -39.95
CA ILE A 195 -19.24 -13.98 -40.08
C ILE A 195 -19.20 -14.47 -41.52
N TRP A 196 -18.20 -14.03 -42.27
CA TRP A 196 -18.01 -14.44 -43.66
C TRP A 196 -16.59 -14.95 -43.82
N GLY A 197 -16.33 -15.62 -44.95
CA GLY A 197 -15.06 -16.26 -45.16
C GLY A 197 -14.56 -16.08 -46.58
N VAL A 198 -13.25 -16.30 -46.73
CA VAL A 198 -12.58 -16.28 -48.02
C VAL A 198 -11.89 -17.63 -48.21
N HIS A 199 -12.16 -18.28 -49.34
CA HIS A 199 -11.64 -19.61 -49.60
C HIS A 199 -10.45 -19.53 -50.54
N HIS A 200 -9.32 -20.10 -50.13
CA HIS A 200 -8.12 -20.14 -50.95
C HIS A 200 -8.00 -21.49 -51.60
N PRO A 201 -8.00 -21.59 -52.92
CA PRO A 201 -7.79 -22.88 -53.58
C PRO A 201 -6.31 -23.27 -53.55
N VAL A 202 -6.01 -24.40 -54.19
CA VAL A 202 -4.66 -24.94 -54.20
C VAL A 202 -3.97 -24.77 -55.55
N THR A 203 -4.70 -24.93 -56.65
CA THR A 203 -4.15 -24.82 -57.99
C THR A 203 -4.99 -23.86 -58.82
N ASP A 204 -4.43 -23.43 -59.94
CA ASP A 204 -5.20 -22.62 -60.88
C ASP A 204 -6.28 -23.44 -61.58
N LYS A 205 -6.08 -24.76 -61.68
CA LYS A 205 -7.11 -25.63 -62.25
C LYS A 205 -8.34 -25.67 -61.37
N ASP A 206 -8.16 -25.75 -60.05
CA ASP A 206 -9.30 -25.78 -59.13
C ASP A 206 -10.01 -24.44 -59.07
N GLN A 207 -9.27 -23.34 -59.23
CA GLN A 207 -9.90 -22.01 -59.24
C GLN A 207 -10.79 -21.84 -60.47
N ILE A 208 -10.33 -22.27 -61.64
CA ILE A 208 -11.15 -22.19 -62.85
C ILE A 208 -12.33 -23.15 -62.77
N PHE A 209 -12.12 -24.33 -62.18
CA PHE A 209 -13.21 -25.30 -62.07
C PHE A 209 -14.29 -24.84 -61.11
N LEU A 210 -13.92 -24.13 -60.05
CA LEU A 210 -14.88 -23.73 -59.02
C LEU A 210 -15.55 -22.39 -59.32
N TYR A 211 -14.76 -21.38 -59.67
CA TYR A 211 -15.28 -20.02 -59.79
C TYR A 211 -15.17 -19.42 -61.18
N ALA A 212 -14.57 -20.14 -62.14
CA ALA A 212 -14.51 -19.79 -63.56
C ALA A 212 -13.79 -18.47 -63.83
N GLN A 213 -13.07 -17.91 -62.85
CA GLN A 213 -12.31 -16.69 -63.04
C GLN A 213 -10.96 -16.85 -62.38
N SER A 214 -9.89 -16.56 -63.12
CA SER A 214 -8.54 -16.83 -62.66
C SER A 214 -8.07 -15.85 -61.58
N SER A 215 -8.80 -14.77 -61.33
CA SER A 215 -8.41 -13.78 -60.33
C SER A 215 -9.66 -13.33 -59.58
N GLY A 216 -9.84 -13.82 -58.36
CA GLY A 216 -10.94 -13.42 -57.54
C GLY A 216 -10.59 -12.26 -56.61
N ARG A 217 -11.63 -11.62 -56.10
CA ARG A 217 -11.46 -10.51 -55.16
C ARG A 217 -12.74 -10.37 -54.36
N ILE A 218 -12.59 -10.09 -53.06
CA ILE A 218 -13.71 -9.96 -52.14
C ILE A 218 -13.61 -8.61 -51.45
N THR A 219 -14.70 -7.84 -51.50
CA THR A 219 -14.77 -6.53 -50.85
C THR A 219 -16.05 -6.46 -50.03
N VAL A 220 -15.90 -6.36 -48.71
CA VAL A 220 -17.01 -6.18 -47.79
C VAL A 220 -16.83 -4.84 -47.11
N SER A 221 -17.78 -3.92 -47.32
CA SER A 221 -17.64 -2.56 -46.83
C SER A 221 -18.94 -2.09 -46.20
N THR A 222 -18.80 -1.26 -45.17
CA THR A 222 -19.91 -0.57 -44.53
C THR A 222 -19.69 0.93 -44.68
N LYS A 223 -20.52 1.72 -43.99
CA LYS A 223 -20.38 3.17 -44.04
C LYS A 223 -19.11 3.64 -43.33
N ARG A 224 -18.69 2.94 -42.27
CA ARG A 224 -17.55 3.37 -41.47
C ARG A 224 -16.28 2.57 -41.72
N SER A 225 -16.36 1.42 -42.38
CA SER A 225 -15.19 0.59 -42.58
C SER A 225 -15.33 -0.20 -43.87
N GLN A 226 -14.18 -0.68 -44.37
CA GLN A 226 -14.13 -1.50 -45.57
C GLN A 226 -13.06 -2.56 -45.41
N GLN A 227 -13.37 -3.77 -45.86
CA GLN A 227 -12.42 -4.89 -45.82
C GLN A 227 -12.28 -5.44 -47.24
N ALA A 228 -11.05 -5.51 -47.72
CA ALA A 228 -10.75 -6.02 -49.05
C ALA A 228 -9.71 -7.12 -48.92
N VAL A 229 -10.10 -8.36 -49.21
CA VAL A 229 -9.23 -9.51 -49.08
C VAL A 229 -9.14 -10.19 -50.44
N ILE A 230 -7.93 -10.38 -50.92
CA ILE A 230 -7.67 -11.08 -52.18
C ILE A 230 -7.22 -12.50 -51.85
N PRO A 231 -7.73 -13.51 -52.54
CA PRO A 231 -7.30 -14.88 -52.26
C PRO A 231 -5.87 -15.13 -52.73
N ASN A 232 -5.20 -16.04 -52.05
CA ASN A 232 -3.82 -16.43 -52.37
C ASN A 232 -3.82 -17.92 -52.70
N ILE A 233 -3.73 -18.24 -53.98
CA ILE A 233 -3.70 -19.63 -54.42
C ILE A 233 -2.34 -20.21 -54.13
N GLY A 234 -2.32 -21.38 -53.49
CA GLY A 234 -1.06 -22.03 -53.16
C GLY A 234 -1.31 -23.32 -52.41
N TYR A 235 -0.23 -24.06 -52.19
CA TYR A 235 -0.30 -25.34 -51.50
C TYR A 235 -0.10 -25.16 -50.01
N ARG A 236 -0.73 -26.04 -49.24
CA ARG A 236 -0.66 -26.07 -47.79
C ARG A 236 -0.51 -27.51 -47.36
N PRO A 237 0.02 -27.75 -46.15
CA PRO A 237 0.02 -29.12 -45.61
C PRO A 237 -1.39 -29.67 -45.48
N ARG A 238 -1.54 -30.95 -45.81
CA ARG A 238 -2.86 -31.57 -45.87
C ARG A 238 -3.38 -31.85 -44.48
N ILE A 239 -4.60 -31.40 -44.21
CA ILE A 239 -5.33 -31.73 -42.99
C ILE A 239 -6.62 -32.41 -43.40
N ARG A 240 -6.81 -33.66 -42.95
CA ARG A 240 -7.95 -34.49 -43.32
C ARG A 240 -8.09 -34.61 -44.84
N ASN A 241 -6.95 -34.81 -45.50
CA ASN A 241 -6.86 -34.98 -46.96
C ASN A 241 -7.43 -33.77 -47.70
N ILE A 242 -7.20 -32.57 -47.17
CA ILE A 242 -7.59 -31.32 -47.81
C ILE A 242 -6.40 -30.38 -47.74
N PRO A 243 -5.86 -29.93 -48.87
CA PRO A 243 -4.71 -29.00 -48.86
C PRO A 243 -5.09 -27.54 -48.96
N SER A 244 -6.37 -27.18 -48.93
CA SER A 244 -6.79 -25.79 -49.04
C SER A 244 -7.09 -25.22 -47.65
N ARG A 245 -7.29 -23.89 -47.62
CA ARG A 245 -7.52 -23.18 -46.38
C ARG A 245 -8.66 -22.18 -46.57
N ILE A 246 -9.28 -21.81 -45.46
CA ILE A 246 -10.34 -20.81 -45.44
C ILE A 246 -9.99 -19.77 -44.39
N SER A 247 -9.95 -18.50 -44.79
CA SER A 247 -9.75 -17.40 -43.87
C SER A 247 -11.10 -16.79 -43.51
N ILE A 248 -11.31 -16.54 -42.22
CA ILE A 248 -12.60 -16.11 -41.70
C ILE A 248 -12.46 -14.71 -41.13
N TYR A 249 -13.32 -13.79 -41.58
CA TYR A 249 -13.33 -12.42 -41.12
C TYR A 249 -14.72 -12.09 -40.56
N TRP A 250 -14.77 -11.08 -39.70
CA TRP A 250 -16.01 -10.65 -39.08
C TRP A 250 -16.23 -9.16 -39.34
N THR A 251 -17.49 -8.79 -39.50
CA THR A 251 -17.89 -7.40 -39.75
C THR A 251 -19.00 -7.05 -38.78
N ILE A 252 -18.85 -5.90 -38.11
CA ILE A 252 -19.83 -5.41 -37.14
C ILE A 252 -20.59 -4.27 -37.78
N VAL A 253 -21.91 -4.38 -37.80
CA VAL A 253 -22.79 -3.41 -38.45
C VAL A 253 -23.55 -2.65 -37.38
N LYS A 254 -23.41 -1.32 -37.39
CA LYS A 254 -24.12 -0.46 -36.46
C LYS A 254 -25.58 -0.34 -36.84
N PRO A 255 -26.45 0.06 -35.91
CA PRO A 255 -27.83 0.37 -36.28
C PRO A 255 -27.90 1.56 -37.23
N GLY A 256 -28.60 1.39 -38.34
CA GLY A 256 -28.66 2.38 -39.38
C GLY A 256 -27.60 2.22 -40.45
N ASP A 257 -26.57 1.43 -40.20
CA ASP A 257 -25.53 1.18 -41.19
C ASP A 257 -26.03 0.19 -42.25
N ILE A 258 -25.33 0.18 -43.39
CA ILE A 258 -25.68 -0.65 -44.53
C ILE A 258 -24.48 -1.55 -44.84
N LEU A 259 -24.72 -2.85 -44.88
CA LEU A 259 -23.68 -3.81 -45.22
C LEU A 259 -23.72 -4.10 -46.72
N LEU A 260 -22.61 -3.87 -47.40
CA LEU A 260 -22.50 -4.10 -48.83
C LEU A 260 -21.40 -5.13 -49.08
N ILE A 261 -21.76 -6.23 -49.71
CA ILE A 261 -20.83 -7.32 -50.02
C ILE A 261 -20.70 -7.40 -51.53
N ASN A 262 -19.48 -7.16 -52.03
CA ASN A 262 -19.19 -7.28 -53.45
C ASN A 262 -18.01 -8.22 -53.64
N SER A 263 -18.16 -9.18 -54.54
CA SER A 263 -17.11 -10.14 -54.80
C SER A 263 -17.28 -10.69 -56.21
N THR A 264 -16.19 -11.26 -56.73
CA THR A 264 -16.21 -11.89 -58.05
C THR A 264 -15.73 -13.34 -58.01
N GLY A 265 -15.61 -13.93 -56.83
CA GLY A 265 -15.23 -15.31 -56.69
C GLY A 265 -14.55 -15.57 -55.37
N ASN A 266 -14.44 -16.86 -55.03
CA ASN A 266 -13.77 -17.34 -53.82
C ASN A 266 -14.35 -16.73 -52.55
N LEU A 267 -15.68 -16.60 -52.51
CA LEU A 267 -16.37 -16.00 -51.38
C LEU A 267 -17.17 -17.05 -50.63
N ILE A 268 -16.98 -17.11 -49.32
CA ILE A 268 -17.81 -17.92 -48.44
C ILE A 268 -18.85 -16.99 -47.84
N ALA A 269 -20.04 -16.98 -48.43
CA ALA A 269 -21.05 -16.02 -48.03
C ALA A 269 -21.65 -16.37 -46.67
N PRO A 270 -21.99 -15.38 -45.86
CA PRO A 270 -22.70 -15.66 -44.61
C PRO A 270 -24.16 -16.02 -44.86
N ARG A 271 -24.74 -16.69 -43.87
CA ARG A 271 -26.15 -17.04 -43.91
C ARG A 271 -27.02 -16.10 -43.09
N GLY A 272 -26.44 -15.38 -42.13
CA GLY A 272 -27.21 -14.47 -41.31
C GLY A 272 -26.31 -13.77 -40.31
N TYR A 273 -26.92 -12.91 -39.51
CA TYR A 273 -26.20 -12.11 -38.54
C TYR A 273 -26.23 -12.77 -37.16
N PHE A 274 -25.20 -12.51 -36.37
CA PHE A 274 -25.11 -12.96 -35.00
C PHE A 274 -25.40 -11.79 -34.07
N LYS A 275 -26.35 -11.97 -33.16
CA LYS A 275 -26.65 -10.92 -32.20
C LYS A 275 -25.52 -10.80 -31.19
N ILE A 276 -25.16 -9.57 -30.85
CA ILE A 276 -24.08 -9.28 -29.93
C ILE A 276 -24.60 -8.31 -28.87
N ARG A 277 -24.15 -8.49 -27.63
CA ARG A 277 -24.54 -7.64 -26.52
C ARG A 277 -23.35 -7.48 -25.58
N SER A 278 -23.53 -6.66 -24.55
CA SER A 278 -22.53 -6.46 -23.52
C SER A 278 -23.08 -7.00 -22.19
N GLY A 279 -22.32 -7.87 -21.56
CA GLY A 279 -22.74 -8.50 -20.32
C GLY A 279 -21.55 -8.91 -19.49
N LYS A 280 -21.77 -9.92 -18.64
CA LYS A 280 -20.74 -10.41 -17.73
C LYS A 280 -20.14 -11.74 -18.19
N SER A 281 -20.38 -12.12 -19.44
CA SER A 281 -19.91 -13.40 -19.94
C SER A 281 -18.42 -13.37 -20.23
N SER A 282 -17.80 -14.55 -20.16
CA SER A 282 -16.37 -14.70 -20.43
C SER A 282 -16.12 -16.12 -20.91
N ILE A 283 -14.85 -16.47 -21.06
CA ILE A 283 -14.45 -17.80 -21.53
C ILE A 283 -13.40 -18.33 -20.55
N MET A 284 -13.25 -19.66 -20.53
CA MET A 284 -12.37 -20.33 -19.59
C MET A 284 -11.81 -21.59 -20.23
N ARG A 285 -10.57 -21.91 -19.85
CA ARG A 285 -9.91 -23.14 -20.30
C ARG A 285 -9.57 -23.97 -19.06
N SER A 286 -10.27 -25.09 -18.89
CA SER A 286 -10.09 -25.92 -17.71
C SER A 286 -10.57 -27.33 -18.02
N ASP A 287 -10.18 -28.26 -17.16
CA ASP A 287 -10.57 -29.66 -17.29
C ASP A 287 -11.37 -30.17 -16.10
N ALA A 288 -11.85 -29.28 -15.25
CA ALA A 288 -12.60 -29.70 -14.08
C ALA A 288 -14.01 -30.15 -14.48
N PRO A 289 -14.57 -31.14 -13.77
CA PRO A 289 -15.93 -31.59 -14.09
C PRO A 289 -16.98 -30.58 -13.65
N ILE A 290 -18.22 -30.85 -14.02
CA ILE A 290 -19.34 -29.95 -13.76
C ILE A 290 -20.17 -30.54 -12.63
N GLY A 291 -20.39 -29.76 -11.58
CA GLY A 291 -21.20 -30.18 -10.45
C GLY A 291 -22.14 -29.11 -9.96
N LYS A 292 -22.52 -29.19 -8.68
CA LYS A 292 -23.46 -28.24 -8.07
C LYS A 292 -22.87 -27.71 -6.77
N CYS A 293 -23.08 -26.43 -6.50
CA CYS A 293 -22.62 -25.82 -5.25
C CYS A 293 -23.57 -24.67 -4.92
N ASN A 294 -23.12 -23.79 -4.04
CA ASN A 294 -23.58 -22.41 -3.98
C ASN A 294 -22.35 -21.57 -3.66
N SER A 295 -21.63 -21.16 -4.71
CA SER A 295 -20.38 -20.43 -4.55
C SER A 295 -20.14 -19.58 -5.78
N GLU A 296 -19.59 -18.39 -5.56
CA GLU A 296 -19.43 -17.40 -6.62
C GLU A 296 -18.13 -17.56 -7.40
N CYS A 297 -17.01 -17.80 -6.72
CA CYS A 297 -15.71 -17.82 -7.36
C CYS A 297 -15.55 -19.07 -8.22
N ILE A 298 -14.97 -18.89 -9.40
CA ILE A 298 -14.69 -19.99 -10.32
C ILE A 298 -13.25 -19.85 -10.80
N THR A 299 -12.47 -20.90 -10.62
CA THR A 299 -11.07 -20.98 -11.03
C THR A 299 -10.88 -22.23 -11.87
N PRO A 300 -9.83 -22.29 -12.70
CA PRO A 300 -9.59 -23.50 -13.50
C PRO A 300 -9.34 -24.75 -12.68
N ASN A 301 -8.90 -24.62 -11.43
CA ASN A 301 -8.81 -25.77 -10.53
C ASN A 301 -10.16 -26.14 -9.93
N GLY A 302 -11.19 -25.35 -10.17
CA GLY A 302 -12.50 -25.58 -9.59
C GLY A 302 -12.97 -24.40 -8.76
N SER A 303 -14.20 -24.51 -8.30
CA SER A 303 -14.78 -23.46 -7.48
C SER A 303 -14.13 -23.45 -6.09
N ILE A 304 -13.95 -22.24 -5.55
CA ILE A 304 -13.35 -22.08 -4.23
C ILE A 304 -14.25 -21.17 -3.40
N PRO A 305 -14.28 -21.32 -2.08
CA PRO A 305 -15.04 -20.37 -1.25
C PRO A 305 -14.41 -18.98 -1.29
N ASN A 306 -15.26 -17.97 -1.19
CA ASN A 306 -14.84 -16.58 -1.28
C ASN A 306 -14.91 -15.86 0.06
N ASP A 307 -14.91 -16.60 1.17
CA ASP A 307 -14.95 -15.96 2.47
C ASP A 307 -13.61 -15.31 2.81
N LYS A 308 -12.51 -16.00 2.55
CA LYS A 308 -11.20 -15.42 2.81
C LYS A 308 -10.88 -14.35 1.77
N PRO A 309 -10.20 -13.27 2.16
CA PRO A 309 -9.96 -12.17 1.22
C PRO A 309 -8.81 -12.41 0.25
N PHE A 310 -8.03 -13.47 0.43
CA PHE A 310 -6.90 -13.75 -0.43
C PHE A 310 -6.88 -15.22 -0.82
N GLN A 311 -6.28 -15.51 -1.98
CA GLN A 311 -6.15 -16.87 -2.45
C GLN A 311 -4.92 -16.98 -3.34
N ASN A 312 -4.43 -18.21 -3.51
CA ASN A 312 -3.31 -18.47 -4.41
C ASN A 312 -3.54 -19.74 -5.22
N VAL A 313 -4.81 -20.05 -5.51
CA VAL A 313 -5.11 -21.25 -6.30
C VAL A 313 -4.71 -21.05 -7.75
N ASN A 314 -5.23 -20.00 -8.39
CA ASN A 314 -4.88 -19.66 -9.75
C ASN A 314 -5.10 -18.18 -9.98
N ARG A 315 -4.41 -17.64 -10.98
CA ARG A 315 -4.52 -16.22 -11.30
C ARG A 315 -5.72 -15.91 -12.19
N ILE A 316 -6.38 -16.92 -12.74
CA ILE A 316 -7.55 -16.72 -13.59
C ILE A 316 -8.79 -16.92 -12.72
N THR A 317 -9.63 -15.89 -12.65
CA THR A 317 -10.80 -15.91 -11.79
C THR A 317 -12.01 -15.41 -12.57
N TYR A 318 -13.20 -15.68 -12.01
CA TYR A 318 -14.44 -15.22 -12.61
C TYR A 318 -15.47 -15.01 -11.49
N GLY A 319 -16.17 -13.89 -11.53
CA GLY A 319 -17.13 -13.58 -10.49
C GLY A 319 -16.48 -12.98 -9.26
N ALA A 320 -17.22 -13.03 -8.15
CA ALA A 320 -16.73 -12.52 -6.87
C ALA A 320 -15.65 -13.46 -6.35
N CYS A 321 -14.39 -13.03 -6.48
CA CYS A 321 -13.26 -13.88 -6.14
C CYS A 321 -12.27 -13.13 -5.27
N PRO A 322 -11.56 -13.83 -4.39
CA PRO A 322 -10.48 -13.20 -3.64
C PRO A 322 -9.32 -12.83 -4.54
N ARG A 323 -8.57 -11.82 -4.11
CA ARG A 323 -7.44 -11.35 -4.90
C ARG A 323 -6.29 -12.34 -4.87
N TYR A 324 -5.67 -12.57 -6.02
CA TYR A 324 -4.57 -13.52 -6.12
C TYR A 324 -3.31 -12.96 -5.49
N VAL A 325 -2.58 -13.82 -4.77
CA VAL A 325 -1.31 -13.47 -4.15
C VAL A 325 -0.31 -14.58 -4.45
N LYS A 326 0.94 -14.35 -4.05
CA LYS A 326 2.00 -15.32 -4.25
C LYS A 326 2.29 -16.15 -3.01
N GLN A 327 2.03 -15.61 -1.82
CA GLN A 327 2.32 -16.34 -0.58
C GLN A 327 1.34 -17.49 -0.40
N SER A 328 1.84 -18.55 0.24
CA SER A 328 1.01 -19.73 0.50
C SER A 328 0.23 -19.57 1.80
N THR A 329 0.87 -19.12 2.86
CA THR A 329 0.24 -18.93 4.17
C THR A 329 0.45 -17.52 4.64
N LEU A 330 -0.62 -16.87 5.09
CA LEU A 330 -0.58 -15.53 5.68
C LEU A 330 -1.41 -15.57 6.96
N LYS A 331 -0.77 -15.93 8.07
CA LYS A 331 -1.46 -16.06 9.34
C LYS A 331 -1.76 -14.69 9.92
N LEU A 332 -3.00 -14.49 10.38
CA LEU A 332 -3.42 -13.27 11.05
C LEU A 332 -3.52 -13.54 12.55
N ALA A 333 -2.83 -12.73 13.34
CA ALA A 333 -2.77 -12.94 14.79
C ALA A 333 -4.10 -12.52 15.42
N THR A 334 -4.86 -13.50 15.91
CA THR A 334 -6.12 -13.25 16.58
C THR A 334 -6.03 -13.46 18.08
N GLY A 335 -4.82 -13.49 18.63
CA GLY A 335 -4.66 -13.73 20.05
C GLY A 335 -3.55 -12.93 20.68
N MET A 336 -3.09 -13.38 21.85
CA MET A 336 -2.06 -12.72 22.60
C MET A 336 -0.69 -13.27 22.19
N ARG A 337 0.34 -12.44 22.36
CA ARG A 337 1.71 -12.94 22.30
C ARG A 337 1.90 -14.03 23.34
N ASN A 338 2.44 -15.16 22.92
CA ASN A 338 2.44 -16.36 23.74
C ASN A 338 3.81 -16.59 24.37
N VAL A 339 3.81 -16.85 25.67
CA VAL A 339 4.99 -17.31 26.39
C VAL A 339 4.63 -18.64 27.05
N PRO A 340 5.47 -19.66 26.96
CA PRO A 340 5.15 -20.95 27.57
C PRO A 340 5.31 -20.90 29.08
N GLU A 341 4.78 -21.95 29.72
CA GLU A 341 4.82 -22.13 31.18
C GLU A 341 4.20 -20.95 31.93
N ILE B 10 4.31 -8.79 34.89
CA ILE B 10 4.00 -10.21 34.82
C ILE B 10 5.11 -10.93 34.05
N GLU B 11 5.81 -11.83 34.75
CA GLU B 11 6.95 -12.53 34.15
C GLU B 11 6.49 -13.53 33.10
N ASN B 12 5.47 -14.34 33.43
CA ASN B 12 5.00 -15.36 32.50
C ASN B 12 3.52 -15.60 32.76
N GLY B 13 2.86 -16.17 31.75
CA GLY B 13 1.43 -16.42 31.82
C GLY B 13 1.10 -17.70 32.56
N TRP B 14 -0.19 -17.99 32.61
CA TRP B 14 -0.71 -19.17 33.27
C TRP B 14 -1.15 -20.20 32.25
N GLU B 15 -0.73 -21.45 32.46
CA GLU B 15 -1.05 -22.55 31.56
C GLU B 15 -2.51 -22.99 31.65
N GLY B 16 -3.16 -22.78 32.80
CA GLY B 16 -4.48 -23.34 33.03
C GLY B 16 -5.62 -22.34 33.10
N MET B 17 -5.61 -21.35 32.22
CA MET B 17 -6.73 -20.41 32.09
C MET B 17 -7.28 -20.52 30.68
N VAL B 18 -8.51 -21.02 30.57
CA VAL B 18 -9.12 -21.26 29.27
C VAL B 18 -10.36 -20.41 29.03
N ASP B 19 -10.96 -19.83 30.05
CA ASP B 19 -12.18 -19.05 29.89
C ASP B 19 -11.90 -17.55 29.78
N GLY B 20 -10.65 -17.14 29.68
CA GLY B 20 -10.34 -15.74 29.50
C GLY B 20 -8.86 -15.53 29.27
N TRP B 21 -8.54 -14.40 28.66
CA TRP B 21 -7.16 -14.01 28.43
C TRP B 21 -6.52 -13.33 29.63
N TYR B 22 -7.33 -12.93 30.61
CA TYR B 22 -6.84 -12.26 31.81
C TYR B 22 -7.56 -12.83 33.03
N GLY B 23 -6.91 -12.77 34.17
CA GLY B 23 -7.51 -13.29 35.38
C GLY B 23 -6.62 -13.07 36.58
N PHE B 24 -7.10 -13.57 37.72
CA PHE B 24 -6.42 -13.41 38.99
C PHE B 24 -6.28 -14.77 39.67
N ARG B 25 -5.18 -14.94 40.39
CA ARG B 25 -4.94 -16.13 41.20
C ARG B 25 -4.65 -15.65 42.63
N HIS B 26 -5.71 -15.44 43.40
CA HIS B 26 -5.57 -14.98 44.76
C HIS B 26 -5.24 -16.15 45.69
N GLN B 27 -4.65 -15.81 46.84
CA GLN B 27 -4.29 -16.82 47.83
C GLN B 27 -4.36 -16.18 49.20
N ASN B 28 -5.14 -16.78 50.10
CA ASN B 28 -5.29 -16.28 51.46
C ASN B 28 -5.35 -17.49 52.39
N SER B 29 -5.78 -17.24 53.64
CA SER B 29 -5.85 -18.30 54.63
C SER B 29 -6.89 -19.36 54.30
N GLU B 30 -7.92 -19.02 53.52
CA GLU B 30 -8.94 -19.99 53.15
C GLU B 30 -8.52 -20.88 51.99
N GLY B 31 -7.39 -20.60 51.33
CA GLY B 31 -6.91 -21.37 50.22
C GLY B 31 -6.51 -20.46 49.07
N ARG B 32 -6.42 -21.04 47.88
CA ARG B 32 -6.08 -20.31 46.68
C ARG B 32 -7.10 -20.62 45.59
N GLY B 33 -7.57 -19.57 44.90
CA GLY B 33 -8.53 -19.74 43.84
C GLY B 33 -8.11 -18.99 42.60
N GLN B 34 -8.75 -19.33 41.49
CA GLN B 34 -8.44 -18.73 40.19
C GLN B 34 -9.74 -18.37 39.49
N ALA B 35 -9.89 -17.10 39.12
CA ALA B 35 -11.06 -16.63 38.39
C ALA B 35 -10.60 -15.71 37.27
N ALA B 36 -11.00 -16.03 36.05
CA ALA B 36 -10.58 -15.24 34.90
C ALA B 36 -11.39 -13.96 34.77
N ASP B 37 -10.74 -12.91 34.28
CA ASP B 37 -11.43 -11.66 34.02
C ASP B 37 -12.35 -11.81 32.81
N LEU B 38 -13.51 -11.15 32.88
CA LEU B 38 -14.50 -11.25 31.83
C LEU B 38 -14.76 -9.95 31.09
N LYS B 39 -14.40 -8.80 31.66
CA LYS B 39 -14.64 -7.52 31.01
C LYS B 39 -13.52 -7.15 30.04
N SER B 40 -12.27 -7.27 30.47
CA SER B 40 -11.15 -6.93 29.59
C SER B 40 -10.98 -7.95 28.48
N THR B 41 -11.33 -9.21 28.72
CA THR B 41 -11.28 -10.23 27.67
C THR B 41 -12.31 -9.95 26.59
N GLN B 42 -13.50 -9.51 26.98
CA GLN B 42 -14.55 -9.18 26.01
C GLN B 42 -14.14 -7.98 25.16
N ALA B 43 -13.53 -6.96 25.77
CA ALA B 43 -13.12 -5.78 25.03
C ALA B 43 -12.00 -6.10 24.03
N ALA B 44 -11.15 -7.07 24.35
CA ALA B 44 -10.11 -7.47 23.40
C ALA B 44 -10.70 -8.28 22.25
N ILE B 45 -11.79 -9.01 22.50
CA ILE B 45 -12.41 -9.81 21.45
C ILE B 45 -13.06 -8.91 20.40
N ASP B 46 -13.75 -7.86 20.85
CA ASP B 46 -14.43 -6.97 19.92
C ASP B 46 -13.47 -6.21 19.01
N GLN B 47 -12.27 -5.91 19.50
CA GLN B 47 -11.29 -5.25 18.66
C GLN B 47 -10.68 -6.22 17.64
N ILE B 48 -10.52 -7.48 18.02
CA ILE B 48 -10.02 -8.48 17.07
C ILE B 48 -11.11 -8.88 16.09
N ASN B 49 -12.33 -9.07 16.57
CA ASN B 49 -13.43 -9.43 15.68
C ASN B 49 -13.80 -8.31 14.73
N GLY B 50 -13.61 -7.06 15.16
CA GLY B 50 -13.81 -5.93 14.25
C GLY B 50 -12.80 -5.89 13.12
N LYS B 51 -11.56 -6.30 13.39
CA LYS B 51 -10.54 -6.35 12.35
C LYS B 51 -10.87 -7.42 11.31
N LEU B 52 -11.39 -8.56 11.76
CA LEU B 52 -11.77 -9.63 10.82
C LEU B 52 -13.01 -9.26 10.02
N ASN B 53 -13.83 -8.32 10.50
CA ASN B 53 -15.03 -7.94 9.78
C ASN B 53 -14.71 -7.18 8.49
N ARG B 54 -13.63 -6.41 8.49
CA ARG B 54 -13.27 -5.65 7.30
C ARG B 54 -12.68 -6.55 6.21
N LEU B 55 -12.08 -7.66 6.59
CA LEU B 55 -11.40 -8.52 5.62
C LEU B 55 -12.30 -9.63 5.08
N ILE B 56 -13.07 -10.28 5.94
CA ILE B 56 -13.88 -11.42 5.54
C ILE B 56 -15.11 -10.93 4.78
N GLY B 57 -15.30 -11.46 3.57
CA GLY B 57 -16.48 -11.14 2.79
C GLY B 57 -16.50 -9.74 2.21
N LYS B 58 -15.35 -9.17 1.90
CA LYS B 58 -15.25 -7.84 1.32
C LYS B 58 -14.54 -7.88 -0.03
N THR B 59 -14.88 -8.86 -0.85
CA THR B 59 -14.24 -9.07 -2.14
C THR B 59 -14.91 -8.24 -3.24
N ASN B 60 -14.20 -8.08 -4.34
CA ASN B 60 -14.71 -7.38 -5.52
C ASN B 60 -14.77 -8.36 -6.68
N GLU B 61 -15.77 -8.16 -7.55
CA GLU B 61 -16.05 -9.08 -8.63
C GLU B 61 -15.56 -8.53 -9.96
N LYS B 62 -14.93 -9.40 -10.75
CA LYS B 62 -14.49 -9.08 -12.11
C LYS B 62 -14.88 -10.24 -13.01
N PHE B 63 -15.52 -9.94 -14.14
CA PHE B 63 -16.09 -10.96 -15.01
C PHE B 63 -15.18 -11.26 -16.21
N HIS B 64 -14.89 -10.25 -17.02
CA HIS B 64 -14.11 -10.45 -18.24
C HIS B 64 -12.76 -9.76 -18.10
N GLN B 65 -11.69 -10.52 -18.29
CA GLN B 65 -10.33 -10.00 -18.22
C GLN B 65 -9.57 -10.42 -19.46
N ILE B 66 -8.27 -10.10 -19.50
CA ILE B 66 -7.40 -10.50 -20.60
C ILE B 66 -6.96 -11.94 -20.38
N GLU B 67 -6.41 -12.56 -21.41
CA GLU B 67 -5.84 -13.90 -21.27
C GLU B 67 -4.57 -13.84 -20.45
N LYS B 68 -4.47 -14.70 -19.44
CA LYS B 68 -3.33 -14.70 -18.53
C LYS B 68 -2.38 -15.87 -18.74
N GLU B 69 -2.74 -16.84 -19.58
CA GLU B 69 -1.85 -17.92 -19.95
C GLU B 69 -1.88 -18.10 -21.46
N PHE B 70 -0.73 -18.42 -22.03
CA PHE B 70 -0.57 -18.50 -23.48
C PHE B 70 0.10 -19.81 -23.87
N SER B 71 -0.22 -20.28 -25.06
CA SER B 71 0.36 -21.50 -25.62
C SER B 71 1.34 -21.23 -26.74
N GLU B 72 0.95 -20.44 -27.73
CA GLU B 72 1.82 -20.10 -28.85
C GLU B 72 2.55 -18.79 -28.55
N VAL B 73 3.86 -18.78 -28.77
CA VAL B 73 4.66 -17.60 -28.49
C VAL B 73 4.40 -16.53 -29.54
N GLU B 74 4.26 -15.29 -29.11
CA GLU B 74 4.00 -14.17 -30.00
C GLU B 74 5.02 -13.06 -29.76
N GLY B 75 4.78 -11.90 -30.36
CA GLY B 75 5.74 -10.81 -30.28
C GLY B 75 5.52 -9.85 -29.13
N ARG B 76 5.23 -8.59 -29.46
CA ARG B 76 5.18 -7.54 -28.45
C ARG B 76 3.93 -7.63 -27.59
N ILE B 77 2.78 -7.98 -28.19
CA ILE B 77 1.52 -7.94 -27.46
C ILE B 77 1.47 -9.01 -26.38
N GLN B 78 2.03 -10.19 -26.66
CA GLN B 78 2.05 -11.24 -25.65
C GLN B 78 3.01 -10.91 -24.51
N ASP B 79 4.11 -10.21 -24.81
CA ASP B 79 5.02 -9.79 -23.75
C ASP B 79 4.41 -8.72 -22.87
N LEU B 80 3.57 -7.85 -23.44
CA LEU B 80 2.91 -6.82 -22.65
C LEU B 80 1.86 -7.42 -21.71
N GLU B 81 1.11 -8.42 -22.19
CA GLU B 81 0.10 -9.05 -21.36
C GLU B 81 0.71 -9.85 -20.22
N LYS B 82 1.89 -10.43 -20.44
CA LYS B 82 2.59 -11.14 -19.37
C LYS B 82 3.21 -10.17 -18.37
N TYR B 83 3.38 -8.91 -18.73
CA TYR B 83 3.94 -7.92 -17.83
C TYR B 83 2.89 -7.17 -17.03
N VAL B 84 1.71 -6.95 -17.61
CA VAL B 84 0.63 -6.30 -16.87
C VAL B 84 0.11 -7.23 -15.77
N GLU B 85 -0.06 -8.52 -16.09
CA GLU B 85 -0.53 -9.48 -15.10
C GLU B 85 0.50 -9.69 -13.99
N ASP B 86 1.78 -9.70 -14.36
CA ASP B 86 2.83 -9.86 -13.35
C ASP B 86 2.95 -8.64 -12.45
N THR B 87 2.70 -7.45 -13.00
CA THR B 87 2.75 -6.24 -12.18
C THR B 87 1.62 -6.22 -11.15
N LYS B 88 0.42 -6.65 -11.54
CA LYS B 88 -0.71 -6.67 -10.62
C LYS B 88 -0.51 -7.71 -9.52
N ILE B 89 0.06 -8.86 -9.85
CA ILE B 89 0.24 -9.92 -8.87
C ILE B 89 1.28 -9.52 -7.83
N ASP B 90 2.40 -8.96 -8.27
CA ASP B 90 3.45 -8.56 -7.33
C ASP B 90 3.03 -7.39 -6.46
N LEU B 91 2.22 -6.48 -7.00
CA LEU B 91 1.73 -5.35 -6.19
C LEU B 91 0.73 -5.81 -5.15
N TRP B 92 -0.15 -6.74 -5.51
CA TRP B 92 -1.12 -7.23 -4.54
C TRP B 92 -0.49 -8.17 -3.52
N SER B 93 0.60 -8.85 -3.91
CA SER B 93 1.32 -9.69 -2.96
C SER B 93 1.99 -8.84 -1.88
N TYR B 94 2.54 -7.70 -2.27
CA TYR B 94 3.12 -6.78 -1.28
C TYR B 94 2.04 -6.12 -0.43
N ASN B 95 0.88 -5.82 -1.03
CA ASN B 95 -0.22 -5.22 -0.27
C ASN B 95 -0.77 -6.19 0.76
N ALA B 96 -0.80 -7.49 0.42
CA ALA B 96 -1.24 -8.48 1.39
C ALA B 96 -0.23 -8.64 2.52
N GLU B 97 1.07 -8.54 2.22
CA GLU B 97 2.08 -8.63 3.26
C GLU B 97 2.03 -7.43 4.18
N LEU B 98 1.83 -6.22 3.62
CA LEU B 98 1.80 -5.03 4.45
C LEU B 98 0.54 -4.95 5.29
N LEU B 99 -0.59 -5.45 4.78
CA LEU B 99 -1.84 -5.38 5.53
C LEU B 99 -1.82 -6.32 6.72
N VAL B 100 -1.33 -7.55 6.53
CA VAL B 100 -1.30 -8.52 7.61
C VAL B 100 -0.28 -8.12 8.68
N ALA B 101 0.90 -7.66 8.24
CA ALA B 101 1.94 -7.28 9.20
C ALA B 101 1.55 -6.04 10.00
N LEU B 102 0.77 -5.14 9.40
CA LEU B 102 0.33 -3.96 10.14
C LEU B 102 -0.75 -4.31 11.15
N GLU B 103 -1.69 -5.18 10.78
CA GLU B 103 -2.74 -5.58 11.71
C GLU B 103 -2.21 -6.49 12.81
N ASN B 104 -1.20 -7.31 12.50
CA ASN B 104 -0.58 -8.13 13.55
C ASN B 104 0.19 -7.28 14.55
N GLN B 105 0.79 -6.18 14.08
CA GLN B 105 1.50 -5.29 15.00
C GLN B 105 0.54 -4.61 15.96
N HIS B 106 -0.63 -4.18 15.47
CA HIS B 106 -1.57 -3.48 16.33
C HIS B 106 -2.28 -4.43 17.28
N THR B 107 -2.58 -5.66 16.82
CA THR B 107 -3.31 -6.62 17.64
C THR B 107 -2.50 -7.03 18.86
N ILE B 108 -1.20 -7.25 18.69
CA ILE B 108 -0.34 -7.57 19.82
C ILE B 108 -0.17 -6.37 20.74
N ASP B 109 -0.06 -5.17 20.15
CA ASP B 109 0.16 -3.97 20.95
C ASP B 109 -1.06 -3.61 21.79
N LEU B 110 -2.27 -3.77 21.24
CA LEU B 110 -3.46 -3.49 22.03
C LEU B 110 -3.68 -4.57 23.09
N THR B 111 -3.30 -5.81 22.80
CA THR B 111 -3.42 -6.87 23.80
C THR B 111 -2.45 -6.67 24.94
N ASP B 112 -1.21 -6.28 24.63
CA ASP B 112 -0.23 -6.01 25.67
C ASP B 112 -0.55 -4.75 26.47
N SER B 113 -1.30 -3.82 25.88
CA SER B 113 -1.74 -2.65 26.60
C SER B 113 -2.94 -2.92 27.50
N GLU B 114 -3.74 -3.94 27.19
CA GLU B 114 -4.92 -4.25 28.01
C GLU B 114 -4.52 -4.86 29.35
N MET B 115 -3.47 -5.68 29.36
CA MET B 115 -3.03 -6.29 30.62
C MET B 115 -2.39 -5.28 31.56
N ASN B 116 -1.86 -4.17 31.01
CA ASN B 116 -1.37 -3.10 31.87
C ASN B 116 -2.51 -2.27 32.43
N LYS B 117 -3.58 -2.08 31.66
CA LYS B 117 -4.74 -1.33 32.14
C LYS B 117 -5.45 -2.04 33.27
N LEU B 118 -5.57 -3.38 33.17
CA LEU B 118 -6.15 -4.15 34.25
C LEU B 118 -5.25 -4.15 35.49
N PHE B 119 -3.94 -4.12 35.29
CA PHE B 119 -3.01 -4.00 36.41
C PHE B 119 -3.15 -2.63 37.08
N GLU B 120 -3.39 -1.58 36.28
CA GLU B 120 -3.56 -0.25 36.85
C GLU B 120 -4.90 -0.09 37.55
N LYS B 121 -5.93 -0.79 37.07
CA LYS B 121 -7.27 -0.64 37.65
C LYS B 121 -7.32 -1.22 39.06
N THR B 122 -6.65 -2.35 39.29
CA THR B 122 -6.60 -2.91 40.63
C THR B 122 -5.79 -2.02 41.58
N LYS B 123 -4.70 -1.44 41.06
CA LYS B 123 -3.90 -0.52 41.88
C LYS B 123 -4.65 0.77 42.16
N LYS B 124 -5.43 1.24 41.18
CA LYS B 124 -6.23 2.45 41.38
C LYS B 124 -7.35 2.22 42.38
N GLN B 125 -7.99 1.04 42.32
CA GLN B 125 -9.03 0.72 43.29
C GLN B 125 -8.45 0.54 44.69
N LEU B 126 -7.31 -0.13 44.80
CA LEU B 126 -6.60 -0.24 46.07
C LEU B 126 -5.64 0.93 46.22
N ARG B 127 -6.25 2.11 46.42
CA ARG B 127 -5.51 3.36 46.41
C ARG B 127 -4.61 3.51 47.64
N GLU B 128 -5.09 3.11 48.82
CA GLU B 128 -4.34 3.26 50.05
C GLU B 128 -4.18 1.96 50.84
N ASN B 129 -4.63 0.83 50.30
CA ASN B 129 -4.58 -0.43 51.01
C ASN B 129 -3.60 -1.43 50.41
N ALA B 130 -3.11 -1.20 49.20
CA ALA B 130 -2.17 -2.12 48.57
C ALA B 130 -1.17 -1.32 47.74
N GLU B 131 0.01 -1.90 47.57
CA GLU B 131 1.07 -1.32 46.77
C GLU B 131 1.67 -2.42 45.89
N ASP B 132 2.34 -2.00 44.81
CA ASP B 132 2.93 -2.94 43.87
C ASP B 132 4.16 -3.61 44.48
N MET B 133 4.34 -4.89 44.14
CA MET B 133 5.47 -5.67 44.62
C MET B 133 6.53 -5.94 43.57
N GLY B 134 6.16 -5.92 42.28
CA GLY B 134 7.11 -6.12 41.21
C GLY B 134 6.77 -7.29 40.31
N ASN B 135 6.31 -8.39 40.90
CA ASN B 135 5.90 -9.56 40.14
C ASN B 135 4.41 -9.58 39.83
N GLY B 136 3.66 -8.57 40.29
CA GLY B 136 2.23 -8.51 40.09
C GLY B 136 1.41 -9.05 41.24
N CYS B 137 2.01 -9.86 42.10
CA CYS B 137 1.31 -10.44 43.24
C CYS B 137 1.27 -9.43 44.38
N PHE B 138 0.07 -8.97 44.72
CA PHE B 138 -0.11 -7.96 45.76
C PHE B 138 -0.17 -8.66 47.11
N LYS B 139 0.93 -8.60 47.87
CA LYS B 139 1.00 -9.25 49.18
C LYS B 139 0.15 -8.46 50.16
N ILE B 140 -1.03 -8.99 50.47
CA ILE B 140 -2.00 -8.34 51.35
C ILE B 140 -2.27 -9.27 52.52
N TYR B 141 -2.06 -8.78 53.74
CA TYR B 141 -2.38 -9.53 54.96
C TYR B 141 -3.63 -9.00 55.65
N HIS B 142 -4.30 -8.03 55.06
CA HIS B 142 -5.51 -7.47 55.65
C HIS B 142 -6.66 -8.48 55.60
N LYS B 143 -7.67 -8.23 56.42
CA LYS B 143 -8.84 -9.10 56.51
C LYS B 143 -9.70 -8.88 55.27
N CYS B 144 -9.30 -9.54 54.19
CA CYS B 144 -9.97 -9.44 52.89
C CYS B 144 -10.18 -10.85 52.37
N ASP B 145 -11.40 -11.36 52.53
CA ASP B 145 -11.73 -12.74 52.19
C ASP B 145 -12.02 -12.87 50.70
N ASN B 146 -12.58 -14.01 50.30
CA ASN B 146 -12.86 -14.26 48.89
C ASN B 146 -13.93 -13.32 48.34
N ALA B 147 -14.97 -13.05 49.14
CA ALA B 147 -15.98 -12.07 48.74
C ALA B 147 -15.39 -10.67 48.66
N CYS B 148 -14.44 -10.36 49.54
CA CYS B 148 -13.68 -9.12 49.43
C CYS B 148 -12.84 -9.07 48.16
N ILE B 149 -12.26 -10.21 47.77
CA ILE B 149 -11.51 -10.27 46.51
C ILE B 149 -12.43 -10.05 45.32
N GLY B 150 -13.61 -10.67 45.35
CA GLY B 150 -14.57 -10.48 44.28
C GLY B 150 -15.18 -9.10 44.22
N SER B 151 -15.15 -8.36 45.34
CA SER B 151 -15.60 -6.98 45.32
C SER B 151 -14.67 -6.10 44.49
N ILE B 152 -13.38 -6.42 44.47
CA ILE B 152 -12.44 -5.72 43.60
C ILE B 152 -12.74 -6.03 42.13
N ARG B 153 -13.16 -7.28 41.85
CA ARG B 153 -13.33 -7.72 40.48
C ARG B 153 -14.46 -6.99 39.77
N ASN B 154 -15.59 -6.79 40.45
CA ASN B 154 -16.73 -6.11 39.84
C ASN B 154 -16.76 -4.61 40.14
N GLY B 155 -15.71 -4.08 40.76
CA GLY B 155 -15.63 -2.65 41.01
C GLY B 155 -16.47 -2.16 42.16
N THR B 156 -16.94 -3.05 43.03
CA THR B 156 -17.75 -2.68 44.18
C THR B 156 -16.95 -2.63 45.48
N TYR B 157 -15.62 -2.72 45.40
CA TYR B 157 -14.80 -2.66 46.59
C TYR B 157 -14.75 -1.24 47.12
N ASP B 158 -14.94 -1.09 48.43
CA ASP B 158 -14.89 0.20 49.10
C ASP B 158 -13.64 0.25 49.98
N HIS B 159 -12.80 1.25 49.74
CA HIS B 159 -11.57 1.41 50.51
C HIS B 159 -11.77 2.16 51.81
N ASP B 160 -12.94 2.79 52.01
CA ASP B 160 -13.17 3.56 53.24
C ASP B 160 -13.31 2.66 54.45
N VAL B 161 -13.98 1.51 54.30
CA VAL B 161 -14.12 0.56 55.40
C VAL B 161 -12.85 -0.22 55.69
N TYR B 162 -11.87 -0.17 54.77
CA TYR B 162 -10.60 -0.84 54.97
C TYR B 162 -9.42 0.14 54.94
N ARG B 163 -9.68 1.43 55.18
CA ARG B 163 -8.59 2.40 55.18
C ARG B 163 -7.82 2.36 56.49
N ASP B 164 -8.51 2.59 57.62
CA ASP B 164 -7.86 2.55 58.92
C ASP B 164 -7.50 1.14 59.36
N GLU B 165 -8.19 0.13 58.83
CA GLU B 165 -7.90 -1.25 59.18
C GLU B 165 -6.65 -1.79 58.49
N ALA B 166 -6.21 -1.15 57.41
CA ALA B 166 -5.05 -1.61 56.66
C ALA B 166 -3.83 -0.72 56.80
N LEU B 167 -4.01 0.57 57.12
CA LEU B 167 -2.86 1.45 57.29
C LEU B 167 -2.03 1.05 58.51
N ASN B 168 -2.69 0.68 59.60
CA ASN B 168 -1.96 0.22 60.78
C ASN B 168 -1.32 -1.15 60.55
N ASN B 169 -1.94 -1.98 59.72
CA ASN B 169 -1.38 -3.31 59.43
C ASN B 169 -0.13 -3.21 58.58
N ARG B 170 -0.05 -2.22 57.70
CA ARG B 170 1.15 -2.02 56.89
C ARG B 170 2.34 -1.61 57.76
N PHE B 171 2.11 -0.75 58.76
CA PHE B 171 3.18 -0.36 59.66
C PHE B 171 3.54 -1.50 60.61
N GLN B 172 2.58 -2.37 60.92
CA GLN B 172 2.87 -3.52 61.78
C GLN B 172 3.71 -4.55 61.06
N ILE B 173 3.35 -4.87 59.82
CA ILE B 173 4.07 -5.87 59.04
C ILE B 173 5.10 -5.20 58.14
N GLN C 1 -19.66 -37.30 14.72
CA GLN C 1 -20.68 -37.54 15.74
C GLN C 1 -20.07 -37.60 17.14
N ILE C 2 -20.72 -36.93 18.09
CA ILE C 2 -20.31 -36.92 19.47
C ILE C 2 -21.46 -37.46 20.32
N GLN C 3 -21.17 -38.48 21.12
CA GLN C 3 -22.20 -39.15 21.91
C GLN C 3 -21.68 -39.31 23.34
N LEU C 4 -22.50 -38.87 24.31
CA LEU C 4 -22.15 -38.96 25.72
C LEU C 4 -23.26 -39.74 26.44
N GLN C 5 -22.90 -40.88 27.01
CA GLN C 5 -23.79 -41.68 27.85
C GLN C 5 -23.19 -41.76 29.24
N GLN C 6 -23.85 -41.13 30.21
CA GLN C 6 -23.39 -41.16 31.59
C GLN C 6 -24.15 -42.22 32.37
N SER C 7 -23.42 -42.97 33.19
CA SER C 7 -23.97 -44.02 34.02
C SER C 7 -23.78 -43.67 35.49
N GLY C 8 -24.15 -44.60 36.37
CA GLY C 8 -24.04 -44.39 37.79
C GLY C 8 -25.35 -44.61 38.51
N PRO C 9 -25.28 -45.14 39.72
CA PRO C 9 -26.51 -45.37 40.48
C PRO C 9 -27.18 -44.08 40.91
N GLY C 10 -28.51 -44.13 41.01
CA GLY C 10 -29.28 -42.97 41.41
C GLY C 10 -30.00 -43.18 42.72
N LEU C 11 -29.38 -43.93 43.63
CA LEU C 11 -29.96 -44.17 44.96
C LEU C 11 -28.80 -44.41 45.91
N VAL C 12 -28.46 -43.39 46.71
CA VAL C 12 -27.34 -43.46 47.62
C VAL C 12 -27.81 -43.04 49.02
N LYS C 13 -27.10 -43.54 50.02
CA LYS C 13 -27.38 -43.16 51.40
C LYS C 13 -26.93 -41.72 51.64
N PRO C 14 -27.72 -40.92 52.35
CA PRO C 14 -27.26 -39.57 52.71
C PRO C 14 -26.06 -39.60 53.64
N SER C 15 -25.34 -38.47 53.65
CA SER C 15 -24.09 -38.31 54.40
C SER C 15 -23.05 -39.36 54.00
N GLN C 16 -22.99 -39.66 52.71
CA GLN C 16 -22.02 -40.61 52.18
C GLN C 16 -21.36 -40.07 50.93
N THR C 17 -20.58 -40.90 50.25
CA THR C 17 -19.95 -40.52 48.98
C THR C 17 -20.92 -40.75 47.82
N LEU C 18 -20.49 -40.33 46.63
CA LEU C 18 -21.30 -40.48 45.43
C LEU C 18 -20.38 -40.77 44.25
N SER C 19 -20.88 -41.60 43.33
CA SER C 19 -20.15 -41.97 42.13
C SER C 19 -21.00 -41.70 40.90
N LEU C 20 -20.37 -41.13 39.88
CA LEU C 20 -21.06 -40.85 38.62
C LEU C 20 -20.07 -40.98 37.48
N THR C 21 -20.32 -41.95 36.60
CA THR C 21 -19.44 -42.24 35.47
C THR C 21 -20.06 -41.71 34.18
N CYS C 22 -19.30 -40.90 33.45
CA CYS C 22 -19.76 -40.30 32.19
C CYS C 22 -18.93 -40.91 31.06
N SER C 23 -19.42 -42.02 30.51
CA SER C 23 -18.74 -42.67 29.41
C SER C 23 -18.86 -41.83 28.14
N ILE C 24 -17.78 -41.78 27.37
CA ILE C 24 -17.66 -40.91 26.20
C ILE C 24 -17.32 -41.77 25.00
N SER C 25 -18.10 -41.63 23.93
CA SER C 25 -17.87 -42.37 22.69
C SER C 25 -17.91 -41.40 21.51
N GLY C 26 -16.98 -41.58 20.57
CA GLY C 26 -16.88 -40.73 19.41
C GLY C 26 -15.95 -39.55 19.57
N ASP C 27 -15.55 -39.24 20.80
CA ASP C 27 -14.60 -38.16 21.07
C ASP C 27 -13.67 -38.60 22.18
N THR C 28 -12.49 -38.00 22.21
CA THR C 28 -11.51 -38.28 23.24
C THR C 28 -11.47 -37.16 24.27
N VAL C 29 -11.12 -37.53 25.51
CA VAL C 29 -11.01 -36.53 26.57
C VAL C 29 -9.82 -35.62 26.30
N THR C 30 -8.72 -36.18 25.78
CA THR C 30 -7.53 -35.39 25.49
C THR C 30 -7.77 -34.54 24.25
N ASN C 31 -8.29 -33.33 24.46
CA ASN C 31 -8.57 -32.40 23.38
C ASN C 31 -8.12 -31.02 23.81
N ASN C 32 -7.42 -30.31 22.92
CA ASN C 32 -6.88 -29.00 23.28
C ASN C 32 -7.98 -27.96 23.40
N TYR C 33 -8.89 -27.93 22.44
CA TYR C 33 -9.91 -26.88 22.35
C TYR C 33 -11.27 -27.34 22.86
N ALA C 34 -11.29 -28.16 23.91
CA ALA C 34 -12.55 -28.65 24.45
C ALA C 34 -12.40 -28.94 25.93
N ALA C 35 -13.33 -28.44 26.74
CA ALA C 35 -13.42 -28.76 28.15
C ALA C 35 -14.67 -29.59 28.40
N TRP C 36 -14.78 -30.11 29.62
CA TRP C 36 -15.89 -30.98 30.00
C TRP C 36 -16.47 -30.47 31.32
N ASP C 37 -17.66 -29.88 31.25
CA ASP C 37 -18.32 -29.32 32.42
C ASP C 37 -19.15 -30.37 33.13
N TRP C 38 -19.77 -29.97 34.24
CA TRP C 38 -20.71 -30.80 34.97
C TRP C 38 -21.81 -29.91 35.51
N ILE C 39 -23.04 -30.15 35.08
CA ILE C 39 -24.18 -29.29 35.39
C ILE C 39 -25.27 -30.14 36.02
N ARG C 40 -25.77 -29.69 37.17
CA ARG C 40 -26.91 -30.32 37.82
C ARG C 40 -28.12 -29.40 37.72
N GLN C 41 -29.31 -30.02 37.69
CA GLN C 41 -30.55 -29.29 37.51
C GLN C 41 -31.55 -29.75 38.56
N SER C 42 -32.05 -28.81 39.36
CA SER C 42 -33.01 -29.10 40.40
C SER C 42 -34.35 -28.45 40.10
N PRO C 43 -35.46 -29.02 40.57
CA PRO C 43 -36.77 -28.37 40.35
C PRO C 43 -36.92 -27.03 41.06
N THR C 44 -36.13 -26.75 42.10
CA THR C 44 -36.26 -25.51 42.86
C THR C 44 -35.22 -24.47 42.46
N ARG C 45 -33.93 -24.81 42.58
CA ARG C 45 -32.88 -23.85 42.22
C ARG C 45 -32.78 -23.68 40.71
N GLY C 46 -32.92 -24.77 39.96
CA GLY C 46 -32.79 -24.73 38.52
C GLY C 46 -31.43 -25.22 38.05
N LEU C 47 -31.06 -24.79 36.86
CA LEU C 47 -29.75 -25.13 36.31
C LEU C 47 -28.67 -24.35 37.02
N GLU C 48 -27.59 -25.04 37.39
CA GLU C 48 -26.47 -24.39 38.05
C GLU C 48 -25.19 -25.11 37.68
N TRP C 49 -24.07 -24.43 37.87
CA TRP C 49 -22.76 -24.93 37.48
C TRP C 49 -22.06 -25.55 38.68
N LEU C 50 -21.29 -26.61 38.42
CA LEU C 50 -20.55 -27.31 39.47
C LEU C 50 -19.06 -27.24 39.27
N GLY C 51 -18.56 -27.60 38.09
CA GLY C 51 -17.13 -27.58 37.84
C GLY C 51 -16.83 -28.02 36.44
N ARG C 52 -15.53 -28.07 36.13
CA ARG C 52 -15.08 -28.44 34.80
C ARG C 52 -13.69 -29.05 34.89
N THR C 53 -13.31 -29.76 33.82
CA THR C 53 -11.98 -30.32 33.70
C THR C 53 -11.62 -30.39 32.23
N PHE C 54 -10.32 -30.33 31.96
CA PHE C 54 -9.79 -30.40 30.59
C PHE C 54 -8.35 -30.87 30.67
N TYR C 55 -7.62 -30.75 29.56
CA TYR C 55 -6.24 -31.21 29.50
C TYR C 55 -5.41 -30.21 28.70
N ARG C 56 -4.64 -29.38 29.42
CA ARG C 56 -3.59 -28.56 28.82
C ARG C 56 -2.29 -29.02 29.46
N SER C 57 -1.72 -30.11 28.93
CA SER C 57 -0.48 -30.74 29.36
C SER C 57 -0.52 -31.29 30.78
N LYS C 58 -1.66 -31.17 31.47
CA LYS C 58 -1.88 -31.69 32.81
C LYS C 58 -3.37 -31.54 33.10
N TRP C 59 -3.91 -32.51 33.85
CA TRP C 59 -5.34 -32.58 34.13
C TRP C 59 -5.72 -31.46 35.09
N TYR C 60 -6.28 -30.39 34.55
CA TYR C 60 -6.70 -29.25 35.34
C TYR C 60 -8.12 -29.46 35.85
N LYS C 61 -8.41 -28.86 37.00
CA LYS C 61 -9.72 -28.98 37.62
C LYS C 61 -10.19 -27.61 38.12
N GLU C 62 -11.48 -27.35 37.97
CA GLU C 62 -12.12 -26.17 38.54
C GLU C 62 -13.42 -26.58 39.19
N TYR C 63 -13.84 -25.81 40.19
CA TYR C 63 -15.04 -26.13 40.95
C TYR C 63 -15.79 -24.85 41.29
N ALA C 64 -17.07 -25.00 41.62
CA ALA C 64 -17.90 -23.87 41.98
C ALA C 64 -17.59 -23.43 43.41
N LEU C 65 -18.20 -22.31 43.81
CA LEU C 65 -17.94 -21.74 45.13
C LEU C 65 -18.59 -22.57 46.23
N SER C 66 -19.82 -23.04 45.99
CA SER C 66 -20.58 -23.71 47.05
C SER C 66 -20.10 -25.13 47.30
N VAL C 67 -19.66 -25.84 46.27
CA VAL C 67 -19.37 -27.26 46.39
C VAL C 67 -17.86 -27.36 46.14
N LYS C 68 -17.12 -26.34 46.58
CA LYS C 68 -15.68 -26.32 46.38
C LYS C 68 -14.97 -27.41 47.18
N SER C 69 -15.42 -27.65 48.41
CA SER C 69 -14.74 -28.57 49.31
C SER C 69 -15.42 -29.94 49.37
N ARG C 70 -16.28 -30.26 48.41
CA ARG C 70 -16.98 -31.53 48.41
C ARG C 70 -16.99 -32.25 47.06
N LEU C 71 -16.50 -31.63 45.99
CA LEU C 71 -16.58 -32.20 44.65
C LEU C 71 -15.18 -32.46 44.12
N THR C 72 -14.94 -33.69 43.65
CA THR C 72 -13.72 -34.05 42.96
C THR C 72 -14.09 -34.70 41.63
N ILE C 73 -13.50 -34.22 40.55
CA ILE C 73 -13.73 -34.75 39.21
C ILE C 73 -12.48 -35.49 38.77
N SER C 74 -12.62 -36.78 38.45
CA SER C 74 -11.49 -37.61 38.10
C SER C 74 -11.59 -38.05 36.65
N PRO C 75 -10.81 -37.47 35.73
CA PRO C 75 -10.83 -37.94 34.34
C PRO C 75 -10.04 -39.23 34.17
N ASP C 76 -10.33 -39.92 33.08
CA ASP C 76 -9.64 -41.16 32.75
C ASP C 76 -9.38 -41.20 31.26
N THR C 77 -8.19 -41.70 30.89
CA THR C 77 -7.79 -41.79 29.49
C THR C 77 -7.89 -43.21 28.94
N SER C 78 -7.88 -44.22 29.82
CA SER C 78 -7.74 -45.61 29.40
C SER C 78 -8.93 -46.08 28.56
N LYS C 79 -10.15 -45.74 28.98
CA LYS C 79 -11.34 -46.20 28.27
C LYS C 79 -12.33 -45.06 28.01
N ASN C 80 -11.81 -43.83 27.92
CA ASN C 80 -12.56 -42.63 27.55
C ASN C 80 -13.68 -42.35 28.57
N GLN C 81 -13.24 -42.12 29.80
CA GLN C 81 -14.13 -41.95 30.95
C GLN C 81 -13.84 -40.64 31.66
N ILE C 82 -14.90 -39.98 32.11
CA ILE C 82 -14.81 -38.86 33.05
C ILE C 82 -15.73 -39.19 34.22
N SER C 83 -15.17 -39.22 35.43
CA SER C 83 -15.88 -39.66 36.61
C SER C 83 -16.13 -38.49 37.54
N LEU C 84 -17.36 -38.40 38.05
CA LEU C 84 -17.74 -37.40 39.04
C LEU C 84 -17.85 -38.05 40.40
N GLN C 85 -17.19 -37.47 41.39
CA GLN C 85 -17.21 -37.97 42.76
C GLN C 85 -17.66 -36.86 43.69
N LEU C 86 -18.80 -37.05 44.34
CA LEU C 86 -19.33 -36.11 45.30
C LEU C 86 -19.21 -36.71 46.70
N SER C 87 -18.67 -35.93 47.63
CA SER C 87 -18.42 -36.38 48.99
C SER C 87 -19.36 -35.66 49.95
N SER C 88 -19.80 -36.42 50.98
CA SER C 88 -20.71 -35.93 52.01
C SER C 88 -22.02 -35.40 51.40
N VAL C 89 -22.77 -36.34 50.80
CA VAL C 89 -24.01 -35.96 50.14
C VAL C 89 -25.06 -35.55 51.16
N THR C 90 -26.01 -34.74 50.70
CA THR C 90 -27.04 -34.15 51.54
C THR C 90 -28.38 -34.33 50.84
N PRO C 91 -29.46 -34.63 51.57
CA PRO C 91 -30.76 -34.85 50.93
C PRO C 91 -31.36 -33.64 50.21
N GLU C 92 -30.74 -32.46 50.28
CA GLU C 92 -31.17 -31.36 49.41
C GLU C 92 -30.65 -31.53 47.98
N ASP C 93 -29.73 -32.47 47.75
CA ASP C 93 -29.15 -32.70 46.43
C ASP C 93 -29.96 -33.67 45.59
N THR C 94 -31.25 -33.83 45.88
CA THR C 94 -32.11 -34.72 45.10
C THR C 94 -32.43 -34.07 43.75
N ALA C 95 -31.55 -34.24 42.77
CA ALA C 95 -31.70 -33.57 41.49
C ALA C 95 -31.01 -34.41 40.42
N VAL C 96 -31.32 -34.09 39.16
CA VAL C 96 -30.73 -34.77 38.01
C VAL C 96 -29.40 -34.10 37.69
N TYR C 97 -28.46 -34.89 37.22
CA TYR C 97 -27.10 -34.42 36.92
C TYR C 97 -26.81 -34.68 35.45
N TYR C 98 -26.24 -33.67 34.79
CA TYR C 98 -25.98 -33.71 33.36
C TYR C 98 -24.48 -33.63 33.11
N CYS C 99 -23.96 -34.56 32.32
CA CYS C 99 -22.58 -34.51 31.85
C CYS C 99 -22.58 -33.97 30.43
N ALA C 100 -22.03 -32.76 30.27
CA ALA C 100 -22.07 -32.08 28.99
C ALA C 100 -20.68 -31.58 28.61
N ARG C 101 -20.46 -31.45 27.31
CA ARG C 101 -19.17 -31.09 26.75
C ARG C 101 -19.16 -29.59 26.42
N ALA C 102 -18.20 -28.88 26.99
CA ALA C 102 -18.02 -27.47 26.66
C ALA C 102 -17.05 -27.36 25.49
N GLY C 103 -16.62 -26.15 25.18
CA GLY C 103 -15.61 -25.93 24.18
C GLY C 103 -16.08 -25.52 22.81
N ILE C 104 -17.15 -24.73 22.72
CA ILE C 104 -17.51 -24.08 21.44
C ILE C 104 -16.76 -22.75 21.43
N THR C 105 -15.50 -22.83 21.01
CA THR C 105 -14.53 -21.77 21.25
C THR C 105 -14.50 -20.77 20.10
N ILE C 106 -14.16 -19.53 20.44
CA ILE C 106 -13.79 -18.52 19.46
C ILE C 106 -12.42 -17.98 19.83
N PHE C 107 -11.53 -17.89 18.83
CA PHE C 107 -10.14 -17.44 19.01
C PHE C 107 -9.38 -18.28 20.03
N GLY C 108 -9.74 -19.54 20.17
CA GLY C 108 -9.08 -20.44 21.10
C GLY C 108 -9.53 -20.35 22.54
N LEU C 109 -10.49 -19.49 22.85
CA LEU C 109 -10.97 -19.31 24.21
C LEU C 109 -12.31 -20.03 24.39
N ILE C 110 -12.40 -20.85 25.44
CA ILE C 110 -13.63 -21.57 25.74
C ILE C 110 -14.63 -20.58 26.32
N THR C 111 -15.70 -20.31 25.58
CA THR C 111 -16.67 -19.30 25.96
C THR C 111 -17.73 -19.81 26.93
N GLY C 112 -17.69 -21.07 27.32
CA GLY C 112 -18.64 -21.60 28.27
C GLY C 112 -19.94 -22.10 27.68
N GLY C 113 -20.02 -22.29 26.37
CA GLY C 113 -21.18 -22.91 25.77
C GLY C 113 -21.08 -24.42 25.82
N LEU C 114 -22.22 -25.08 25.98
CA LEU C 114 -22.27 -26.51 26.22
C LEU C 114 -22.94 -27.22 25.06
N ASP C 115 -22.32 -28.31 24.59
CA ASP C 115 -22.84 -29.13 23.52
C ASP C 115 -22.74 -30.60 23.92
N TYR C 116 -23.54 -31.42 23.24
CA TYR C 116 -23.50 -32.89 23.35
C TYR C 116 -23.74 -33.35 24.79
N TRP C 117 -24.95 -33.09 25.27
CA TRP C 117 -25.32 -33.36 26.65
C TRP C 117 -25.60 -34.86 26.84
N GLY C 118 -26.06 -35.23 28.03
CA GLY C 118 -26.42 -36.61 28.32
C GLY C 118 -27.71 -36.70 29.11
N GLN C 119 -27.93 -37.82 29.80
CA GLN C 119 -29.12 -38.00 30.60
C GLN C 119 -28.80 -38.84 31.83
N GLY C 120 -29.34 -38.43 32.98
CA GLY C 120 -29.09 -39.15 34.21
C GLY C 120 -29.82 -38.55 35.40
N SER C 121 -30.42 -39.41 36.22
CA SER C 121 -31.20 -38.98 37.37
C SER C 121 -30.53 -39.44 38.67
N LEU C 122 -30.93 -38.81 39.78
CA LEU C 122 -30.35 -39.12 41.07
C LEU C 122 -31.34 -38.72 42.16
N VAL C 123 -31.55 -39.62 43.12
CA VAL C 123 -32.39 -39.34 44.29
C VAL C 123 -31.80 -40.08 45.48
N THR C 124 -31.87 -39.46 46.65
CA THR C 124 -31.32 -40.04 47.86
C THR C 124 -32.39 -40.05 48.96
N VAL C 125 -32.18 -40.90 49.95
CA VAL C 125 -33.12 -41.06 51.05
C VAL C 125 -33.07 -39.84 51.97
N MET D 1 -29.29 -12.95 37.66
CA MET D 1 -29.76 -13.32 36.33
C MET D 1 -31.28 -13.28 36.27
N THR D 2 -31.81 -12.22 35.66
CA THR D 2 -33.25 -11.97 35.62
C THR D 2 -33.77 -12.06 34.19
N GLN D 3 -34.96 -12.63 34.05
CA GLN D 3 -35.66 -12.71 32.77
C GLN D 3 -37.04 -12.11 32.94
N SER D 4 -37.41 -11.20 32.04
CA SER D 4 -38.73 -10.57 32.13
C SER D 4 -39.91 -11.52 31.96
N PRO D 5 -39.95 -12.46 31.01
CA PRO D 5 -41.08 -13.40 30.98
C PRO D 5 -40.83 -14.66 31.79
N SER D 6 -41.90 -15.21 32.34
CA SER D 6 -41.86 -16.46 33.07
C SER D 6 -42.77 -17.53 32.49
N SER D 7 -43.97 -17.14 32.03
CA SER D 7 -44.88 -18.06 31.40
C SER D 7 -45.79 -17.27 30.46
N LEU D 8 -45.94 -17.75 29.23
CA LEU D 8 -46.77 -17.06 28.24
C LEU D 8 -47.42 -18.10 27.34
N SER D 9 -48.56 -17.69 26.76
CA SER D 9 -49.32 -18.54 25.85
C SER D 9 -49.51 -17.77 24.54
N ALA D 10 -48.54 -17.89 23.65
CA ALA D 10 -48.59 -17.23 22.35
C ALA D 10 -49.18 -18.18 21.31
N SER D 11 -49.83 -17.58 20.31
CA SER D 11 -50.44 -18.37 19.24
C SER D 11 -49.37 -18.91 18.30
N VAL D 12 -49.77 -19.85 17.46
CA VAL D 12 -48.84 -20.47 16.51
C VAL D 12 -48.49 -19.47 15.42
N GLY D 13 -47.20 -19.26 15.22
CA GLY D 13 -46.73 -18.28 14.26
C GLY D 13 -46.47 -16.90 14.82
N ASP D 14 -46.62 -16.71 16.13
CA ASP D 14 -46.40 -15.41 16.74
C ASP D 14 -44.91 -15.12 16.90
N ARG D 15 -44.60 -13.84 17.08
CA ARG D 15 -43.25 -13.39 17.34
C ARG D 15 -43.13 -13.00 18.81
N VAL D 16 -42.18 -13.62 19.51
CA VAL D 16 -42.00 -13.41 20.94
C VAL D 16 -40.56 -12.99 21.20
N THR D 17 -40.39 -12.00 22.07
CA THR D 17 -39.08 -11.49 22.45
C THR D 17 -38.85 -11.81 23.92
N ILE D 18 -37.77 -12.52 24.23
CA ILE D 18 -37.42 -12.90 25.58
C ILE D 18 -36.17 -12.11 25.97
N THR D 19 -36.30 -11.27 26.99
CA THR D 19 -35.23 -10.39 27.42
C THR D 19 -34.51 -10.99 28.61
N CYS D 20 -33.18 -11.10 28.50
CA CYS D 20 -32.34 -11.66 29.56
C CYS D 20 -31.37 -10.55 30.00
N ARG D 21 -31.82 -9.74 30.95
CA ARG D 21 -30.97 -8.67 31.48
C ARG D 21 -29.93 -9.25 32.43
N THR D 22 -28.67 -8.86 32.23
CA THR D 22 -27.56 -9.36 33.01
C THR D 22 -26.92 -8.23 33.80
N SER D 23 -25.84 -8.56 34.51
CA SER D 23 -25.13 -7.61 35.36
C SER D 23 -23.86 -7.08 34.71
N GLN D 24 -23.04 -7.97 34.15
CA GLN D 24 -21.80 -7.59 33.49
C GLN D 24 -22.04 -7.47 31.98
N SER D 25 -21.57 -6.38 31.39
CA SER D 25 -21.80 -6.09 29.98
C SER D 25 -20.75 -6.81 29.14
N LEU D 26 -21.08 -8.01 28.67
CA LEU D 26 -20.24 -8.74 27.75
C LEU D 26 -21.14 -9.63 26.89
N SER D 27 -20.85 -9.65 25.59
CA SER D 27 -21.75 -10.26 24.61
C SER D 27 -21.25 -11.56 24.01
N SER D 28 -19.93 -11.77 23.95
CA SER D 28 -19.39 -12.96 23.30
C SER D 28 -19.38 -14.17 24.20
N TYR D 29 -19.82 -14.05 25.45
CA TYR D 29 -19.85 -15.17 26.38
C TYR D 29 -21.23 -15.75 26.59
N THR D 30 -22.28 -14.93 26.47
CA THR D 30 -23.63 -15.41 26.75
C THR D 30 -24.13 -16.33 25.63
N HIS D 31 -25.04 -17.22 25.99
CA HIS D 31 -25.61 -18.18 25.05
C HIS D 31 -27.12 -18.28 25.31
N TRP D 32 -27.75 -19.25 24.67
CA TRP D 32 -29.17 -19.51 24.86
C TRP D 32 -29.40 -21.01 24.76
N TYR D 33 -30.31 -21.52 25.59
CA TYR D 33 -30.57 -22.95 25.67
C TYR D 33 -32.06 -23.23 25.60
N GLN D 34 -32.40 -24.39 25.04
CA GLN D 34 -33.77 -24.87 24.96
C GLN D 34 -33.83 -26.28 25.51
N GLN D 35 -34.79 -26.52 26.41
CA GLN D 35 -34.93 -27.82 27.05
C GLN D 35 -36.39 -28.23 27.02
N LYS D 36 -36.71 -29.23 26.21
CA LYS D 36 -38.02 -29.85 26.28
C LYS D 36 -38.11 -30.68 27.57
N PRO D 37 -39.31 -30.79 28.15
CA PRO D 37 -39.46 -31.59 29.39
C PRO D 37 -39.23 -33.07 29.10
N GLY D 38 -38.29 -33.65 29.84
CA GLY D 38 -37.97 -35.06 29.68
C GLY D 38 -36.86 -35.37 28.71
N LYS D 39 -36.07 -34.38 28.30
CA LYS D 39 -34.99 -34.62 27.36
C LYS D 39 -33.83 -33.68 27.68
N ALA D 40 -32.66 -34.02 27.14
CA ALA D 40 -31.47 -33.20 27.36
C ALA D 40 -31.60 -31.88 26.61
N PRO D 41 -31.08 -30.78 27.17
CA PRO D 41 -31.14 -29.49 26.48
C PRO D 41 -30.17 -29.45 25.31
N LYS D 42 -30.30 -28.38 24.53
CA LYS D 42 -29.44 -28.14 23.37
C LYS D 42 -29.07 -26.66 23.33
N LEU D 43 -28.21 -26.32 22.39
CA LEU D 43 -27.74 -24.95 22.21
C LEU D 43 -28.32 -24.38 20.92
N LEU D 44 -29.03 -23.27 21.03
CA LEU D 44 -29.64 -22.63 19.86
C LEU D 44 -28.70 -21.59 19.24
N ILE D 45 -28.34 -20.57 20.01
CA ILE D 45 -27.46 -19.51 19.55
C ILE D 45 -26.36 -19.30 20.59
N TYR D 46 -25.12 -19.18 20.12
CA TYR D 46 -23.97 -18.96 20.98
C TYR D 46 -23.34 -17.61 20.63
N ALA D 47 -22.80 -16.96 21.66
CA ALA D 47 -22.26 -15.60 21.60
C ALA D 47 -23.30 -14.57 21.17
N ALA D 48 -24.59 -14.91 21.32
CA ALA D 48 -25.75 -14.05 21.08
C ALA D 48 -25.84 -13.52 19.66
N SER D 49 -25.08 -14.07 18.71
CA SER D 49 -25.10 -13.56 17.35
C SER D 49 -25.10 -14.62 16.27
N SER D 50 -24.78 -15.88 16.56
CA SER D 50 -24.67 -16.92 15.54
C SER D 50 -25.30 -18.20 16.03
N ARG D 51 -26.23 -18.75 15.24
CA ARG D 51 -26.93 -19.96 15.61
C ARG D 51 -26.01 -21.17 15.55
N GLY D 52 -26.40 -22.22 16.29
CA GLY D 52 -25.65 -23.45 16.34
C GLY D 52 -26.14 -24.46 15.33
N SER D 53 -25.58 -25.67 15.44
CA SER D 53 -25.95 -26.76 14.55
C SER D 53 -27.34 -27.29 14.90
N GLY D 54 -28.08 -27.68 13.87
CA GLY D 54 -29.43 -28.18 14.06
C GLY D 54 -30.42 -27.13 14.54
N VAL D 55 -30.29 -25.90 14.07
CA VAL D 55 -31.15 -24.79 14.48
C VAL D 55 -31.79 -24.22 13.23
N PRO D 56 -33.11 -24.06 13.18
CA PRO D 56 -33.74 -23.46 12.00
C PRO D 56 -33.46 -21.97 11.92
N SER D 57 -33.86 -21.40 10.78
CA SER D 57 -33.59 -20.00 10.49
C SER D 57 -34.53 -19.03 11.19
N ARG D 58 -35.55 -19.53 11.90
CA ARG D 58 -36.51 -18.67 12.57
C ARG D 58 -36.04 -18.20 13.94
N PHE D 59 -34.86 -18.63 14.40
CA PHE D 59 -34.33 -18.22 15.69
C PHE D 59 -33.24 -17.17 15.48
N SER D 60 -33.40 -16.02 16.11
CA SER D 60 -32.45 -14.92 15.99
C SER D 60 -32.23 -14.28 17.36
N GLY D 61 -31.04 -13.73 17.54
CA GLY D 61 -30.70 -13.07 18.79
C GLY D 61 -30.09 -11.71 18.54
N SER D 62 -30.11 -10.89 19.59
CA SER D 62 -29.59 -9.53 19.51
C SER D 62 -28.80 -9.21 20.77
N GLY D 63 -27.85 -8.30 20.64
CA GLY D 63 -27.05 -7.87 21.77
C GLY D 63 -26.90 -6.37 21.85
N SER D 64 -27.36 -5.77 22.95
CA SER D 64 -27.30 -4.32 23.14
C SER D 64 -26.84 -4.05 24.57
N GLY D 65 -25.52 -3.89 24.74
CA GLY D 65 -24.95 -3.65 26.05
C GLY D 65 -25.11 -4.82 26.99
N THR D 66 -25.90 -4.62 28.06
CA THR D 66 -26.21 -5.68 29.01
C THR D 66 -27.58 -6.31 28.74
N ASP D 67 -28.22 -5.96 27.63
CA ASP D 67 -29.53 -6.48 27.28
C ASP D 67 -29.40 -7.44 26.11
N PHE D 68 -29.93 -8.65 26.27
CA PHE D 68 -29.88 -9.68 25.24
C PHE D 68 -31.28 -10.23 25.02
N THR D 69 -31.73 -10.22 23.76
CA THR D 69 -33.06 -10.65 23.39
C THR D 69 -32.97 -11.84 22.44
N LEU D 70 -33.75 -12.87 22.71
CA LEU D 70 -33.89 -14.02 21.83
C LEU D 70 -35.26 -13.96 21.17
N THR D 71 -35.27 -13.83 19.85
CA THR D 71 -36.50 -13.61 19.09
C THR D 71 -36.79 -14.82 18.20
N ILE D 72 -38.05 -15.24 18.19
CA ILE D 72 -38.53 -16.31 17.32
C ILE D 72 -39.38 -15.68 16.23
N SER D 73 -39.04 -15.96 14.97
CA SER D 73 -39.76 -15.37 13.85
C SER D 73 -41.18 -15.93 13.76
N SER D 74 -41.34 -17.23 13.98
CA SER D 74 -42.65 -17.88 13.90
C SER D 74 -42.70 -19.00 14.92
N LEU D 75 -43.69 -18.96 15.81
CA LEU D 75 -43.84 -20.01 16.80
C LEU D 75 -44.36 -21.28 16.15
N GLN D 76 -43.87 -22.43 16.64
CA GLN D 76 -44.22 -23.73 16.09
C GLN D 76 -44.77 -24.63 17.19
N PRO D 77 -45.64 -25.58 16.85
CA PRO D 77 -46.12 -26.53 17.86
C PRO D 77 -45.03 -27.44 18.41
N GLU D 78 -43.92 -27.61 17.70
CA GLU D 78 -42.81 -28.42 18.16
C GLU D 78 -41.79 -27.63 18.97
N ASP D 79 -42.05 -26.34 19.22
CA ASP D 79 -41.14 -25.48 19.97
C ASP D 79 -41.62 -25.22 21.39
N PHE D 80 -42.45 -26.09 21.94
CA PHE D 80 -42.93 -25.95 23.31
C PHE D 80 -41.85 -26.50 24.24
N ALA D 81 -41.10 -25.58 24.85
CA ALA D 81 -40.01 -25.95 25.75
C ALA D 81 -39.67 -24.75 26.62
N THR D 82 -38.93 -25.03 27.70
CA THR D 82 -38.47 -23.99 28.60
C THR D 82 -37.12 -23.47 28.13
N TYR D 83 -37.00 -22.14 28.05
CA TYR D 83 -35.81 -21.48 27.54
C TYR D 83 -34.94 -21.00 28.70
N TYR D 84 -33.63 -21.17 28.55
CA TYR D 84 -32.68 -20.82 29.60
C TYR D 84 -31.61 -19.88 29.04
N CYS D 85 -31.17 -18.95 29.88
CA CYS D 85 -30.17 -17.94 29.50
C CYS D 85 -28.98 -18.09 30.42
N GLN D 86 -27.79 -18.23 29.84
CA GLN D 86 -26.55 -18.40 30.59
C GLN D 86 -25.54 -17.37 30.10
N GLN D 87 -24.89 -16.68 31.05
CA GLN D 87 -23.89 -15.68 30.68
C GLN D 87 -22.49 -16.29 30.66
N SER D 88 -21.98 -16.70 31.82
CA SER D 88 -20.76 -17.48 31.81
C SER D 88 -20.83 -18.72 32.68
N ARG D 89 -21.43 -18.62 33.87
CA ARG D 89 -21.59 -19.77 34.74
C ARG D 89 -22.94 -19.80 35.45
N THR D 90 -23.78 -18.78 35.26
CA THR D 90 -25.06 -18.68 35.95
C THR D 90 -26.18 -18.80 34.93
N PHE D 91 -27.14 -19.67 35.22
CA PHE D 91 -28.27 -19.91 34.34
C PHE D 91 -29.50 -19.17 34.85
N GLY D 92 -30.38 -18.79 33.92
CA GLY D 92 -31.60 -18.13 34.27
C GLY D 92 -32.60 -19.06 34.92
N GLN D 93 -33.62 -18.46 35.54
CA GLN D 93 -34.65 -19.25 36.22
C GLN D 93 -35.54 -20.00 35.24
N GLY D 94 -35.57 -19.57 33.98
CA GLY D 94 -36.36 -20.26 32.98
C GLY D 94 -37.35 -19.36 32.26
N THR D 95 -37.80 -19.80 31.09
CA THR D 95 -38.80 -19.07 30.31
C THR D 95 -39.68 -20.09 29.61
N LYS D 96 -40.91 -20.26 30.11
CA LYS D 96 -41.83 -21.26 29.58
C LYS D 96 -42.71 -20.60 28.53
N VAL D 97 -42.54 -21.01 27.28
CA VAL D 97 -43.41 -20.57 26.19
C VAL D 97 -44.37 -21.70 25.86
N GLU D 98 -45.57 -21.33 25.42
CA GLU D 98 -46.61 -22.32 25.13
C GLU D 98 -47.35 -21.90 23.88
N ILE D 99 -47.83 -22.90 23.14
CA ILE D 99 -48.59 -22.66 21.92
C ILE D 99 -50.06 -22.44 22.23
N THR E 28 -14.28 18.85 41.76
CA THR E 28 -13.02 19.42 42.24
C THR E 28 -11.85 18.92 41.40
N LEU E 29 -11.36 19.79 40.51
CA LEU E 29 -10.24 19.50 39.62
C LEU E 29 -10.51 18.24 38.80
N CYS E 30 -11.72 18.13 38.28
CA CYS E 30 -12.07 17.03 37.40
C CYS E 30 -11.50 17.27 36.01
N LEU E 31 -11.54 16.22 35.19
CA LEU E 31 -11.07 16.29 33.81
C LEU E 31 -12.19 15.86 32.86
N GLY E 32 -12.25 16.55 31.72
CA GLY E 32 -13.26 16.26 30.72
C GLY E 32 -12.73 16.57 29.34
N HIS E 33 -13.60 16.38 28.34
CA HIS E 33 -13.21 16.60 26.96
C HIS E 33 -14.42 17.07 26.15
N HIS E 34 -14.14 17.69 25.01
CA HIS E 34 -15.17 18.29 24.18
C HIS E 34 -16.03 17.21 23.51
N ALA E 35 -17.33 17.48 23.43
CA ALA E 35 -18.28 16.56 22.84
C ALA E 35 -19.22 17.32 21.91
N VAL E 36 -19.82 16.60 20.98
CA VAL E 36 -20.72 17.20 20.00
C VAL E 36 -22.05 16.43 20.02
N PRO E 37 -23.19 17.12 19.94
CA PRO E 37 -24.48 16.39 19.84
C PRO E 37 -24.60 15.57 18.56
N ASN E 38 -24.00 16.00 17.47
CA ASN E 38 -24.13 15.32 16.19
C ASN E 38 -22.77 15.33 15.47
N GLY E 39 -22.00 14.26 15.66
CA GLY E 39 -20.76 14.08 14.95
C GLY E 39 -20.92 13.17 13.74
N THR E 40 -19.81 12.97 13.04
CA THR E 40 -19.78 12.10 11.87
C THR E 40 -19.09 10.79 12.21
N ILE E 41 -19.06 9.88 11.24
CA ILE E 41 -18.55 8.54 11.41
C ILE E 41 -17.42 8.31 10.42
N VAL E 42 -16.26 7.91 10.92
CA VAL E 42 -15.12 7.59 10.09
C VAL E 42 -14.84 6.09 10.21
N LYS E 43 -13.95 5.60 9.36
CA LYS E 43 -13.53 4.20 9.37
C LYS E 43 -12.07 4.10 9.78
N THR E 44 -11.79 3.18 10.70
CA THR E 44 -10.44 2.96 11.20
C THR E 44 -10.08 1.49 11.00
N ILE E 45 -8.90 1.11 11.50
CA ILE E 45 -8.41 -0.26 11.34
C ILE E 45 -9.26 -1.24 12.14
N THR E 46 -9.51 -0.92 13.41
CA THR E 46 -10.22 -1.85 14.28
C THR E 46 -11.73 -1.78 14.08
N ASN E 47 -12.32 -0.62 14.34
CA ASN E 47 -13.76 -0.46 14.25
C ASN E 47 -14.16 0.07 12.89
N ASP E 48 -15.47 0.00 12.62
CA ASP E 48 -16.03 0.49 11.36
C ASP E 48 -16.92 1.69 11.51
N GLN E 49 -17.57 1.87 12.66
CA GLN E 49 -18.55 2.91 12.89
C GLN E 49 -18.22 3.74 14.12
N ILE E 50 -16.96 4.16 14.21
CA ILE E 50 -16.53 4.98 15.35
C ILE E 50 -16.96 6.42 15.14
N GLU E 51 -17.20 7.12 16.24
CA GLU E 51 -17.78 8.46 16.23
C GLU E 51 -16.69 9.49 16.55
N VAL E 52 -16.51 10.45 15.65
CA VAL E 52 -15.51 11.50 15.79
C VAL E 52 -16.20 12.85 15.73
N THR E 53 -15.73 13.79 16.56
CA THR E 53 -16.38 15.10 16.66
C THR E 53 -16.32 15.87 15.34
N ASN E 54 -15.15 15.93 14.73
CA ASN E 54 -14.96 16.69 13.50
C ASN E 54 -14.18 15.87 12.48
N ALA E 55 -14.74 15.73 11.28
CA ALA E 55 -14.10 15.02 10.19
C ALA E 55 -14.16 15.86 8.93
N THR E 56 -13.12 15.78 8.12
CA THR E 56 -13.01 16.56 6.89
C THR E 56 -13.08 15.65 5.68
N GLU E 57 -13.78 16.11 4.64
CA GLU E 57 -13.87 15.36 3.39
C GLU E 57 -12.52 15.32 2.69
N LEU E 58 -12.18 14.17 2.13
CA LEU E 58 -10.91 13.98 1.43
C LEU E 58 -11.08 13.66 -0.04
N VAL E 59 -12.27 13.28 -0.50
CA VAL E 59 -12.51 12.91 -1.88
C VAL E 59 -13.37 14.00 -2.51
N GLN E 60 -12.89 14.59 -3.59
CA GLN E 60 -13.63 15.62 -4.31
C GLN E 60 -14.64 14.97 -5.24
N ASN E 61 -15.93 15.22 -4.99
CA ASN E 61 -17.01 14.61 -5.76
C ASN E 61 -17.88 15.65 -6.46
N SER E 62 -17.35 16.84 -6.70
CA SER E 62 -18.10 17.90 -7.35
C SER E 62 -17.25 18.59 -8.39
N SER E 63 -17.90 19.18 -9.38
CA SER E 63 -17.23 19.87 -10.48
C SER E 63 -17.82 21.25 -10.65
N ILE E 64 -17.02 22.15 -11.23
CA ILE E 64 -17.48 23.51 -11.52
C ILE E 64 -18.57 23.47 -12.59
N GLY E 65 -18.32 22.73 -13.67
CA GLY E 65 -19.27 22.57 -14.75
C GLY E 65 -18.76 23.02 -16.10
N GLU E 66 -17.69 23.80 -16.15
CA GLU E 66 -17.13 24.29 -17.41
C GLU E 66 -15.62 24.11 -17.41
N ILE E 67 -15.07 23.92 -18.60
CA ILE E 67 -13.63 23.75 -18.77
C ILE E 67 -13.01 25.12 -18.97
N CYS E 68 -12.15 25.51 -18.04
CA CYS E 68 -11.52 26.82 -18.04
C CYS E 68 -10.10 26.73 -18.58
N ASP E 69 -9.63 27.84 -19.16
CA ASP E 69 -8.44 27.84 -20.01
C ASP E 69 -7.41 28.87 -19.57
N SER E 70 -7.34 29.17 -18.28
CA SER E 70 -6.34 30.17 -17.88
C SER E 70 -4.92 29.62 -17.77
N PRO E 71 -4.63 28.43 -17.16
CA PRO E 71 -3.23 27.99 -17.13
C PRO E 71 -2.80 27.30 -18.42
N HIS E 72 -3.72 26.57 -19.05
CA HIS E 72 -3.44 25.80 -20.25
C HIS E 72 -4.14 26.41 -21.44
N GLN E 73 -3.46 26.40 -22.59
CA GLN E 73 -4.06 26.89 -23.83
C GLN E 73 -5.01 25.81 -24.36
N ILE E 74 -6.31 26.04 -24.20
CA ILE E 74 -7.34 25.09 -24.58
C ILE E 74 -7.94 25.51 -25.91
N LEU E 75 -7.97 24.59 -26.86
CA LEU E 75 -8.55 24.82 -28.17
C LEU E 75 -9.89 24.10 -28.28
N ASP E 76 -10.94 24.85 -28.60
CA ASP E 76 -12.28 24.28 -28.68
C ASP E 76 -12.46 23.51 -29.98
N GLY E 77 -13.37 22.53 -29.95
CA GLY E 77 -13.63 21.71 -31.11
C GLY E 77 -14.49 22.39 -32.15
N GLU E 78 -15.69 22.83 -31.74
CA GLU E 78 -16.68 23.48 -32.62
C GLU E 78 -17.02 22.58 -33.81
N ASN E 79 -17.64 21.45 -33.47
CA ASN E 79 -17.99 20.32 -34.34
C ASN E 79 -16.91 19.98 -35.37
N CYS E 80 -15.66 19.98 -34.93
CA CYS E 80 -14.53 19.60 -35.76
C CYS E 80 -13.62 18.68 -34.96
N THR E 81 -13.28 17.53 -35.53
CA THR E 81 -12.35 16.61 -34.88
C THR E 81 -10.92 16.95 -35.29
N LEU E 82 -9.96 16.25 -34.69
CA LEU E 82 -8.55 16.55 -34.95
C LEU E 82 -8.14 16.12 -36.35
N ILE E 83 -8.66 14.99 -36.82
CA ILE E 83 -8.28 14.48 -38.14
C ILE E 83 -8.82 15.37 -39.24
N ASP E 84 -10.06 15.87 -39.07
CA ASP E 84 -10.63 16.78 -40.06
C ASP E 84 -9.87 18.10 -40.12
N ALA E 85 -9.47 18.62 -38.95
CA ALA E 85 -8.70 19.87 -38.94
C ALA E 85 -7.29 19.65 -39.47
N LEU E 86 -6.77 18.43 -39.36
CA LEU E 86 -5.43 18.14 -39.87
C LEU E 86 -5.41 18.13 -41.40
N LEU E 87 -6.42 17.54 -42.02
CA LEU E 87 -6.43 17.42 -43.48
C LEU E 87 -6.89 18.69 -44.17
N GLY E 88 -7.50 19.62 -43.45
CA GLY E 88 -8.01 20.83 -44.07
C GLY E 88 -9.47 20.74 -44.47
N ASP E 89 -10.32 20.36 -43.53
CA ASP E 89 -11.75 20.36 -43.75
C ASP E 89 -12.22 21.80 -43.94
N PRO E 90 -12.95 22.11 -45.02
CA PRO E 90 -13.40 23.50 -45.24
C PRO E 90 -14.27 24.06 -44.13
N GLN E 91 -15.03 23.22 -43.42
CA GLN E 91 -15.76 23.71 -42.25
C GLN E 91 -14.87 23.85 -41.03
N CYS E 92 -13.61 23.41 -41.10
CA CYS E 92 -12.65 23.52 -40.01
C CYS E 92 -11.45 24.36 -40.44
N ASP E 93 -11.70 25.38 -41.25
CA ASP E 93 -10.62 26.23 -41.75
C ASP E 93 -10.05 27.16 -40.68
N GLY E 94 -10.74 27.34 -39.56
CA GLY E 94 -10.25 28.20 -38.50
C GLY E 94 -9.06 27.62 -37.74
N PHE E 95 -8.90 26.31 -37.78
CA PHE E 95 -7.78 25.64 -37.11
C PHE E 95 -6.61 25.43 -38.06
N GLN E 96 -6.09 26.55 -38.58
CA GLN E 96 -4.94 26.53 -39.48
C GLN E 96 -3.74 27.15 -38.77
N ASN E 97 -2.64 26.40 -38.74
CA ASN E 97 -1.40 26.81 -38.08
C ASN E 97 -1.62 27.17 -36.62
N LYS E 98 -2.46 26.38 -35.94
CA LYS E 98 -2.80 26.61 -34.55
C LYS E 98 -2.12 25.57 -33.67
N LYS E 99 -1.80 25.97 -32.44
CA LYS E 99 -1.21 25.10 -31.45
C LYS E 99 -2.03 25.15 -30.17
N TRP E 100 -1.94 24.08 -29.39
CA TRP E 100 -2.78 23.94 -28.20
C TRP E 100 -2.03 23.19 -27.12
N ASP E 101 -2.53 23.32 -25.90
CA ASP E 101 -2.06 22.51 -24.78
C ASP E 101 -2.98 21.32 -24.48
N LEU E 102 -4.24 21.40 -24.92
CA LEU E 102 -5.17 20.29 -24.76
C LEU E 102 -6.31 20.48 -25.76
N PHE E 103 -6.45 19.55 -26.69
CA PHE E 103 -7.51 19.61 -27.69
C PHE E 103 -8.78 19.00 -27.11
N VAL E 104 -9.90 19.69 -27.32
CA VAL E 104 -11.20 19.24 -26.85
C VAL E 104 -12.04 18.87 -28.06
N GLU E 105 -12.53 17.64 -28.10
CA GLU E 105 -13.35 17.13 -29.18
C GLU E 105 -14.80 17.07 -28.71
N ARG E 106 -15.69 17.76 -29.43
CA ARG E 106 -17.09 17.77 -29.06
C ARG E 106 -17.76 16.46 -29.51
N SER E 107 -18.88 16.15 -28.87
CA SER E 107 -19.64 14.96 -29.21
C SER E 107 -20.54 15.16 -30.43
N LYS E 108 -20.65 16.38 -30.94
CA LYS E 108 -21.44 16.68 -32.13
C LYS E 108 -20.59 16.90 -33.37
N ALA E 109 -19.35 16.41 -33.35
CA ALA E 109 -18.45 16.62 -34.48
C ALA E 109 -18.89 15.81 -35.69
N TYR E 110 -18.96 16.47 -36.85
CA TYR E 110 -19.36 15.83 -38.08
C TYR E 110 -18.43 16.31 -39.20
N SER E 111 -18.30 15.49 -40.23
CA SER E 111 -17.44 15.78 -41.37
C SER E 111 -18.30 15.99 -42.61
N ASN E 112 -18.10 17.11 -43.28
CA ASN E 112 -18.75 17.41 -44.55
C ASN E 112 -17.67 17.66 -45.59
N CYS E 113 -17.15 16.56 -46.14
CA CYS E 113 -16.16 16.60 -47.21
C CYS E 113 -16.16 15.24 -47.90
N TYR E 114 -15.11 14.96 -48.67
CA TYR E 114 -14.98 13.68 -49.32
C TYR E 114 -14.86 12.56 -48.27
N PRO E 115 -15.51 11.42 -48.48
CA PRO E 115 -15.46 10.35 -47.48
C PRO E 115 -14.08 9.70 -47.42
N TYR E 116 -13.45 9.79 -46.25
CA TYR E 116 -12.14 9.21 -46.01
C TYR E 116 -12.25 8.10 -44.98
N ASP E 117 -11.19 7.32 -44.87
CA ASP E 117 -11.15 6.20 -43.93
C ASP E 117 -9.69 5.91 -43.59
N VAL E 118 -9.30 6.25 -42.37
CA VAL E 118 -7.92 6.02 -41.92
C VAL E 118 -7.81 4.55 -41.48
N PRO E 119 -6.87 3.79 -42.04
CA PRO E 119 -6.68 2.39 -41.57
C PRO E 119 -6.29 2.29 -40.11
N ASP E 120 -5.53 3.25 -39.60
CA ASP E 120 -5.14 3.29 -38.18
C ASP E 120 -5.58 4.65 -37.64
N TYR E 121 -6.82 4.73 -37.19
CA TYR E 121 -7.37 6.02 -36.74
C TYR E 121 -6.77 6.43 -35.41
N ALA E 122 -6.62 5.48 -34.48
CA ALA E 122 -6.16 5.82 -33.14
C ALA E 122 -4.67 6.15 -33.12
N SER E 123 -3.88 5.57 -34.03
CA SER E 123 -2.45 5.84 -34.08
C SER E 123 -2.18 7.25 -34.58
N LEU E 124 -2.88 7.67 -35.64
CA LEU E 124 -2.69 9.02 -36.17
C LEU E 124 -3.25 10.06 -35.22
N ARG E 125 -4.36 9.76 -34.54
CA ARG E 125 -4.95 10.69 -33.59
C ARG E 125 -4.10 10.87 -32.35
N SER E 126 -3.24 9.90 -32.03
CA SER E 126 -2.46 9.99 -30.80
C SER E 126 -1.19 10.81 -31.00
N LEU E 127 -0.45 10.54 -32.08
CA LEU E 127 0.82 11.23 -32.29
C LEU E 127 0.61 12.69 -32.68
N VAL E 128 -0.47 12.99 -33.39
CA VAL E 128 -0.77 14.38 -33.74
C VAL E 128 -1.17 15.17 -32.49
N ALA E 129 -2.01 14.57 -31.64
CA ALA E 129 -2.43 15.24 -30.42
C ALA E 129 -1.28 15.41 -29.43
N SER E 130 -0.35 14.45 -29.40
CA SER E 130 0.81 14.58 -28.52
C SER E 130 1.74 15.71 -28.97
N SER E 131 1.82 15.97 -30.28
CA SER E 131 2.60 17.10 -30.76
C SER E 131 1.96 18.43 -30.37
N GLY E 132 0.65 18.55 -30.55
CA GLY E 132 -0.05 19.76 -30.17
C GLY E 132 0.20 20.95 -31.06
N THR E 133 0.62 20.74 -32.30
CA THR E 133 0.85 21.85 -33.21
C THR E 133 0.57 21.41 -34.63
N LEU E 134 0.22 22.38 -35.47
CA LEU E 134 -0.15 22.15 -36.87
C LEU E 134 0.53 23.16 -37.78
N GLU E 135 1.83 23.37 -37.60
CA GLU E 135 2.56 24.29 -38.47
C GLU E 135 2.77 23.68 -39.84
N PHE E 136 1.77 23.84 -40.72
CA PHE E 136 1.88 23.32 -42.07
C PHE E 136 2.73 24.25 -42.92
N ASN E 137 3.76 23.70 -43.56
CA ASN E 137 4.64 24.45 -44.43
C ASN E 137 4.57 23.86 -45.84
N ASN E 138 4.29 24.72 -46.82
CA ASN E 138 4.19 24.26 -48.19
C ASN E 138 5.57 23.91 -48.73
N GLU E 139 5.64 22.83 -49.51
CA GLU E 139 6.87 22.42 -50.17
C GLU E 139 6.60 22.25 -51.65
N SER E 140 7.53 22.72 -52.47
CA SER E 140 7.37 22.71 -53.92
C SER E 140 7.82 21.36 -54.46
N PHE E 141 6.87 20.54 -54.88
CA PHE E 141 7.15 19.25 -55.48
C PHE E 141 7.37 19.43 -56.99
N ASN E 142 7.46 18.32 -57.71
CA ASN E 142 7.72 18.34 -59.15
C ASN E 142 6.73 17.43 -59.88
N TRP E 143 5.44 17.60 -59.59
CA TRP E 143 4.41 16.84 -60.28
C TRP E 143 4.29 17.35 -61.71
N THR E 144 4.90 16.62 -62.64
CA THR E 144 4.88 16.98 -64.06
C THR E 144 4.11 15.92 -64.84
N GLY E 145 3.38 16.37 -65.85
CA GLY E 145 2.58 15.47 -66.67
C GLY E 145 1.23 15.11 -66.11
N VAL E 146 0.84 15.67 -64.97
CA VAL E 146 -0.45 15.41 -64.35
C VAL E 146 -1.13 16.74 -64.04
N THR E 147 -2.44 16.67 -63.86
CA THR E 147 -3.23 17.85 -63.51
C THR E 147 -3.51 17.84 -62.01
N GLN E 148 -2.96 18.82 -61.31
CA GLN E 148 -3.10 18.90 -59.87
C GLN E 148 -4.38 19.67 -59.51
N ASN E 149 -4.57 19.86 -58.20
CA ASN E 149 -5.70 20.63 -57.64
C ASN E 149 -7.05 20.07 -58.08
N GLY E 150 -7.19 18.76 -57.99
CA GLY E 150 -8.45 18.12 -58.31
C GLY E 150 -9.51 18.44 -57.27
N THR E 151 -10.72 18.74 -57.75
CA THR E 151 -11.83 19.12 -56.88
C THR E 151 -12.92 18.06 -56.91
N SER E 152 -13.79 18.12 -55.92
CA SER E 152 -14.92 17.19 -55.81
C SER E 152 -16.18 17.97 -55.46
N SER E 153 -17.32 17.41 -55.83
CA SER E 153 -18.60 18.05 -55.59
C SER E 153 -19.16 17.78 -54.20
N ALA E 154 -18.56 16.87 -53.44
CA ALA E 154 -19.04 16.54 -52.11
C ALA E 154 -18.33 17.32 -51.01
N CYS E 155 -17.40 18.20 -51.35
CA CYS E 155 -16.62 18.95 -50.37
C CYS E 155 -16.64 20.42 -50.81
N ILE E 156 -17.63 21.17 -50.33
CA ILE E 156 -17.92 22.51 -50.83
C ILE E 156 -17.18 23.54 -49.97
N ARG E 157 -16.47 24.45 -50.64
CA ARG E 157 -15.80 25.56 -49.97
C ARG E 157 -16.18 26.85 -50.69
N ARG E 158 -16.84 27.76 -49.97
CA ARG E 158 -17.30 29.05 -50.49
C ARG E 158 -18.17 28.88 -51.73
N SER E 159 -19.12 27.95 -51.64
CA SER E 159 -20.07 27.63 -52.72
C SER E 159 -19.35 27.23 -54.01
N ASN E 160 -18.24 26.50 -53.87
CA ASN E 160 -17.46 26.03 -54.99
C ASN E 160 -16.96 24.63 -54.69
N ASN E 161 -16.67 23.88 -55.75
CA ASN E 161 -16.11 22.54 -55.58
C ASN E 161 -14.65 22.65 -55.18
N SER E 162 -14.29 21.94 -54.11
CA SER E 162 -12.93 21.99 -53.60
C SER E 162 -12.58 20.63 -52.99
N PHE E 163 -11.44 20.58 -52.31
CA PHE E 163 -10.94 19.35 -51.72
C PHE E 163 -10.30 19.69 -50.38
N PHE E 164 -9.56 18.74 -49.81
CA PHE E 164 -8.80 19.00 -48.61
C PHE E 164 -7.67 19.98 -48.91
N SER E 165 -7.47 20.94 -48.01
CA SER E 165 -6.47 21.98 -48.24
C SER E 165 -5.05 21.48 -48.04
N ARG E 166 -4.86 20.36 -47.34
CA ARG E 166 -3.54 19.82 -47.08
C ARG E 166 -3.21 18.64 -47.98
N LEU E 167 -4.05 18.33 -48.96
CA LEU E 167 -3.81 17.24 -49.89
C LEU E 167 -3.88 17.76 -51.32
N ASN E 168 -3.52 16.90 -52.26
CA ASN E 168 -3.52 17.23 -53.68
C ASN E 168 -4.04 16.03 -54.45
N TRP E 169 -5.09 16.25 -55.24
CA TRP E 169 -5.66 15.20 -56.07
C TRP E 169 -5.03 15.25 -57.45
N LEU E 170 -4.47 14.12 -57.88
CA LEU E 170 -3.78 14.02 -59.16
C LEU E 170 -4.69 13.33 -60.18
N THR E 171 -4.79 13.93 -61.36
CA THR E 171 -5.69 13.46 -62.41
C THR E 171 -4.91 13.50 -63.72
N GLN E 172 -5.34 12.68 -64.69
CA GLN E 172 -4.63 12.52 -65.95
C GLN E 172 -4.57 13.83 -66.74
N LEU E 173 -3.53 13.95 -67.56
CA LEU E 173 -3.34 15.09 -68.44
C LEU E 173 -3.26 14.58 -69.88
N ASN E 174 -4.19 15.04 -70.71
CA ASN E 174 -4.28 14.65 -72.13
C ASN E 174 -4.35 13.13 -72.29
N PHE E 175 -5.15 12.49 -71.44
CA PHE E 175 -5.34 11.04 -71.41
C PHE E 175 -4.00 10.31 -71.22
N LYS E 176 -3.14 10.88 -70.38
CA LYS E 176 -1.85 10.29 -70.07
C LYS E 176 -1.59 10.42 -68.59
N TYR E 177 -0.73 9.54 -68.07
CA TYR E 177 -0.35 9.56 -66.66
C TYR E 177 1.02 8.92 -66.51
N PRO E 178 2.09 9.70 -66.64
CA PRO E 178 3.43 9.15 -66.44
C PRO E 178 3.67 8.82 -64.96
N ALA E 179 4.59 7.88 -64.74
CA ALA E 179 4.94 7.49 -63.39
C ALA E 179 5.67 8.62 -62.69
N LEU E 180 5.24 8.94 -61.47
CA LEU E 180 5.76 10.08 -60.73
C LEU E 180 6.86 9.62 -59.78
N ASN E 181 8.08 10.07 -60.05
CA ASN E 181 9.26 9.75 -59.23
C ASN E 181 9.80 11.06 -58.68
N VAL E 182 9.26 11.50 -57.55
CA VAL E 182 9.59 12.78 -56.96
C VAL E 182 10.15 12.55 -55.56
N THR E 183 11.33 13.09 -55.30
CA THR E 183 11.97 13.01 -53.99
C THR E 183 11.89 14.35 -53.28
N MET E 184 12.05 14.30 -51.95
CA MET E 184 12.02 15.51 -51.12
C MET E 184 12.86 15.25 -49.89
N PRO E 185 14.14 15.59 -49.93
CA PRO E 185 15.02 15.34 -48.78
C PRO E 185 14.69 16.27 -47.62
N ASN E 186 15.03 15.79 -46.42
CA ASN E 186 14.83 16.56 -45.19
C ASN E 186 16.20 17.05 -44.72
N ASN E 187 16.46 18.34 -44.90
CA ASN E 187 17.72 18.94 -44.51
C ASN E 187 17.62 19.76 -43.23
N GLU E 188 16.45 19.82 -42.61
CA GLU E 188 16.27 20.58 -41.37
C GLU E 188 16.61 19.70 -40.17
N GLN E 189 16.33 20.20 -38.97
CA GLN E 189 16.76 19.55 -37.74
C GLN E 189 15.57 19.16 -36.86
N PHE E 190 14.42 18.89 -37.47
CA PHE E 190 13.27 18.37 -36.74
C PHE E 190 12.53 17.37 -37.62
N ASP E 191 11.78 16.49 -36.97
CA ASP E 191 11.04 15.46 -37.68
C ASP E 191 9.90 16.08 -38.50
N LYS E 192 9.65 15.49 -39.67
CA LYS E 192 8.57 15.92 -40.55
C LYS E 192 7.51 14.84 -40.61
N LEU E 193 6.24 15.26 -40.63
CA LEU E 193 5.11 14.35 -40.72
C LEU E 193 4.37 14.62 -42.02
N TYR E 194 4.50 13.71 -42.98
CA TYR E 194 3.85 13.83 -44.28
C TYR E 194 2.54 13.05 -44.24
N ILE E 195 1.45 13.70 -44.65
CA ILE E 195 0.14 13.08 -44.72
C ILE E 195 -0.24 12.95 -46.18
N TRP E 196 -0.32 11.71 -46.66
CA TRP E 196 -0.71 11.42 -48.03
C TRP E 196 -1.84 10.41 -48.02
N GLY E 197 -2.44 10.19 -49.20
CA GLY E 197 -3.60 9.33 -49.28
C GLY E 197 -3.61 8.54 -50.57
N VAL E 198 -4.47 7.53 -50.59
CA VAL E 198 -4.70 6.68 -51.76
C VAL E 198 -6.20 6.65 -52.02
N HIS E 199 -6.59 6.96 -53.25
CA HIS E 199 -8.00 7.07 -53.62
C HIS E 199 -8.44 5.78 -54.31
N HIS E 200 -9.47 5.14 -53.74
CA HIS E 200 -10.04 3.94 -54.32
C HIS E 200 -11.23 4.31 -55.19
N PRO E 201 -11.22 3.99 -56.48
CA PRO E 201 -12.40 4.25 -57.32
C PRO E 201 -13.48 3.21 -57.07
N VAL E 202 -14.56 3.31 -57.84
CA VAL E 202 -15.71 2.43 -57.68
C VAL E 202 -15.81 1.43 -58.82
N THR E 203 -15.51 1.84 -60.05
CA THR E 203 -15.60 0.97 -61.22
C THR E 203 -14.30 1.07 -62.01
N ASP E 204 -14.11 0.11 -62.92
CA ASP E 204 -12.99 0.16 -63.85
C ASP E 204 -13.14 1.30 -64.85
N LYS E 205 -14.36 1.72 -65.15
CA LYS E 205 -14.57 2.86 -66.03
C LYS E 205 -14.05 4.14 -65.42
N ASP E 206 -14.30 4.35 -64.12
CA ASP E 206 -13.82 5.56 -63.46
C ASP E 206 -12.30 5.54 -63.28
N GLN E 207 -11.72 4.36 -63.09
CA GLN E 207 -10.27 4.25 -62.98
C GLN E 207 -9.58 4.62 -64.30
N ILE E 208 -10.12 4.14 -65.42
CA ILE E 208 -9.55 4.49 -66.72
C ILE E 208 -9.78 5.96 -67.04
N PHE E 209 -10.95 6.49 -66.65
CA PHE E 209 -11.25 7.90 -66.92
C PHE E 209 -10.37 8.83 -66.11
N LEU E 210 -10.02 8.45 -64.89
CA LEU E 210 -9.26 9.34 -64.01
C LEU E 210 -7.76 9.20 -64.16
N TYR E 211 -7.25 7.97 -64.19
CA TYR E 211 -5.81 7.73 -64.13
C TYR E 211 -5.25 7.02 -65.37
N ALA E 212 -6.09 6.64 -66.32
CA ALA E 212 -5.72 6.07 -67.62
C ALA E 212 -4.93 4.77 -67.51
N GLN E 213 -4.90 4.13 -66.35
CA GLN E 213 -4.20 2.86 -66.17
C GLN E 213 -5.08 1.95 -65.33
N SER E 214 -5.26 0.71 -65.79
CA SER E 214 -6.19 -0.21 -65.16
C SER E 214 -5.67 -0.78 -63.84
N SER E 215 -4.40 -0.56 -63.50
CA SER E 215 -3.83 -1.09 -62.26
C SER E 215 -2.84 -0.07 -61.72
N GLY E 216 -3.24 0.62 -60.64
CA GLY E 216 -2.37 1.57 -59.98
C GLY E 216 -1.63 0.96 -58.81
N ARG E 217 -0.57 1.63 -58.41
CA ARG E 217 0.23 1.19 -57.27
C ARG E 217 0.96 2.40 -56.69
N ILE E 218 1.01 2.47 -55.36
CA ILE E 218 1.63 3.59 -54.66
C ILE E 218 2.71 3.03 -53.75
N THR E 219 3.93 3.57 -53.87
CA THR E 219 5.05 3.17 -53.03
C THR E 219 5.69 4.43 -52.45
N VAL E 220 5.58 4.60 -51.14
CA VAL E 220 6.22 5.70 -50.42
C VAL E 220 7.23 5.08 -49.47
N SER E 221 8.51 5.41 -49.67
CA SER E 221 9.58 4.76 -48.93
C SER E 221 10.60 5.80 -48.47
N THR E 222 11.19 5.53 -47.31
CA THR E 222 12.30 6.30 -46.76
C THR E 222 13.50 5.38 -46.63
N LYS E 223 14.55 5.88 -45.98
CA LYS E 223 15.76 5.08 -45.80
C LYS E 223 15.51 3.90 -44.86
N ARG E 224 14.74 4.10 -43.80
CA ARG E 224 14.54 3.07 -42.79
C ARG E 224 13.18 2.40 -42.86
N SER E 225 12.28 2.85 -43.74
CA SER E 225 10.95 2.27 -43.81
C SER E 225 10.42 2.40 -45.23
N GLN E 226 9.41 1.59 -45.54
CA GLN E 226 8.76 1.62 -46.83
C GLN E 226 7.30 1.25 -46.66
N GLN E 227 6.42 1.93 -47.39
CA GLN E 227 5.00 1.66 -47.39
C GLN E 227 4.55 1.46 -48.82
N ALA E 228 3.91 0.31 -49.10
CA ALA E 228 3.42 -0.01 -50.43
C ALA E 228 1.99 -0.52 -50.30
N VAL E 229 1.05 0.21 -50.86
CA VAL E 229 -0.36 -0.15 -50.82
C VAL E 229 -0.94 -0.09 -52.23
N ILE E 230 -1.72 -1.11 -52.58
CA ILE E 230 -2.36 -1.19 -53.89
C ILE E 230 -3.83 -0.82 -53.72
N PRO E 231 -4.38 0.04 -54.58
CA PRO E 231 -5.80 0.39 -54.45
C PRO E 231 -6.71 -0.79 -54.76
N ASN E 232 -7.87 -0.79 -54.10
CA ASN E 232 -8.87 -1.84 -54.27
C ASN E 232 -10.13 -1.22 -54.85
N ILE E 233 -10.37 -1.48 -56.13
CA ILE E 233 -11.56 -0.97 -56.80
C ILE E 233 -12.77 -1.77 -56.36
N GLY E 234 -13.83 -1.08 -55.96
CA GLY E 234 -15.04 -1.75 -55.51
C GLY E 234 -16.07 -0.74 -55.07
N TYR E 235 -17.26 -1.25 -54.81
CA TYR E 235 -18.38 -0.43 -54.38
C TYR E 235 -18.42 -0.30 -52.86
N ARG E 236 -18.92 0.83 -52.40
CA ARG E 236 -19.08 1.13 -50.99
C ARG E 236 -20.43 1.78 -50.78
N PRO E 237 -20.98 1.74 -49.56
CA PRO E 237 -22.21 2.49 -49.29
C PRO E 237 -22.00 3.98 -49.51
N ARG E 238 -23.02 4.63 -50.08
CA ARG E 238 -22.89 6.02 -50.49
C ARG E 238 -22.98 6.94 -49.28
N ILE E 239 -22.01 7.84 -49.17
CA ILE E 239 -22.00 8.90 -48.18
C ILE E 239 -21.90 10.22 -48.92
N ARG E 240 -22.90 11.08 -48.72
CA ARG E 240 -23.01 12.37 -49.43
C ARG E 240 -22.96 12.18 -50.95
N ASN E 241 -23.67 11.14 -51.42
CA ASN E 241 -23.77 10.78 -52.84
C ASN E 241 -22.39 10.51 -53.46
N ILE E 242 -21.51 9.88 -52.68
CA ILE E 242 -20.20 9.48 -53.15
C ILE E 242 -19.98 8.03 -52.72
N PRO E 243 -19.79 7.09 -53.65
CA PRO E 243 -19.54 5.70 -53.26
C PRO E 243 -18.09 5.29 -53.17
N SER E 244 -17.15 6.23 -53.28
CA SER E 244 -15.72 5.91 -53.23
C SER E 244 -15.16 6.24 -51.84
N ARG E 245 -13.94 5.78 -51.61
CA ARG E 245 -13.28 5.94 -50.33
C ARG E 245 -11.84 6.38 -50.55
N ILE E 246 -11.27 7.01 -49.52
CA ILE E 246 -9.88 7.43 -49.52
C ILE E 246 -9.22 6.90 -48.26
N SER E 247 -8.12 6.17 -48.42
CA SER E 247 -7.33 5.71 -47.29
C SER E 247 -6.15 6.65 -47.09
N ILE E 248 -5.91 7.02 -45.83
CA ILE E 248 -4.94 8.04 -45.48
C ILE E 248 -3.83 7.41 -44.66
N TYR E 249 -2.59 7.61 -45.09
CA TYR E 249 -1.41 7.10 -44.41
C TYR E 249 -0.49 8.25 -44.05
N TRP E 250 0.36 8.03 -43.05
CA TRP E 250 1.32 9.03 -42.61
C TRP E 250 2.72 8.47 -42.63
N THR E 251 3.69 9.33 -42.94
CA THR E 251 5.10 8.95 -42.99
C THR E 251 5.91 9.97 -42.18
N ILE E 252 6.78 9.47 -41.32
CA ILE E 252 7.64 10.32 -40.48
C ILE E 252 9.05 10.26 -41.04
N VAL E 253 9.62 11.44 -41.32
CA VAL E 253 10.93 11.55 -41.93
C VAL E 253 11.90 12.11 -40.90
N LYS E 254 12.96 11.37 -40.63
CA LYS E 254 14.00 11.78 -39.70
C LYS E 254 14.88 12.87 -40.31
N PRO E 255 15.59 13.64 -39.49
CA PRO E 255 16.59 14.57 -40.04
C PRO E 255 17.70 13.81 -40.74
N GLY E 256 17.99 14.22 -41.97
CA GLY E 256 18.94 13.54 -42.82
C GLY E 256 18.33 12.47 -43.71
N ASP E 257 17.12 12.03 -43.41
CA ASP E 257 16.43 11.04 -44.23
C ASP E 257 15.89 11.67 -45.51
N ILE E 258 15.61 10.81 -46.49
CA ILE E 258 15.13 11.24 -47.80
C ILE E 258 13.80 10.56 -48.06
N LEU E 259 12.78 11.36 -48.36
CA LEU E 259 11.45 10.83 -48.68
C LEU E 259 11.35 10.64 -50.19
N LEU E 260 11.02 9.43 -50.61
CA LEU E 260 10.85 9.09 -52.02
C LEU E 260 9.43 8.59 -52.23
N ILE E 261 8.70 9.26 -53.12
CA ILE E 261 7.32 8.91 -53.43
C ILE E 261 7.26 8.47 -54.88
N ASN E 262 6.88 7.21 -55.10
CA ASN E 262 6.73 6.66 -56.44
C ASN E 262 5.35 6.06 -56.58
N SER E 263 4.64 6.44 -57.64
CA SER E 263 3.31 5.93 -57.89
C SER E 263 3.01 6.01 -59.38
N THR E 264 2.01 5.24 -59.80
CA THR E 264 1.57 5.24 -61.19
C THR E 264 0.08 5.53 -61.33
N GLY E 265 -0.57 5.97 -60.26
CA GLY E 265 -1.98 6.32 -60.31
C GLY E 265 -2.62 6.15 -58.94
N ASN E 266 -3.82 6.73 -58.82
CA ASN E 266 -4.65 6.66 -57.60
C ASN E 266 -3.90 7.18 -56.37
N LEU E 267 -3.14 8.26 -56.55
CA LEU E 267 -2.35 8.84 -55.48
C LEU E 267 -2.91 10.20 -55.10
N ILE E 268 -3.15 10.40 -53.80
CA ILE E 268 -3.50 11.69 -53.25
C ILE E 268 -2.20 12.28 -52.70
N ALA E 269 -1.59 13.16 -53.48
CA ALA E 269 -0.27 13.67 -53.13
C ALA E 269 -0.36 14.66 -51.96
N PRO E 270 0.63 14.67 -51.07
CA PRO E 270 0.68 15.69 -50.03
C PRO E 270 1.10 17.03 -50.58
N ARG E 271 0.76 18.09 -49.84
CA ARG E 271 1.16 19.44 -50.20
C ARG E 271 2.34 19.95 -49.39
N GLY E 272 2.59 19.38 -48.22
CA GLY E 272 3.70 19.82 -47.40
C GLY E 272 3.79 18.97 -46.14
N TYR E 273 4.83 19.25 -45.36
CA TYR E 273 5.08 18.51 -44.14
C TYR E 273 4.42 19.18 -42.94
N PHE E 274 4.13 18.39 -41.93
CA PHE E 274 3.59 18.86 -40.66
C PHE E 274 4.69 18.78 -39.61
N LYS E 275 4.94 19.90 -38.93
CA LYS E 275 5.94 19.91 -37.87
C LYS E 275 5.42 19.13 -36.67
N ILE E 276 6.27 18.27 -36.10
CA ILE E 276 5.92 17.45 -34.96
C ILE E 276 6.97 17.66 -33.87
N ARG E 277 6.51 17.75 -32.62
CA ARG E 277 7.37 17.93 -31.47
C ARG E 277 6.88 17.06 -30.33
N SER E 278 7.60 17.10 -29.21
CA SER E 278 7.21 16.40 -27.99
C SER E 278 6.90 17.42 -26.92
N GLY E 279 5.73 17.31 -26.32
CA GLY E 279 5.31 18.26 -25.29
C GLY E 279 4.30 17.64 -24.36
N LYS E 280 3.51 18.51 -23.73
CA LYS E 280 2.50 18.10 -22.76
C LYS E 280 1.10 18.11 -23.33
N SER E 281 0.95 18.22 -24.64
CA SER E 281 -0.36 18.32 -25.26
C SER E 281 -1.06 16.97 -25.28
N SER E 282 -2.39 17.00 -25.36
CA SER E 282 -3.20 15.79 -25.41
C SER E 282 -4.51 16.12 -26.09
N ILE E 283 -5.39 15.12 -26.16
CA ILE E 283 -6.71 15.27 -26.77
C ILE E 283 -7.74 14.85 -25.73
N MET E 284 -8.97 15.29 -25.93
CA MET E 284 -9.98 15.14 -24.90
C MET E 284 -11.37 15.19 -25.55
N ARG E 285 -12.28 14.38 -25.04
CA ARG E 285 -13.66 14.33 -25.53
C ARG E 285 -14.60 14.72 -24.40
N SER E 286 -15.31 15.83 -24.58
CA SER E 286 -16.18 16.36 -23.54
C SER E 286 -17.17 17.32 -24.19
N ASP E 287 -18.21 17.68 -23.42
CA ASP E 287 -19.22 18.63 -23.86
C ASP E 287 -19.36 19.83 -22.94
N ALA E 288 -18.40 20.05 -22.05
CA ALA E 288 -18.47 21.17 -21.13
C ALA E 288 -18.16 22.48 -21.85
N PRO E 289 -18.81 23.58 -21.44
CA PRO E 289 -18.52 24.87 -22.06
C PRO E 289 -17.16 25.41 -21.59
N ILE E 290 -16.77 26.52 -22.21
CA ILE E 290 -15.47 27.13 -21.96
C ILE E 290 -15.65 28.35 -21.08
N GLY E 291 -14.98 28.38 -19.93
CA GLY E 291 -15.03 29.50 -19.03
C GLY E 291 -13.65 29.95 -18.58
N LYS E 292 -13.58 30.69 -17.47
CA LYS E 292 -12.32 31.18 -16.93
C LYS E 292 -12.19 30.76 -15.47
N CYS E 293 -10.98 30.41 -15.06
CA CYS E 293 -10.73 30.06 -13.65
C CYS E 293 -9.29 30.42 -13.33
N ASN E 294 -8.77 29.82 -12.26
CA ASN E 294 -7.34 29.58 -12.07
C ASN E 294 -7.24 28.20 -11.40
N SER E 295 -7.17 27.15 -12.21
CA SER E 295 -7.16 25.79 -11.70
C SER E 295 -6.47 24.88 -12.71
N GLU E 296 -5.76 23.88 -12.18
CA GLU E 296 -4.92 23.02 -13.01
C GLU E 296 -5.66 21.80 -13.54
N CYS E 297 -6.47 21.15 -12.72
CA CYS E 297 -7.11 19.90 -13.10
C CYS E 297 -8.23 20.13 -14.10
N ILE E 298 -8.28 19.28 -15.13
CA ILE E 298 -9.31 19.32 -16.15
C ILE E 298 -9.88 17.92 -16.32
N THR E 299 -11.19 17.78 -16.15
CA THR E 299 -11.92 16.54 -16.26
C THR E 299 -13.07 16.75 -17.23
N PRO E 300 -13.57 15.69 -17.89
CA PRO E 300 -14.67 15.87 -18.85
C PRO E 300 -15.95 16.39 -18.23
N ASN E 301 -16.12 16.26 -16.92
CA ASN E 301 -17.25 16.88 -16.23
C ASN E 301 -17.03 18.36 -15.98
N GLY E 302 -15.86 18.88 -16.28
CA GLY E 302 -15.48 20.24 -15.96
C GLY E 302 -14.25 20.27 -15.06
N SER E 303 -13.71 21.48 -14.92
CA SER E 303 -12.53 21.67 -14.08
C SER E 303 -12.90 21.48 -12.61
N ILE E 304 -11.99 20.88 -11.85
CA ILE E 304 -12.21 20.63 -10.43
C ILE E 304 -11.02 21.17 -9.65
N PRO E 305 -11.22 21.59 -8.39
CA PRO E 305 -10.07 21.99 -7.57
C PRO E 305 -9.18 20.80 -7.25
N ASN E 306 -7.89 21.07 -7.10
CA ASN E 306 -6.89 20.04 -6.86
C ASN E 306 -6.33 20.08 -5.45
N ASP E 307 -7.04 20.72 -4.52
CA ASP E 307 -6.55 20.78 -3.14
C ASP E 307 -6.68 19.42 -2.45
N LYS E 308 -7.81 18.75 -2.63
CA LYS E 308 -7.99 17.42 -2.03
C LYS E 308 -7.14 16.40 -2.78
N PRO E 309 -6.55 15.43 -2.08
CA PRO E 309 -5.66 14.46 -2.74
C PRO E 309 -6.37 13.37 -3.52
N PHE E 310 -7.69 13.25 -3.41
CA PHE E 310 -8.44 12.21 -4.09
C PHE E 310 -9.68 12.79 -4.72
N GLN E 311 -10.16 12.13 -5.78
CA GLN E 311 -11.37 12.55 -6.47
C GLN E 311 -12.02 11.33 -7.12
N ASN E 312 -13.32 11.46 -7.40
CA ASN E 312 -14.04 10.41 -8.11
C ASN E 312 -14.96 11.00 -9.16
N VAL E 313 -14.60 12.18 -9.70
CA VAL E 313 -15.44 12.83 -10.69
C VAL E 313 -15.37 12.09 -12.02
N ASN E 314 -14.16 11.83 -12.51
CA ASN E 314 -13.96 11.06 -13.73
C ASN E 314 -12.56 10.49 -13.73
N ARG E 315 -12.38 9.41 -14.49
CA ARG E 315 -11.08 8.76 -14.59
C ARG E 315 -10.16 9.42 -15.61
N ILE E 316 -10.69 10.29 -16.48
CA ILE E 316 -9.88 10.98 -17.47
C ILE E 316 -9.47 12.32 -16.89
N THR E 317 -8.16 12.56 -16.80
CA THR E 317 -7.62 13.76 -16.19
C THR E 317 -6.55 14.36 -17.08
N TYR E 318 -6.21 15.62 -16.79
CA TYR E 318 -5.16 16.32 -17.51
C TYR E 318 -4.55 17.36 -16.58
N GLY E 319 -3.22 17.43 -16.54
CA GLY E 319 -2.55 18.35 -15.66
C GLY E 319 -2.44 17.82 -14.24
N ALA E 320 -2.19 18.74 -13.31
CA ALA E 320 -2.07 18.40 -11.89
C ALA E 320 -3.45 18.04 -11.36
N CYS E 321 -3.70 16.75 -11.19
CA CYS E 321 -5.02 16.26 -10.81
C CYS E 321 -4.92 15.28 -9.65
N PRO E 322 -5.93 15.23 -8.80
CA PRO E 322 -5.97 14.19 -7.77
C PRO E 322 -6.20 12.81 -8.37
N ARG E 323 -5.74 11.80 -7.64
CA ARG E 323 -5.86 10.43 -8.11
C ARG E 323 -7.30 9.95 -8.04
N TYR E 324 -7.71 9.15 -9.03
CA TYR E 324 -9.07 8.66 -9.11
C TYR E 324 -9.27 7.50 -8.15
N VAL E 325 -10.41 7.50 -7.46
CA VAL E 325 -10.81 6.43 -6.56
C VAL E 325 -12.26 6.07 -6.83
N LYS E 326 -12.66 4.91 -6.35
CA LYS E 326 -14.04 4.44 -6.51
C LYS E 326 -14.97 4.91 -5.40
N GLN E 327 -14.44 5.18 -4.21
CA GLN E 327 -15.28 5.59 -3.10
C GLN E 327 -15.79 7.01 -3.29
N SER E 328 -16.96 7.28 -2.71
CA SER E 328 -17.56 8.60 -2.80
C SER E 328 -17.12 9.52 -1.67
N THR E 329 -17.14 9.02 -0.43
CA THR E 329 -16.74 9.79 0.74
C THR E 329 -15.66 9.04 1.49
N LEU E 330 -14.59 9.76 1.86
CA LEU E 330 -13.50 9.21 2.67
C LEU E 330 -13.22 10.21 3.78
N LYS E 331 -13.91 10.05 4.91
CA LYS E 331 -13.77 10.98 6.02
C LYS E 331 -12.45 10.77 6.74
N LEU E 332 -11.71 11.84 6.97
CA LEU E 332 -10.49 11.82 7.74
C LEU E 332 -10.77 12.40 9.13
N ALA E 333 -10.45 11.63 10.16
CA ALA E 333 -10.76 12.05 11.52
C ALA E 333 -9.79 13.14 11.96
N THR E 334 -10.33 14.33 12.23
CA THR E 334 -9.55 15.46 12.71
C THR E 334 -9.92 15.83 14.14
N GLY E 335 -10.58 14.93 14.87
CA GLY E 335 -10.99 15.23 16.22
C GLY E 335 -10.78 14.08 17.19
N MET E 336 -11.65 13.99 18.19
CA MET E 336 -11.55 13.00 19.24
C MET E 336 -12.71 12.02 19.12
N ARG E 337 -12.51 10.80 19.61
CA ARG E 337 -13.58 9.83 19.74
C ARG E 337 -14.73 10.40 20.57
N ASN E 338 -15.85 10.66 19.91
CA ASN E 338 -16.94 11.43 20.51
C ASN E 338 -17.85 10.52 21.34
N VAL E 339 -18.17 10.98 22.54
CA VAL E 339 -19.18 10.37 23.40
C VAL E 339 -20.22 11.42 23.71
N PRO E 340 -21.52 11.12 23.59
CA PRO E 340 -22.54 12.12 23.89
C PRO E 340 -22.67 12.35 25.39
N GLU E 341 -23.37 13.43 25.73
CA GLU E 341 -23.63 13.86 27.10
C GLU E 341 -22.35 14.04 27.92
N ILE F 10 -12.36 8.92 33.31
CA ILE F 10 -13.38 9.82 32.78
C ILE F 10 -14.44 9.01 32.05
N GLU F 11 -15.64 8.98 32.62
CA GLU F 11 -16.74 8.22 32.02
C GLU F 11 -17.21 8.85 30.72
N ASN F 12 -17.43 10.17 30.74
CA ASN F 12 -17.95 10.87 29.57
C ASN F 12 -17.41 12.28 29.56
N GLY F 13 -17.43 12.89 28.37
CA GLY F 13 -16.95 14.24 28.19
C GLY F 13 -18.01 15.28 28.51
N TRP F 14 -17.71 16.52 28.16
CA TRP F 14 -18.60 17.66 28.39
C TRP F 14 -19.16 18.14 27.06
N GLU F 15 -20.46 18.41 27.04
CA GLU F 15 -21.12 18.85 25.82
C GLU F 15 -20.72 20.27 25.45
N GLY F 16 -20.58 21.14 26.44
CA GLY F 16 -20.39 22.55 26.17
C GLY F 16 -19.00 23.08 26.42
N MET F 17 -17.99 22.35 25.97
CA MET F 17 -16.62 22.81 26.02
C MET F 17 -16.15 23.05 24.59
N VAL F 18 -15.91 24.32 24.25
CA VAL F 18 -15.65 24.70 22.87
C VAL F 18 -14.31 25.36 22.67
N ASP F 19 -13.62 25.81 23.72
CA ASP F 19 -12.34 26.48 23.56
C ASP F 19 -11.15 25.54 23.68
N GLY F 20 -11.38 24.24 23.81
CA GLY F 20 -10.29 23.30 23.88
C GLY F 20 -10.82 21.89 24.00
N TRP F 21 -9.93 20.93 23.74
CA TRP F 21 -10.28 19.53 23.87
C TRP F 21 -9.98 18.97 25.26
N TYR F 22 -9.15 19.65 26.05
CA TYR F 22 -8.79 19.18 27.37
C TYR F 22 -8.88 20.35 28.34
N GLY F 23 -9.38 20.07 29.54
CA GLY F 23 -9.57 21.13 30.51
C GLY F 23 -10.08 20.60 31.82
N PHE F 24 -10.40 21.53 32.72
CA PHE F 24 -10.80 21.20 34.08
C PHE F 24 -12.09 21.91 34.44
N ARG F 25 -12.84 21.31 35.36
CA ARG F 25 -14.06 21.90 35.93
C ARG F 25 -13.92 21.81 37.45
N HIS F 26 -13.27 22.79 38.05
CA HIS F 26 -13.06 22.79 39.49
C HIS F 26 -14.31 23.25 40.23
N GLN F 27 -14.37 22.90 41.52
CA GLN F 27 -15.49 23.29 42.37
C GLN F 27 -15.01 23.35 43.81
N ASN F 28 -15.20 24.50 44.45
CA ASN F 28 -14.80 24.71 45.83
C ASN F 28 -15.88 25.53 46.53
N SER F 29 -15.55 26.06 47.70
CA SER F 29 -16.51 26.85 48.48
C SER F 29 -16.88 28.15 47.81
N GLU F 30 -16.02 28.69 46.95
CA GLU F 30 -16.32 29.93 46.23
C GLU F 30 -17.23 29.72 45.04
N GLY F 31 -17.48 28.48 44.64
CA GLY F 31 -18.32 28.16 43.50
C GLY F 31 -17.66 27.13 42.62
N ARG F 32 -18.13 27.04 41.38
CA ARG F 32 -17.59 26.12 40.40
C ARG F 32 -17.30 26.85 39.10
N GLY F 33 -16.11 26.62 38.54
CA GLY F 33 -15.72 27.24 37.31
C GLY F 33 -15.17 26.23 36.33
N GLN F 34 -15.19 26.62 35.05
CA GLN F 34 -14.70 25.76 33.97
C GLN F 34 -13.63 26.51 33.20
N ALA F 35 -12.46 25.89 33.08
CA ALA F 35 -11.34 26.47 32.35
C ALA F 35 -10.76 25.44 31.39
N ALA F 36 -10.30 25.91 30.24
CA ALA F 36 -9.76 25.02 29.22
C ALA F 36 -8.23 25.02 29.27
N ASP F 37 -7.65 23.83 29.23
CA ASP F 37 -6.21 23.71 29.06
C ASP F 37 -5.85 24.07 27.62
N LEU F 38 -4.79 24.86 27.47
CA LEU F 38 -4.40 25.39 26.18
C LEU F 38 -3.11 24.79 25.64
N LYS F 39 -2.35 24.07 26.46
CA LYS F 39 -1.09 23.50 26.02
C LYS F 39 -1.28 22.13 25.35
N SER F 40 -2.06 21.25 25.99
CA SER F 40 -2.29 19.92 25.42
C SER F 40 -3.20 19.97 24.20
N THR F 41 -4.13 20.93 24.16
CA THR F 41 -4.98 21.09 22.99
C THR F 41 -4.19 21.55 21.79
N GLN F 42 -3.22 22.45 22.00
CA GLN F 42 -2.37 22.93 20.91
C GLN F 42 -1.51 21.80 20.34
N ALA F 43 -1.00 20.93 21.21
CA ALA F 43 -0.15 19.83 20.75
C ALA F 43 -0.93 18.83 19.92
N ALA F 44 -2.23 18.66 20.20
CA ALA F 44 -3.04 17.77 19.39
C ALA F 44 -3.37 18.39 18.04
N ILE F 45 -3.44 19.72 17.97
CA ILE F 45 -3.72 20.39 16.70
C ILE F 45 -2.53 20.26 15.75
N ASP F 46 -1.32 20.45 16.27
CA ASP F 46 -0.12 20.35 15.44
C ASP F 46 0.09 18.95 14.89
N GLN F 47 -0.22 17.92 15.67
CA GLN F 47 -0.13 16.56 15.17
C GLN F 47 -1.24 16.25 14.16
N ILE F 48 -2.38 16.91 14.27
CA ILE F 48 -3.46 16.70 13.31
C ILE F 48 -3.21 17.52 12.04
N ASN F 49 -2.80 18.78 12.19
CA ASN F 49 -2.52 19.62 11.03
C ASN F 49 -1.29 19.13 10.26
N GLY F 50 -0.37 18.45 10.94
CA GLY F 50 0.77 17.87 10.24
C GLY F 50 0.37 16.75 9.31
N LYS F 51 -0.64 15.96 9.69
CA LYS F 51 -1.12 14.89 8.84
C LYS F 51 -1.82 15.44 7.59
N LEU F 52 -2.56 16.54 7.74
CA LEU F 52 -3.22 17.16 6.61
C LEU F 52 -2.22 17.86 5.68
N ASN F 53 -1.03 18.20 6.18
CA ASN F 53 -0.05 18.88 5.34
C ASN F 53 0.54 17.94 4.30
N ARG F 54 0.66 16.64 4.62
CA ARG F 54 1.21 15.69 3.67
C ARG F 54 0.23 15.35 2.56
N LEU F 55 -1.07 15.46 2.83
CA LEU F 55 -2.08 15.06 1.86
C LEU F 55 -2.54 16.22 0.97
N ILE F 56 -2.78 17.38 1.56
CA ILE F 56 -3.34 18.51 0.80
C ILE F 56 -2.24 19.15 -0.04
N GLY F 57 -2.51 19.26 -1.34
CA GLY F 57 -1.57 19.92 -2.24
C GLY F 57 -0.33 19.13 -2.57
N LYS F 58 -0.41 17.80 -2.56
CA LYS F 58 0.73 16.94 -2.86
C LYS F 58 0.42 16.03 -4.05
N THR F 59 -0.19 16.59 -5.08
CA THR F 59 -0.61 15.81 -6.25
C THR F 59 0.51 15.75 -7.29
N ASN F 60 0.37 14.79 -8.20
CA ASN F 60 1.30 14.62 -9.31
C ASN F 60 0.57 14.83 -10.62
N GLU F 61 1.27 15.40 -11.59
CA GLU F 61 0.68 15.81 -12.86
C GLU F 61 0.99 14.79 -13.95
N LYS F 62 -0.04 14.48 -14.75
CA LYS F 62 0.10 13.62 -15.92
C LYS F 62 -0.62 14.28 -17.08
N PHE F 63 0.05 14.38 -18.22
CA PHE F 63 -0.48 15.11 -19.37
C PHE F 63 -1.11 14.21 -20.42
N HIS F 64 -0.34 13.28 -20.96
CA HIS F 64 -0.82 12.40 -22.03
C HIS F 64 -0.91 10.97 -21.52
N GLN F 65 -2.10 10.37 -21.66
CA GLN F 65 -2.36 9.00 -21.25
C GLN F 65 -3.01 8.27 -22.40
N ILE F 66 -3.37 7.00 -22.16
CA ILE F 66 -4.06 6.19 -23.13
C ILE F 66 -5.55 6.53 -23.07
N GLU F 67 -6.30 6.10 -24.10
CA GLU F 67 -7.75 6.29 -24.09
C GLU F 67 -8.37 5.37 -23.05
N LYS F 68 -9.23 5.93 -22.20
CA LYS F 68 -9.84 5.17 -21.11
C LYS F 68 -11.31 4.86 -21.35
N GLU F 69 -11.92 5.42 -22.39
CA GLU F 69 -13.28 5.06 -22.78
C GLU F 69 -13.31 4.81 -24.28
N PHE F 70 -14.12 3.85 -24.71
CA PHE F 70 -14.16 3.42 -26.10
C PHE F 70 -15.60 3.37 -26.59
N SER F 71 -15.77 3.59 -27.89
CA SER F 71 -17.07 3.53 -28.54
C SER F 71 -17.26 2.28 -29.39
N GLU F 72 -16.34 2.00 -30.30
CA GLU F 72 -16.41 0.83 -31.15
C GLU F 72 -15.67 -0.33 -30.50
N VAL F 73 -16.30 -1.50 -30.48
CA VAL F 73 -15.70 -2.67 -29.85
C VAL F 73 -14.59 -3.22 -30.72
N GLU F 74 -13.46 -3.54 -30.10
CA GLU F 74 -12.30 -4.08 -30.81
C GLU F 74 -11.85 -5.39 -30.19
N GLY F 75 -10.70 -5.89 -30.60
CA GLY F 75 -10.25 -7.19 -30.16
C GLY F 75 -9.37 -7.19 -28.92
N ARG F 76 -8.12 -7.62 -29.08
CA ARG F 76 -7.24 -7.83 -27.93
C ARG F 76 -6.74 -6.52 -27.34
N ILE F 77 -6.45 -5.53 -28.19
CA ILE F 77 -5.83 -4.29 -27.72
C ILE F 77 -6.81 -3.49 -26.86
N GLN F 78 -8.08 -3.47 -27.23
CA GLN F 78 -9.07 -2.74 -26.44
C GLN F 78 -9.34 -3.44 -25.10
N ASP F 79 -9.24 -4.77 -25.07
CA ASP F 79 -9.41 -5.48 -23.81
C ASP F 79 -8.24 -5.26 -22.87
N LEU F 80 -7.04 -5.05 -23.42
CA LEU F 80 -5.87 -4.79 -22.59
C LEU F 80 -5.93 -3.40 -21.98
N GLU F 81 -6.40 -2.41 -22.73
CA GLU F 81 -6.49 -1.05 -22.20
C GLU F 81 -7.57 -0.93 -21.13
N LYS F 82 -8.65 -1.71 -21.25
CA LYS F 82 -9.67 -1.71 -20.21
C LYS F 82 -9.22 -2.45 -18.97
N TYR F 83 -8.18 -3.28 -19.07
CA TYR F 83 -7.66 -4.00 -17.92
C TYR F 83 -6.54 -3.26 -17.21
N VAL F 84 -5.72 -2.51 -17.95
CA VAL F 84 -4.67 -1.72 -17.31
C VAL F 84 -5.30 -0.57 -16.51
N GLU F 85 -6.30 0.09 -17.08
CA GLU F 85 -6.98 1.17 -16.38
C GLU F 85 -7.74 0.67 -15.17
N ASP F 86 -8.34 -0.51 -15.27
CA ASP F 86 -9.05 -1.08 -14.13
C ASP F 86 -8.11 -1.53 -13.03
N THR F 87 -6.90 -1.97 -13.40
CA THR F 87 -5.92 -2.37 -12.39
C THR F 87 -5.43 -1.17 -11.59
N LYS F 88 -5.19 -0.04 -12.27
CA LYS F 88 -4.72 1.15 -11.58
C LYS F 88 -5.77 1.73 -10.65
N ILE F 89 -7.03 1.71 -11.08
CA ILE F 89 -8.11 2.30 -10.27
C ILE F 89 -8.34 1.49 -9.02
N ASP F 90 -8.40 0.16 -9.14
CA ASP F 90 -8.64 -0.69 -7.96
C ASP F 90 -7.47 -0.66 -6.99
N LEU F 91 -6.24 -0.57 -7.50
CA LEU F 91 -5.09 -0.51 -6.61
C LEU F 91 -5.03 0.82 -5.86
N TRP F 92 -5.37 1.92 -6.54
CA TRP F 92 -5.38 3.21 -5.86
C TRP F 92 -6.57 3.37 -4.93
N SER F 93 -7.68 2.69 -5.22
CA SER F 93 -8.83 2.71 -4.31
C SER F 93 -8.50 2.01 -3.00
N TYR F 94 -7.76 0.90 -3.07
CA TYR F 94 -7.32 0.23 -1.85
C TYR F 94 -6.27 1.03 -1.11
N ASN F 95 -5.39 1.72 -1.84
CA ASN F 95 -4.39 2.56 -1.20
C ASN F 95 -5.02 3.75 -0.47
N ALA F 96 -6.10 4.30 -1.03
CA ALA F 96 -6.82 5.38 -0.34
C ALA F 96 -7.52 4.86 0.91
N GLU F 97 -8.05 3.63 0.87
CA GLU F 97 -8.69 3.06 2.03
C GLU F 97 -7.68 2.76 3.14
N LEU F 98 -6.50 2.26 2.77
CA LEU F 98 -5.50 1.94 3.77
C LEU F 98 -4.87 3.18 4.38
N LEU F 99 -4.71 4.25 3.59
CA LEU F 99 -4.08 5.46 4.10
C LEU F 99 -4.99 6.18 5.09
N VAL F 100 -6.29 6.25 4.79
CA VAL F 100 -7.22 6.94 5.68
C VAL F 100 -7.44 6.14 6.95
N ALA F 101 -7.60 4.81 6.84
CA ALA F 101 -7.86 3.99 8.01
C ALA F 101 -6.64 3.92 8.93
N LEU F 102 -5.43 3.95 8.37
CA LEU F 102 -4.24 3.98 9.21
C LEU F 102 -4.09 5.32 9.91
N GLU F 103 -4.36 6.41 9.21
CA GLU F 103 -4.26 7.74 9.81
C GLU F 103 -5.35 7.98 10.84
N ASN F 104 -6.56 7.46 10.60
CA ASN F 104 -7.63 7.60 11.58
C ASN F 104 -7.34 6.79 12.83
N GLN F 105 -6.66 5.64 12.69
CA GLN F 105 -6.29 4.84 13.85
C GLN F 105 -5.28 5.58 14.72
N HIS F 106 -4.31 6.24 14.11
CA HIS F 106 -3.30 6.94 14.90
C HIS F 106 -3.82 8.24 15.49
N THR F 107 -4.71 8.93 14.78
CA THR F 107 -5.23 10.21 15.26
C THR F 107 -6.06 10.03 16.52
N ILE F 108 -6.90 8.99 16.56
CA ILE F 108 -7.69 8.72 17.75
C ILE F 108 -6.79 8.26 18.90
N ASP F 109 -5.76 7.46 18.59
CA ASP F 109 -4.88 6.95 19.62
C ASP F 109 -4.04 8.05 20.26
N LEU F 110 -3.54 8.99 19.47
CA LEU F 110 -2.76 10.09 20.04
C LEU F 110 -3.66 11.04 20.82
N THR F 111 -4.92 11.19 20.39
CA THR F 111 -5.85 12.06 21.10
C THR F 111 -6.23 11.47 22.46
N ASP F 112 -6.45 10.16 22.52
CA ASP F 112 -6.76 9.53 23.80
C ASP F 112 -5.54 9.48 24.71
N SER F 113 -4.35 9.34 24.14
CA SER F 113 -3.13 9.31 24.95
C SER F 113 -2.82 10.68 25.54
N GLU F 114 -3.13 11.75 24.82
CA GLU F 114 -2.91 13.10 25.35
C GLU F 114 -3.86 13.40 26.51
N MET F 115 -5.06 12.81 26.49
CA MET F 115 -5.98 12.95 27.61
C MET F 115 -5.41 12.29 28.86
N ASN F 116 -4.79 11.12 28.71
CA ASN F 116 -4.22 10.43 29.86
C ASN F 116 -2.92 11.09 30.31
N LYS F 117 -2.20 11.74 29.40
CA LYS F 117 -0.97 12.42 29.77
C LYS F 117 -1.25 13.64 30.65
N LEU F 118 -2.32 14.37 30.34
CA LEU F 118 -2.69 15.51 31.18
C LEU F 118 -3.20 15.05 32.54
N PHE F 119 -3.82 13.88 32.60
CA PHE F 119 -4.26 13.33 33.89
C PHE F 119 -3.07 12.96 34.77
N GLU F 120 -1.97 12.51 34.16
CA GLU F 120 -0.78 12.18 34.93
C GLU F 120 -0.05 13.43 35.41
N LYS F 121 -0.09 14.51 34.63
CA LYS F 121 0.65 15.71 34.99
C LYS F 121 0.07 16.39 36.23
N THR F 122 -1.26 16.40 36.37
CA THR F 122 -1.88 16.95 37.57
C THR F 122 -1.59 16.07 38.78
N LYS F 123 -1.57 14.75 38.59
CA LYS F 123 -1.25 13.84 39.69
C LYS F 123 0.22 13.93 40.07
N LYS F 124 1.11 14.13 39.08
CA LYS F 124 2.53 14.24 39.37
C LYS F 124 2.85 15.55 40.08
N GLN F 125 2.16 16.64 39.71
CA GLN F 125 2.36 17.92 40.39
C GLN F 125 1.87 17.85 41.83
N LEU F 126 0.72 17.24 42.06
CA LEU F 126 0.21 17.03 43.42
C LEU F 126 0.64 15.64 43.89
N ARG F 127 1.94 15.54 44.18
CA ARG F 127 2.53 14.25 44.53
C ARG F 127 2.05 13.77 45.91
N GLU F 128 1.97 14.66 46.88
CA GLU F 128 1.62 14.29 48.24
C GLU F 128 0.38 14.99 48.78
N ASN F 129 -0.28 15.82 47.97
CA ASN F 129 -1.45 16.57 48.42
C ASN F 129 -2.76 16.10 47.79
N ALA F 130 -2.70 15.28 46.74
CA ALA F 130 -3.91 14.81 46.09
C ALA F 130 -3.67 13.43 45.50
N GLU F 131 -4.70 12.59 45.53
CA GLU F 131 -4.67 11.25 44.97
C GLU F 131 -5.85 11.08 44.03
N ASP F 132 -5.85 9.98 43.28
CA ASP F 132 -6.95 9.74 42.34
C ASP F 132 -8.17 9.21 43.06
N MET F 133 -9.34 9.78 42.73
CA MET F 133 -10.61 9.34 43.28
C MET F 133 -11.29 8.29 42.41
N GLY F 134 -10.69 7.92 41.28
CA GLY F 134 -11.26 6.90 40.42
C GLY F 134 -12.35 7.38 39.48
N ASN F 135 -12.71 8.66 39.52
CA ASN F 135 -13.70 9.24 38.63
C ASN F 135 -13.10 10.36 37.79
N GLY F 136 -11.78 10.36 37.66
CA GLY F 136 -11.10 11.43 36.96
C GLY F 136 -11.20 12.76 37.68
N CYS F 137 -11.18 12.74 39.01
CA CYS F 137 -11.30 13.96 39.81
C CYS F 137 -10.31 13.87 40.97
N PHE F 138 -10.05 15.01 41.59
CA PHE F 138 -9.16 15.10 42.75
C PHE F 138 -9.89 15.82 43.86
N LYS F 139 -10.50 15.06 44.77
CA LYS F 139 -11.23 15.63 45.88
C LYS F 139 -10.26 16.28 46.86
N ILE F 140 -10.27 17.61 46.91
CA ILE F 140 -9.37 18.39 47.75
C ILE F 140 -10.22 19.31 48.61
N TYR F 141 -10.14 19.13 49.93
CA TYR F 141 -10.81 20.02 50.88
C TYR F 141 -9.86 21.05 51.47
N HIS F 142 -8.58 21.02 51.08
CA HIS F 142 -7.59 21.92 51.64
C HIS F 142 -7.82 23.34 51.14
N LYS F 143 -7.10 24.28 51.75
CA LYS F 143 -7.23 25.70 51.42
C LYS F 143 -6.56 25.96 50.08
N CYS F 144 -7.29 25.66 49.01
CA CYS F 144 -6.82 25.86 47.64
C CYS F 144 -7.91 26.65 46.90
N ASP F 145 -7.69 27.95 46.74
CA ASP F 145 -8.67 28.82 46.10
C ASP F 145 -8.56 28.72 44.59
N ASN F 146 -9.23 29.63 43.88
CA ASN F 146 -9.20 29.61 42.42
C ASN F 146 -7.81 29.93 41.89
N ALA F 147 -7.09 30.84 42.55
CA ALA F 147 -5.71 31.13 42.16
C ALA F 147 -4.80 29.94 42.43
N CYS F 148 -5.07 29.19 43.49
CA CYS F 148 -4.30 27.97 43.75
C CYS F 148 -4.58 26.90 42.69
N ILE F 149 -5.83 26.82 42.22
CA ILE F 149 -6.17 25.91 41.13
C ILE F 149 -5.43 26.31 39.85
N GLY F 150 -5.40 27.61 39.55
CA GLY F 150 -4.70 28.09 38.37
C GLY F 150 -3.20 27.95 38.45
N SER F 151 -2.64 27.85 39.67
CA SER F 151 -1.21 27.58 39.81
C SER F 151 -0.86 26.19 39.32
N ILE F 152 -1.77 25.23 39.49
CA ILE F 152 -1.58 23.90 38.93
C ILE F 152 -1.62 23.94 37.41
N ARG F 153 -2.46 24.81 36.84
CA ARG F 153 -2.67 24.85 35.40
C ARG F 153 -1.43 25.28 34.64
N ASN F 154 -0.73 26.31 35.13
CA ASN F 154 0.46 26.81 34.46
C ASN F 154 1.74 26.21 35.00
N GLY F 155 1.65 25.21 35.88
CA GLY F 155 2.84 24.55 36.38
C GLY F 155 3.60 25.31 37.44
N THR F 156 3.00 26.35 38.03
CA THR F 156 3.65 27.15 39.06
C THR F 156 3.21 26.76 40.47
N TYR F 157 2.48 25.65 40.61
CA TYR F 157 2.05 25.21 41.93
C TYR F 157 3.23 24.65 42.71
N ASP F 158 3.35 25.05 43.97
CA ASP F 158 4.41 24.57 44.86
C ASP F 158 3.76 23.71 45.94
N HIS F 159 4.21 22.46 46.04
CA HIS F 159 3.69 21.52 47.02
C HIS F 159 4.38 21.65 48.38
N ASP F 160 5.48 22.40 48.47
CA ASP F 160 6.19 22.53 49.74
C ASP F 160 5.39 23.34 50.74
N VAL F 161 4.73 24.42 50.28
CA VAL F 161 3.92 25.24 51.16
C VAL F 161 2.60 24.58 51.52
N TYR F 162 2.20 23.51 50.83
CA TYR F 162 0.99 22.78 51.12
C TYR F 162 1.26 21.32 51.46
N ARG F 163 2.48 21.00 51.90
CA ARG F 163 2.80 19.63 52.26
C ARG F 163 2.32 19.31 53.67
N ASP F 164 2.79 20.05 54.67
CA ASP F 164 2.37 19.84 56.05
C ASP F 164 0.93 20.29 56.29
N GLU F 165 0.44 21.24 55.50
CA GLU F 165 -0.93 21.71 55.66
C GLU F 165 -1.96 20.71 55.13
N ALA F 166 -1.56 19.78 54.26
CA ALA F 166 -2.48 18.82 53.68
C ALA F 166 -2.33 17.41 54.22
N LEU F 167 -1.15 17.04 54.72
CA LEU F 167 -0.96 15.70 55.27
C LEU F 167 -1.79 15.50 56.53
N ASN F 168 -1.84 16.51 57.41
CA ASN F 168 -2.63 16.41 58.62
C ASN F 168 -4.13 16.45 58.33
N ASN F 169 -4.54 17.21 57.31
CA ASN F 169 -5.95 17.32 56.98
C ASN F 169 -6.50 16.04 56.36
N ARG F 170 -5.66 15.30 55.62
CA ARG F 170 -6.11 14.05 55.03
C ARG F 170 -6.35 12.99 56.10
N PHE F 171 -5.55 12.96 57.17
CA PHE F 171 -5.80 12.05 58.27
C PHE F 171 -7.03 12.46 59.06
N GLN F 172 -7.31 13.77 59.13
CA GLN F 172 -8.52 14.24 59.82
C GLN F 172 -9.77 13.86 59.04
N ILE F 173 -9.76 14.05 57.73
CA ILE F 173 -10.91 13.73 56.90
C ILE F 173 -10.77 12.32 56.31
N GLN G 1 -22.72 38.04 4.27
CA GLN G 1 -23.18 39.31 4.81
C GLN G 1 -23.68 39.14 6.25
N ILE G 2 -22.82 39.46 7.21
CA ILE G 2 -23.15 39.40 8.62
C ILE G 2 -23.07 40.80 9.19
N GLN G 3 -24.17 41.27 9.78
CA GLN G 3 -24.26 42.64 10.28
C GLN G 3 -24.76 42.60 11.71
N LEU G 4 -24.05 43.30 12.61
CA LEU G 4 -24.40 43.35 14.03
C LEU G 4 -24.56 44.81 14.42
N GLN G 5 -25.79 45.19 14.80
CA GLN G 5 -26.08 46.51 15.33
C GLN G 5 -26.55 46.36 16.77
N GLN G 6 -25.75 46.87 17.70
CA GLN G 6 -26.10 46.80 19.12
C GLN G 6 -26.72 48.12 19.55
N SER G 7 -27.79 48.03 20.32
CA SER G 7 -28.51 49.18 20.85
C SER G 7 -28.34 49.24 22.37
N GLY G 8 -29.02 50.19 22.99
CA GLY G 8 -28.93 50.36 24.42
C GLY G 8 -28.49 51.77 24.80
N PRO G 9 -29.07 52.31 25.88
CA PRO G 9 -28.70 53.65 26.31
C PRO G 9 -27.28 53.71 26.85
N GLY G 10 -26.67 54.87 26.70
CA GLY G 10 -25.31 55.08 27.17
C GLY G 10 -25.22 56.12 28.26
N LEU G 11 -26.25 56.17 29.11
CA LEU G 11 -26.27 57.11 30.23
C LEU G 11 -27.12 56.48 31.34
N VAL G 12 -26.45 55.93 32.35
CA VAL G 12 -27.12 55.23 33.44
C VAL G 12 -26.63 55.78 34.77
N LYS G 13 -27.48 55.65 35.78
CA LYS G 13 -27.12 56.06 37.12
C LYS G 13 -26.10 55.08 37.71
N PRO G 14 -25.07 55.57 38.41
CA PRO G 14 -24.13 54.66 39.07
C PRO G 14 -24.81 53.86 40.18
N SER G 15 -24.19 52.71 40.48
CA SER G 15 -24.70 51.73 41.46
C SER G 15 -26.11 51.25 41.09
N GLN G 16 -26.33 51.05 39.79
CA GLN G 16 -27.60 50.54 39.29
C GLN G 16 -27.38 49.42 38.28
N THR G 17 -28.44 48.99 37.60
CA THR G 17 -28.32 47.98 36.57
C THR G 17 -27.94 48.63 35.24
N LEU G 18 -27.76 47.80 34.22
CA LEU G 18 -27.38 48.30 32.90
C LEU G 18 -28.04 47.42 31.85
N SER G 19 -28.42 48.04 30.73
CA SER G 19 -29.10 47.36 29.64
C SER G 19 -28.33 47.56 28.35
N LEU G 20 -28.09 46.48 27.62
CA LEU G 20 -27.40 46.55 26.34
C LEU G 20 -27.91 45.42 25.46
N THR G 21 -28.58 45.78 24.36
CA THR G 21 -29.17 44.81 23.43
C THR G 21 -28.37 44.83 22.13
N CYS G 22 -27.94 43.65 21.69
CA CYS G 22 -27.14 43.49 20.48
C CYS G 22 -28.01 42.78 19.44
N SER G 23 -28.68 43.56 18.59
CA SER G 23 -29.49 42.99 17.53
C SER G 23 -28.59 42.43 16.43
N ILE G 24 -29.01 41.31 15.85
CA ILE G 24 -28.23 40.59 14.86
C ILE G 24 -29.06 40.41 13.60
N SER G 25 -28.51 40.81 12.46
CA SER G 25 -29.18 40.69 11.18
C SER G 25 -28.28 39.95 10.20
N GLY G 26 -28.86 39.04 9.41
CA GLY G 26 -28.12 38.26 8.46
C GLY G 26 -27.58 36.95 8.99
N ASP G 27 -27.54 36.78 10.30
CA ASP G 27 -27.11 35.54 10.92
C ASP G 27 -28.02 35.24 12.10
N THR G 28 -28.10 33.97 12.47
CA THR G 28 -28.91 33.55 13.59
C THR G 28 -28.03 33.23 14.80
N VAL G 29 -28.60 33.43 15.99
CA VAL G 29 -27.88 33.07 17.21
C VAL G 29 -27.72 31.57 17.31
N THR G 30 -28.72 30.82 16.85
CA THR G 30 -28.68 29.36 16.86
C THR G 30 -27.73 28.89 15.76
N ASN G 31 -26.43 28.98 16.06
CA ASN G 31 -25.38 28.55 15.15
C ASN G 31 -24.49 27.58 15.89
N ASN G 32 -24.30 26.39 15.33
CA ASN G 32 -23.52 25.36 16.01
C ASN G 32 -22.04 25.73 16.05
N TYR G 33 -21.48 26.12 14.91
CA TYR G 33 -20.05 26.43 14.83
C TYR G 33 -19.78 27.92 15.01
N ALA G 34 -20.30 28.50 16.09
CA ALA G 34 -20.11 29.92 16.35
C ALA G 34 -20.32 30.21 17.83
N ALA G 35 -19.79 31.34 18.27
CA ALA G 35 -20.00 31.86 19.61
C ALA G 35 -20.13 33.38 19.53
N TRP G 36 -20.62 33.97 20.61
CA TRP G 36 -20.87 35.42 20.66
C TRP G 36 -20.24 35.97 21.92
N ASP G 37 -19.14 36.70 21.77
CA ASP G 37 -18.43 37.26 22.89
C ASP G 37 -18.89 38.68 23.18
N TRP G 38 -18.36 39.25 24.26
CA TRP G 38 -18.60 40.64 24.62
C TRP G 38 -17.30 41.26 25.07
N ILE G 39 -16.87 42.32 24.41
CA ILE G 39 -15.57 42.94 24.64
C ILE G 39 -15.78 44.43 24.90
N ARG G 40 -15.18 44.94 25.97
CA ARG G 40 -15.21 46.36 26.27
C ARG G 40 -13.82 46.95 26.13
N GLN G 41 -13.76 48.21 25.72
CA GLN G 41 -12.51 48.89 25.44
C GLN G 41 -12.50 50.24 26.14
N SER G 42 -11.39 50.57 26.79
CA SER G 42 -11.24 51.82 27.50
C SER G 42 -9.90 52.48 27.15
N PRO G 43 -9.80 53.80 27.30
CA PRO G 43 -8.49 54.45 27.12
C PRO G 43 -7.48 54.08 28.19
N THR G 44 -7.92 53.55 29.34
CA THR G 44 -7.04 53.30 30.47
C THR G 44 -6.48 51.87 30.47
N ARG G 45 -7.35 50.85 30.55
CA ARG G 45 -6.84 49.48 30.57
C ARG G 45 -6.80 48.88 29.17
N GLY G 46 -7.65 49.36 28.27
CA GLY G 46 -7.68 48.86 26.91
C GLY G 46 -8.73 47.80 26.68
N LEU G 47 -8.47 46.98 25.66
CA LEU G 47 -9.38 45.89 25.32
C LEU G 47 -9.28 44.79 26.36
N GLU G 48 -10.44 44.27 26.78
CA GLU G 48 -10.48 43.16 27.72
C GLU G 48 -11.72 42.33 27.43
N TRP G 49 -11.68 41.07 27.89
CA TRP G 49 -12.74 40.11 27.65
C TRP G 49 -13.70 40.07 28.82
N LEU G 50 -14.98 39.87 28.53
CA LEU G 50 -16.02 39.80 29.55
C LEU G 50 -16.67 38.43 29.63
N GLY G 51 -17.19 37.92 28.52
CA GLY G 51 -17.85 36.63 28.55
C GLY G 51 -18.35 36.26 27.17
N ARG G 52 -18.98 35.09 27.10
CA ARG G 52 -19.48 34.57 25.83
C ARG G 52 -20.70 33.70 26.10
N THR G 53 -21.49 33.47 25.04
CA THR G 53 -22.65 32.60 25.13
C THR G 53 -22.87 31.91 23.77
N PHE G 54 -22.46 30.65 23.71
CA PHE G 54 -22.65 29.83 22.53
C PHE G 54 -23.90 28.95 22.68
N TYR G 55 -24.10 28.01 21.75
CA TYR G 55 -25.29 27.17 21.76
C TYR G 55 -24.88 25.73 21.46
N ARG G 56 -24.88 24.90 22.50
CA ARG G 56 -24.77 23.45 22.36
C ARG G 56 -26.00 22.83 23.00
N SER G 57 -27.08 22.74 22.22
CA SER G 57 -28.38 22.14 22.56
C SER G 57 -29.17 22.93 23.60
N LYS G 58 -28.55 23.93 24.22
CA LYS G 58 -29.18 24.94 25.06
C LYS G 58 -28.13 25.97 25.45
N TRP G 59 -28.59 27.16 25.82
CA TRP G 59 -27.72 28.32 25.96
C TRP G 59 -26.79 28.23 27.16
N TYR G 60 -25.50 28.14 26.88
CA TYR G 60 -24.46 28.09 27.90
C TYR G 60 -23.89 29.50 28.11
N LYS G 61 -23.33 29.74 29.29
CA LYS G 61 -22.82 31.07 29.62
C LYS G 61 -21.42 30.93 30.19
N GLU G 62 -20.59 31.92 29.90
CA GLU G 62 -19.24 32.02 30.46
C GLU G 62 -18.98 33.48 30.79
N TYR G 63 -18.11 33.70 31.78
CA TYR G 63 -17.82 35.04 32.26
C TYR G 63 -16.35 35.15 32.66
N ALA G 64 -15.87 36.39 32.73
CA ALA G 64 -14.50 36.66 33.14
C ALA G 64 -14.36 36.53 34.65
N LEU G 65 -13.12 36.63 35.13
CA LEU G 65 -12.86 36.47 36.56
C LEU G 65 -13.30 37.69 37.35
N SER G 66 -13.09 38.89 36.81
CA SER G 66 -13.35 40.11 37.58
C SER G 66 -14.83 40.45 37.67
N VAL G 67 -15.61 40.15 36.63
CA VAL G 67 -16.99 40.61 36.56
C VAL G 67 -17.82 39.32 36.56
N LYS G 68 -17.33 38.32 37.29
CA LYS G 68 -18.01 37.04 37.37
C LYS G 68 -19.36 37.16 38.09
N SER G 69 -19.41 37.94 39.17
CA SER G 69 -20.59 38.03 40.02
C SER G 69 -21.45 39.25 39.72
N ARG G 70 -21.23 39.90 38.58
CA ARG G 70 -21.99 41.09 38.23
C ARG G 70 -22.53 41.10 36.82
N LEU G 71 -22.15 40.14 35.97
CA LEU G 71 -22.53 40.13 34.57
C LEU G 71 -23.41 38.93 34.27
N THR G 72 -24.55 39.19 33.63
CA THR G 72 -25.42 38.14 33.10
C THR G 72 -25.72 38.46 31.64
N ILE G 73 -25.52 37.46 30.77
CA ILE G 73 -25.78 37.60 29.35
C ILE G 73 -26.99 36.74 29.00
N SER G 74 -28.05 37.36 28.50
CA SER G 74 -29.30 36.66 28.21
C SER G 74 -29.52 36.59 26.71
N PRO G 75 -29.36 35.43 26.08
CA PRO G 75 -29.68 35.32 24.65
C PRO G 75 -31.18 35.18 24.44
N ASP G 76 -31.58 35.44 23.19
CA ASP G 76 -32.98 35.35 22.81
C ASP G 76 -33.09 34.95 21.35
N THR G 77 -34.07 34.09 21.05
CA THR G 77 -34.24 33.55 19.70
C THR G 77 -35.43 34.17 18.97
N SER G 78 -36.25 34.98 19.68
CA SER G 78 -37.51 35.44 19.13
C SER G 78 -37.31 36.36 17.92
N LYS G 79 -36.46 37.37 18.05
CA LYS G 79 -36.24 38.31 16.96
C LYS G 79 -34.75 38.53 16.68
N ASN G 80 -33.93 37.52 17.02
CA ASN G 80 -32.50 37.46 16.69
C ASN G 80 -31.73 38.59 17.38
N GLN G 81 -31.75 38.54 18.71
CA GLN G 81 -31.04 39.50 19.55
C GLN G 81 -30.19 38.76 20.57
N ILE G 82 -29.24 39.48 21.15
CA ILE G 82 -28.49 39.05 22.33
C ILE G 82 -28.45 40.23 23.29
N SER G 83 -28.87 40.00 24.53
CA SER G 83 -29.02 41.06 25.52
C SER G 83 -27.90 40.96 26.55
N LEU G 84 -27.26 42.08 26.85
CA LEU G 84 -26.25 42.17 27.89
C LEU G 84 -26.83 42.87 29.11
N GLN G 85 -26.70 42.25 30.27
CA GLN G 85 -27.20 42.81 31.53
C GLN G 85 -26.04 42.93 32.50
N LEU G 86 -25.71 44.16 32.89
CA LEU G 86 -24.68 44.42 33.88
C LEU G 86 -25.34 44.97 35.15
N SER G 87 -24.99 44.38 36.29
CA SER G 87 -25.59 44.74 37.56
C SER G 87 -24.55 45.41 38.46
N SER G 88 -25.02 46.39 39.26
CA SER G 88 -24.20 47.15 40.21
C SER G 88 -23.06 47.85 39.49
N VAL G 89 -23.43 48.79 38.62
CA VAL G 89 -22.45 49.49 37.80
C VAL G 89 -21.58 50.41 38.68
N THR G 90 -20.40 50.71 38.16
CA THR G 90 -19.37 51.47 38.84
C THR G 90 -18.87 52.55 37.89
N PRO G 91 -18.61 53.77 38.38
CA PRO G 91 -18.13 54.83 37.47
C PRO G 91 -16.72 54.63 36.94
N GLU G 92 -16.05 53.52 37.26
CA GLU G 92 -14.84 53.15 36.54
C GLU G 92 -15.14 52.50 35.20
N ASP G 93 -16.40 52.11 34.96
CA ASP G 93 -16.81 51.46 33.74
C ASP G 93 -17.20 52.44 32.64
N THR G 94 -16.73 53.69 32.71
CA THR G 94 -17.05 54.66 31.68
C THR G 94 -16.25 54.37 30.42
N ALA G 95 -16.75 53.44 29.60
CA ALA G 95 -16.01 52.99 28.43
C ALA G 95 -17.01 52.50 27.39
N VAL G 96 -16.50 52.25 26.18
CA VAL G 96 -17.31 51.75 25.08
C VAL G 96 -17.36 50.24 25.16
N TYR G 97 -18.48 49.67 24.71
CA TYR G 97 -18.71 48.23 24.74
C TYR G 97 -18.97 47.74 23.33
N TYR G 98 -18.35 46.62 22.97
CA TYR G 98 -18.44 46.07 21.62
C TYR G 98 -19.10 44.71 21.67
N CYS G 99 -20.09 44.50 20.81
CA CYS G 99 -20.70 43.19 20.61
C CYS G 99 -20.12 42.58 19.35
N ALA G 100 -19.38 41.49 19.50
CA ALA G 100 -18.67 40.87 18.40
C ALA G 100 -18.93 39.37 18.37
N ARG G 101 -18.82 38.80 17.18
CA ARG G 101 -19.13 37.39 16.95
C ARG G 101 -17.84 36.60 16.85
N ALA G 102 -17.72 35.56 17.66
CA ALA G 102 -16.60 34.65 17.56
C ALA G 102 -16.97 33.50 16.62
N GLY G 103 -16.10 32.51 16.51
CA GLY G 103 -16.45 31.34 15.73
C GLY G 103 -15.68 31.18 14.44
N ILE G 104 -14.47 31.70 14.37
CA ILE G 104 -13.55 31.40 13.27
C ILE G 104 -12.77 30.16 13.70
N THR G 105 -13.39 29.00 13.49
CA THR G 105 -12.96 27.76 14.10
C THR G 105 -12.05 26.96 13.18
N ILE G 106 -11.18 26.16 13.79
CA ILE G 106 -10.41 25.14 13.09
C ILE G 106 -10.67 23.81 13.79
N PHE G 107 -10.98 22.78 12.99
CA PHE G 107 -11.30 21.43 13.47
C PHE G 107 -12.47 21.43 14.45
N GLY G 108 -13.39 22.38 14.31
CA GLY G 108 -14.54 22.48 15.18
C GLY G 108 -14.32 23.17 16.50
N LEU G 109 -13.10 23.61 16.79
CA LEU G 109 -12.79 24.27 18.05
C LEU G 109 -12.77 25.78 17.86
N ILE G 110 -13.49 26.49 18.71
CA ILE G 110 -13.55 27.95 18.65
C ILE G 110 -12.22 28.50 19.18
N THR G 111 -11.46 29.15 18.32
CA THR G 111 -10.12 29.62 18.67
C THR G 111 -10.10 30.99 19.31
N GLY G 112 -11.27 31.60 19.52
CA GLY G 112 -11.30 32.89 20.19
C GLY G 112 -11.05 34.08 19.30
N GLY G 113 -11.08 33.90 17.98
CA GLY G 113 -11.01 35.04 17.08
C GLY G 113 -12.38 35.65 16.86
N LEU G 114 -12.41 36.97 16.71
CA LEU G 114 -13.66 37.73 16.67
C LEU G 114 -13.85 38.35 15.30
N ASP G 115 -15.07 38.24 14.77
CA ASP G 115 -15.45 38.80 13.48
C ASP G 115 -16.79 39.50 13.61
N TYR G 116 -17.06 40.41 12.66
CA TYR G 116 -18.35 41.08 12.50
C TYR G 116 -18.73 41.85 13.77
N TRP G 117 -17.92 42.86 14.07
CA TRP G 117 -18.07 43.65 15.28
C TRP G 117 -19.22 44.64 15.15
N GLY G 118 -19.38 45.47 16.18
CA GLY G 118 -20.41 46.49 16.18
C GLY G 118 -19.90 47.82 16.70
N GLN G 119 -20.81 48.70 17.13
CA GLN G 119 -20.40 49.98 17.67
C GLN G 119 -21.38 50.42 18.76
N GLY G 120 -20.84 51.00 19.83
CA GLY G 120 -21.67 51.44 20.94
C GLY G 120 -20.86 52.08 22.06
N SER G 121 -21.35 53.20 22.58
CA SER G 121 -20.68 53.94 23.63
C SER G 121 -21.49 53.89 24.92
N LEU G 122 -20.82 54.22 26.02
CA LEU G 122 -21.46 54.18 27.33
C LEU G 122 -20.70 55.08 28.28
N VAL G 123 -21.42 55.92 29.02
CA VAL G 123 -20.84 56.77 30.05
C VAL G 123 -21.85 56.92 31.18
N THR G 124 -21.36 56.96 32.42
CA THR G 124 -22.22 57.10 33.59
C THR G 124 -21.78 58.28 34.43
N VAL G 125 -22.68 58.74 35.30
CA VAL G 125 -22.42 59.88 36.16
C VAL G 125 -21.43 59.51 37.25
N MET H 1 0.82 40.26 28.85
CA MET H 1 0.93 40.40 27.40
C MET H 1 1.82 41.59 27.06
N THR H 2 2.99 41.30 26.51
CA THR H 2 4.01 42.31 26.25
C THR H 2 4.23 42.49 24.76
N GLN H 3 4.34 43.75 24.34
CA GLN H 3 4.67 44.12 22.97
C GLN H 3 5.89 45.03 23.01
N SER H 4 6.89 44.73 22.18
CA SER H 4 8.09 45.57 22.13
C SER H 4 7.85 46.99 21.63
N PRO H 5 7.09 47.27 20.55
CA PRO H 5 6.86 48.67 20.20
C PRO H 5 5.60 49.23 20.83
N SER H 6 5.62 50.54 21.05
CA SER H 6 4.47 51.26 21.56
C SER H 6 4.02 52.38 20.64
N SER H 7 4.96 53.10 20.04
CA SER H 7 4.65 54.16 19.08
C SER H 7 5.84 54.34 18.15
N LEU H 8 5.56 54.44 16.87
CA LEU H 8 6.62 54.59 15.87
C LEU H 8 6.11 55.42 14.71
N SER H 9 7.06 56.03 13.99
CA SER H 9 6.76 56.86 12.82
C SER H 9 7.61 56.34 11.66
N ALA H 10 7.10 55.35 10.95
CA ALA H 10 7.79 54.78 9.80
C ALA H 10 7.34 55.47 8.52
N SER H 11 8.24 55.50 7.54
CA SER H 11 7.93 56.12 6.26
C SER H 11 7.00 55.23 5.44
N VAL H 12 6.44 55.81 4.39
CA VAL H 12 5.51 55.08 3.53
C VAL H 12 6.28 54.04 2.73
N GLY H 13 5.84 52.79 2.80
CA GLY H 13 6.51 51.70 2.14
C GLY H 13 7.53 50.97 2.98
N ASP H 14 7.67 51.33 4.25
CA ASP H 14 8.65 50.69 5.12
C ASP H 14 8.14 49.33 5.59
N ARG H 15 9.09 48.50 6.04
CA ARG H 15 8.79 47.20 6.63
C ARG H 15 8.96 47.28 8.13
N VAL H 16 7.92 46.92 8.87
CA VAL H 16 7.92 47.03 10.33
C VAL H 16 7.54 45.67 10.92
N THR H 17 8.29 45.26 11.95
CA THR H 17 8.04 44.00 12.65
C THR H 17 7.56 44.32 14.05
N ILE H 18 6.38 43.82 14.41
CA ILE H 18 5.78 44.03 15.72
C ILE H 18 5.80 42.70 16.46
N THR H 19 6.54 42.64 17.55
CA THR H 19 6.73 41.42 18.32
C THR H 19 5.76 41.39 19.49
N CYS H 20 5.00 40.31 19.60
CA CYS H 20 4.02 40.12 20.67
C CYS H 20 4.46 38.89 21.49
N ARG H 21 5.30 39.13 22.49
CA ARG H 21 5.78 38.06 23.35
C ARG H 21 4.68 37.66 24.33
N THR H 22 4.42 36.36 24.44
CA THR H 22 3.38 35.83 25.30
C THR H 22 3.98 34.99 26.41
N SER H 23 3.11 34.37 27.20
CA SER H 23 3.52 33.54 28.33
C SER H 23 3.41 32.05 28.03
N GLN H 24 2.30 31.62 27.44
CA GLN H 24 2.10 30.23 27.09
C GLN H 24 2.42 30.03 25.61
N SER H 25 3.19 28.99 25.31
CA SER H 25 3.67 28.74 23.95
C SER H 25 2.62 27.95 23.18
N LEU H 26 1.76 28.66 22.46
CA LEU H 26 0.79 28.06 21.57
C LEU H 26 0.50 29.04 20.43
N SER H 27 0.39 28.51 19.22
CA SER H 27 0.33 29.33 18.02
C SER H 27 -1.02 29.33 17.32
N SER H 28 -1.83 28.29 17.46
CA SER H 28 -3.09 28.19 16.75
C SER H 28 -4.22 28.97 17.41
N TYR H 29 -3.97 29.58 18.58
CA TYR H 29 -5.00 30.35 19.26
C TYR H 29 -4.83 31.84 19.12
N THR H 30 -3.60 32.33 18.98
CA THR H 30 -3.36 33.77 18.93
C THR H 30 -3.83 34.36 17.61
N HIS H 31 -4.18 35.64 17.64
CA HIS H 31 -4.65 36.37 16.47
C HIS H 31 -4.03 37.76 16.47
N TRP H 32 -4.41 38.57 15.48
CA TRP H 32 -3.96 39.93 15.37
C TRP H 32 -5.13 40.82 14.98
N TYR H 33 -5.19 42.01 15.57
CA TYR H 33 -6.30 42.93 15.36
C TYR H 33 -5.77 44.31 15.02
N GLN H 34 -6.52 45.03 14.18
CA GLN H 34 -6.21 46.39 13.80
C GLN H 34 -7.46 47.24 13.99
N GLN H 35 -7.30 48.39 14.67
CA GLN H 35 -8.41 49.28 14.98
C GLN H 35 -8.04 50.69 14.55
N LYS H 36 -8.68 51.18 13.50
CA LYS H 36 -8.60 52.60 13.20
C LYS H 36 -9.40 53.38 14.23
N PRO H 37 -8.96 54.60 14.57
CA PRO H 37 -9.69 55.40 15.58
C PRO H 37 -11.05 55.82 15.06
N GLY H 38 -12.07 55.58 15.87
CA GLY H 38 -13.42 56.01 15.55
C GLY H 38 -14.33 54.95 14.95
N LYS H 39 -13.90 53.69 14.91
CA LYS H 39 -14.76 52.63 14.39
C LYS H 39 -14.34 51.29 15.01
N ALA H 40 -15.08 50.25 14.63
CA ALA H 40 -14.83 48.92 15.16
C ALA H 40 -13.55 48.34 14.58
N PRO H 41 -12.85 47.50 15.34
CA PRO H 41 -11.66 46.82 14.80
C PRO H 41 -12.04 45.71 13.82
N LYS H 42 -11.02 45.05 13.30
CA LYS H 42 -11.19 43.94 12.39
C LYS H 42 -10.09 42.91 12.64
N LEU H 43 -10.18 41.79 11.94
CA LEU H 43 -9.23 40.69 12.06
C LEU H 43 -8.41 40.61 10.78
N LEU H 44 -7.09 40.69 10.91
CA LEU H 44 -6.20 40.59 9.77
C LEU H 44 -5.70 39.17 9.55
N ILE H 45 -4.99 38.60 10.53
CA ILE H 45 -4.47 37.25 10.46
C ILE H 45 -4.89 36.49 11.70
N TYR H 46 -5.39 35.28 11.51
CA TYR H 46 -5.81 34.41 12.60
C TYR H 46 -4.95 33.16 12.62
N ALA H 47 -4.74 32.64 13.83
CA ALA H 47 -3.83 31.52 14.12
C ALA H 47 -2.39 31.82 13.71
N ALA H 48 -2.05 33.10 13.58
CA ALA H 48 -0.72 33.63 13.29
C ALA H 48 -0.12 33.09 11.98
N SER H 49 -0.92 32.48 11.11
CA SER H 49 -0.38 31.93 9.87
C SER H 49 -1.20 32.23 8.62
N SER H 50 -2.49 32.52 8.73
CA SER H 50 -3.35 32.69 7.57
C SER H 50 -4.16 33.97 7.70
N ARG H 51 -4.15 34.79 6.66
CA ARG H 51 -4.85 36.06 6.68
C ARG H 51 -6.37 35.84 6.61
N GLY H 52 -7.10 36.85 7.06
CA GLY H 52 -8.55 36.81 7.06
C GLY H 52 -9.15 37.42 5.80
N SER H 53 -10.47 37.54 5.81
CA SER H 53 -11.18 38.13 4.68
C SER H 53 -10.98 39.63 4.65
N GLY H 54 -10.89 40.18 3.43
CA GLY H 54 -10.68 41.61 3.26
C GLY H 54 -9.33 42.09 3.72
N VAL H 55 -8.29 41.30 3.52
CA VAL H 55 -6.93 41.62 3.96
C VAL H 55 -6.03 41.59 2.73
N PRO H 56 -5.23 42.63 2.48
CA PRO H 56 -4.31 42.60 1.34
C PRO H 56 -3.17 41.62 1.58
N SER H 57 -2.36 41.45 0.53
CA SER H 57 -1.28 40.48 0.55
C SER H 57 -0.01 41.00 1.21
N ARG H 58 0.00 42.26 1.66
CA ARG H 58 1.18 42.84 2.28
C ARG H 58 1.26 42.57 3.79
N PHE H 59 0.29 41.86 4.35
CA PHE H 59 0.29 41.51 5.77
C PHE H 59 0.67 40.05 5.93
N SER H 60 1.71 39.81 6.73
CA SER H 60 2.19 38.45 6.98
C SER H 60 2.56 38.30 8.44
N GLY H 61 2.42 37.07 8.95
CA GLY H 61 2.75 36.78 10.32
C GLY H 61 3.64 35.55 10.42
N SER H 62 4.31 35.43 11.56
CA SER H 62 5.23 34.33 11.80
C SER H 62 5.02 33.81 13.22
N GLY H 63 5.31 32.52 13.39
CA GLY H 63 5.21 31.89 14.69
C GLY H 63 6.48 31.17 15.08
N SER H 64 7.11 31.59 16.17
CA SER H 64 8.36 31.01 16.63
C SER H 64 8.31 30.93 18.16
N GLY H 65 7.96 29.76 18.68
CA GLY H 65 7.85 29.56 20.12
C GLY H 65 6.76 30.40 20.76
N THR H 66 7.12 31.19 21.77
CA THR H 66 6.19 32.07 22.44
C THR H 66 6.23 33.49 21.89
N ASP H 67 7.03 33.74 20.85
CA ASP H 67 7.15 35.05 20.23
C ASP H 67 6.47 35.04 18.87
N PHE H 68 5.61 36.03 18.62
CA PHE H 68 4.88 36.13 17.37
C PHE H 68 5.10 37.51 16.77
N THR H 69 5.45 37.54 15.49
CA THR H 69 5.76 38.77 14.78
C THR H 69 4.75 39.00 13.67
N LEU H 70 4.22 40.22 13.60
CA LEU H 70 3.34 40.65 12.51
C LEU H 70 4.13 41.61 11.65
N THR H 71 4.30 41.26 10.37
CA THR H 71 5.14 42.01 9.45
C THR H 71 4.30 42.61 8.33
N ILE H 72 4.56 43.88 8.02
CA ILE H 72 3.93 44.58 6.91
C ILE H 72 4.98 44.74 5.81
N SER H 73 4.64 44.27 4.60
CA SER H 73 5.59 44.35 3.49
C SER H 73 5.82 45.78 3.05
N SER H 74 4.75 46.58 3.00
CA SER H 74 4.85 47.98 2.58
C SER H 74 3.82 48.80 3.35
N LEU H 75 4.30 49.82 4.05
CA LEU H 75 3.40 50.69 4.79
C LEU H 75 2.61 51.57 3.84
N GLN H 76 1.35 51.83 4.20
CA GLN H 76 0.44 52.61 3.38
C GLN H 76 -0.13 53.78 4.18
N PRO H 77 -0.49 54.88 3.52
CA PRO H 77 -1.13 56.00 4.24
C PRO H 77 -2.50 55.64 4.81
N GLU H 78 -3.15 54.60 4.29
CA GLU H 78 -4.43 54.16 4.81
C GLU H 78 -4.31 53.12 5.91
N ASP H 79 -3.09 52.79 6.34
CA ASP H 79 -2.85 51.80 7.38
C ASP H 79 -2.47 52.43 8.71
N PHE H 80 -2.86 53.68 8.94
CA PHE H 80 -2.59 54.36 10.21
C PHE H 80 -3.64 53.91 11.21
N ALA H 81 -3.25 53.00 12.10
CA ALA H 81 -4.18 52.46 13.09
C ALA H 81 -3.38 51.82 14.22
N THR H 82 -4.05 51.61 15.34
CA THR H 82 -3.47 50.90 16.47
C THR H 82 -3.64 49.41 16.28
N TYR H 83 -2.58 48.66 16.59
CA TYR H 83 -2.55 47.22 16.39
C TYR H 83 -2.63 46.51 17.74
N TYR H 84 -3.48 45.50 17.82
CA TYR H 84 -3.72 44.77 19.05
C TYR H 84 -3.42 43.29 18.86
N CYS H 85 -2.85 42.68 19.89
CA CYS H 85 -2.47 41.27 19.88
C CYS H 85 -3.24 40.53 20.97
N GLN H 86 -3.91 39.45 20.59
CA GLN H 86 -4.73 38.67 21.51
C GLN H 86 -4.29 37.22 21.42
N GLN H 87 -4.09 36.57 22.58
CA GLN H 87 -3.70 35.16 22.58
C GLN H 87 -4.91 34.25 22.70
N SER H 88 -5.60 34.30 23.84
CA SER H 88 -6.89 33.61 23.91
C SER H 88 -7.99 34.46 24.52
N ARG H 89 -7.69 35.21 25.58
CA ARG H 89 -8.67 36.09 26.20
C ARG H 89 -8.08 37.42 26.64
N THR H 90 -6.78 37.62 26.49
CA THR H 90 -6.10 38.84 26.92
C THR H 90 -5.58 39.59 25.71
N PHE H 91 -5.84 40.88 25.67
CA PHE H 91 -5.41 41.73 24.57
C PHE H 91 -4.18 42.54 24.96
N GLY H 92 -3.36 42.86 23.97
CA GLY H 92 -2.18 43.65 24.22
C GLY H 92 -2.50 45.10 24.50
N GLN H 93 -1.50 45.82 25.00
CA GLN H 93 -1.68 47.23 25.33
C GLN H 93 -1.82 48.10 24.09
N GLY H 94 -1.40 47.61 22.93
CA GLY H 94 -1.55 48.37 21.69
C GLY H 94 -0.25 48.67 21.00
N THR H 95 -0.33 48.95 19.69
CA THR H 95 0.84 49.30 18.90
C THR H 95 0.42 50.36 17.90
N LYS H 96 0.83 51.61 18.14
CA LYS H 96 0.44 52.74 17.30
C LYS H 96 1.52 52.96 16.25
N VAL H 97 1.20 52.63 15.00
CA VAL H 97 2.09 52.91 13.87
C VAL H 97 1.62 54.18 13.20
N GLU H 98 2.56 54.90 12.60
CA GLU H 98 2.24 56.17 11.96
C GLU H 98 3.05 56.31 10.68
N ILE H 99 2.48 57.02 9.71
CA ILE H 99 3.13 57.25 8.44
C ILE H 99 4.04 58.48 8.52
N THR I 28 20.47 14.07 41.48
CA THR I 28 20.54 12.71 41.99
C THR I 28 19.57 11.79 41.24
N LEU I 29 20.12 10.72 40.67
CA LEU I 29 19.37 9.71 39.93
C LEU I 29 18.58 10.33 38.78
N CYS I 30 19.23 11.24 38.05
CA CYS I 30 18.60 11.85 36.89
C CYS I 30 18.55 10.85 35.73
N LEU I 31 17.67 11.12 34.79
CA LEU I 31 17.52 10.30 33.60
C LEU I 31 17.66 11.18 32.35
N GLY I 32 18.30 10.62 31.33
CA GLY I 32 18.55 11.35 30.10
C GLY I 32 18.69 10.39 28.94
N HIS I 33 19.13 10.93 27.81
CA HIS I 33 19.27 10.13 26.61
C HIS I 33 20.35 10.69 25.70
N HIS I 34 20.78 9.87 24.75
CA HIS I 34 21.85 10.23 23.83
C HIS I 34 21.38 11.31 22.87
N ALA I 35 22.29 12.22 22.53
CA ALA I 35 22.02 13.31 21.60
C ALA I 35 23.20 13.49 20.66
N VAL I 36 22.95 14.15 19.54
CA VAL I 36 23.97 14.37 18.51
C VAL I 36 24.00 15.86 18.20
N PRO I 37 25.17 16.47 18.03
CA PRO I 37 25.21 17.88 17.60
C PRO I 37 24.60 18.11 16.22
N ASN I 38 24.71 17.14 15.32
CA ASN I 38 24.19 17.30 13.95
C ASN I 38 23.55 15.97 13.54
N GLY I 39 22.22 15.91 13.64
CA GLY I 39 21.47 14.76 13.19
C GLY I 39 20.84 15.00 11.83
N THR I 40 20.18 13.96 11.33
CA THR I 40 19.49 14.02 10.05
C THR I 40 17.99 14.13 10.28
N ILE I 41 17.25 14.30 9.17
CA ILE I 41 15.81 14.53 9.19
C ILE I 41 15.14 13.44 8.39
N VAL I 42 14.17 12.76 9.01
CA VAL I 42 13.39 11.75 8.30
C VAL I 42 11.96 12.26 8.18
N LYS I 43 11.12 11.51 7.47
CA LYS I 43 9.71 11.84 7.30
C LYS I 43 8.87 10.74 7.95
N THR I 44 7.90 11.15 8.77
CA THR I 44 7.01 10.24 9.45
C THR I 44 5.57 10.57 9.08
N ILE I 45 4.63 9.86 9.72
CA ILE I 45 3.22 10.05 9.42
C ILE I 45 2.74 11.41 9.90
N THR I 46 3.07 11.77 11.14
CA THR I 46 2.57 13.01 11.72
C THR I 46 3.38 14.21 11.24
N ASN I 47 4.66 14.24 11.55
CA ASN I 47 5.51 15.38 11.23
C ASN I 47 6.25 15.15 9.91
N ASP I 48 6.84 16.22 9.39
CA ASP I 48 7.61 16.16 8.16
C ASP I 48 9.10 16.39 8.35
N GLN I 49 9.49 17.13 9.39
CA GLN I 49 10.88 17.50 9.63
C GLN I 49 11.33 17.12 11.03
N ILE I 50 11.03 15.89 11.42
CA ILE I 50 11.43 15.42 12.75
C ILE I 50 12.92 15.03 12.72
N GLU I 51 13.56 15.18 13.87
CA GLU I 51 15.01 15.04 14.00
C GLU I 51 15.34 13.69 14.63
N VAL I 52 16.20 12.91 13.97
CA VAL I 52 16.61 11.59 14.43
C VAL I 52 18.14 11.57 14.51
N THR I 53 18.65 10.94 15.58
CA THR I 53 20.09 10.93 15.81
C THR I 53 20.85 10.19 14.71
N ASN I 54 20.36 9.01 14.33
CA ASN I 54 21.02 8.20 13.32
C ASN I 54 19.99 7.67 12.33
N ALA I 55 20.24 7.87 11.04
CA ALA I 55 19.37 7.38 9.99
C ALA I 55 20.20 6.70 8.91
N THR I 56 19.63 5.67 8.30
CA THR I 56 20.30 4.88 7.28
C THR I 56 19.63 5.10 5.93
N GLU I 57 20.45 5.23 4.89
CA GLU I 57 19.94 5.37 3.53
C GLU I 57 19.30 4.08 3.07
N LEU I 58 18.17 4.19 2.38
CA LEU I 58 17.43 3.03 1.89
C LEU I 58 17.33 2.96 0.37
N VAL I 59 17.63 4.04 -0.34
CA VAL I 59 17.53 4.08 -1.80
C VAL I 59 18.93 4.14 -2.37
N GLN I 60 19.27 3.17 -3.22
CA GLN I 60 20.57 3.13 -3.86
C GLN I 60 20.58 4.08 -5.06
N ASN I 61 21.41 5.12 -4.99
CA ASN I 61 21.47 6.14 -6.04
C ASN I 61 22.85 6.22 -6.68
N SER I 62 23.63 5.15 -6.62
CA SER I 62 24.98 5.14 -7.18
C SER I 62 25.19 3.84 -7.93
N SER I 63 26.10 3.88 -8.90
CA SER I 63 26.43 2.72 -9.72
C SER I 63 27.94 2.52 -9.76
N ILE I 64 28.34 1.28 -9.99
CA ILE I 64 29.76 0.96 -10.12
C ILE I 64 30.33 1.62 -11.38
N GLY I 65 29.61 1.52 -12.49
CA GLY I 65 30.00 2.13 -13.74
C GLY I 65 30.21 1.14 -14.88
N GLU I 66 30.40 -0.14 -14.59
CA GLU I 66 30.64 -1.14 -15.61
C GLU I 66 29.80 -2.37 -15.34
N ILE I 67 29.27 -2.97 -16.41
CA ILE I 67 28.54 -4.22 -16.29
C ILE I 67 29.52 -5.35 -16.01
N CYS I 68 29.10 -6.29 -15.18
CA CYS I 68 29.93 -7.42 -14.78
C CYS I 68 29.26 -8.73 -15.15
N ASP I 69 30.08 -9.72 -15.50
CA ASP I 69 29.59 -10.95 -16.11
C ASP I 69 29.92 -12.19 -15.29
N SER I 70 30.10 -12.05 -13.99
CA SER I 70 30.40 -13.24 -13.19
C SER I 70 29.16 -14.08 -12.85
N PRO I 71 27.98 -13.53 -12.45
CA PRO I 71 26.85 -14.43 -12.18
C PRO I 71 26.12 -14.86 -13.45
N HIS I 72 26.03 -13.96 -14.43
CA HIS I 72 25.30 -14.21 -15.67
C HIS I 72 26.27 -14.19 -16.83
N GLN I 73 26.01 -15.02 -17.84
CA GLN I 73 26.81 -15.04 -19.06
C GLN I 73 26.38 -13.86 -19.92
N ILE I 74 27.22 -12.82 -19.95
CA ILE I 74 26.92 -11.59 -20.67
C ILE I 74 27.68 -11.61 -21.99
N LEU I 75 26.97 -11.34 -23.08
CA LEU I 75 27.55 -11.29 -24.42
C LEU I 75 27.58 -9.84 -24.87
N ASP I 76 28.78 -9.36 -25.23
CA ASP I 76 28.95 -7.97 -25.64
C ASP I 76 28.46 -7.78 -27.07
N GLY I 77 28.05 -6.55 -27.36
CA GLY I 77 27.57 -6.24 -28.70
C GLY I 77 28.70 -6.10 -29.71
N GLU I 78 29.62 -5.16 -29.45
CA GLU I 78 30.74 -4.83 -30.33
C GLU I 78 30.24 -4.45 -31.73
N ASN I 79 29.52 -3.32 -31.76
CA ASN I 79 28.76 -2.77 -32.89
C ASN I 79 28.02 -3.83 -33.70
N CYS I 80 27.39 -4.77 -33.01
CA CYS I 80 26.52 -5.76 -33.62
C CYS I 80 25.19 -5.77 -32.88
N THR I 81 24.09 -5.66 -33.63
CA THR I 81 22.78 -5.82 -33.05
C THR I 81 22.38 -7.29 -33.09
N LEU I 82 21.25 -7.62 -32.48
CA LEU I 82 20.84 -9.03 -32.41
C LEU I 82 20.37 -9.55 -33.76
N ILE I 83 19.70 -8.71 -34.54
CA ILE I 83 19.17 -9.15 -35.83
C ILE I 83 20.31 -9.39 -36.82
N ASP I 84 21.34 -8.54 -36.79
CA ASP I 84 22.48 -8.72 -37.69
C ASP I 84 23.25 -9.99 -37.36
N ALA I 85 23.41 -10.29 -36.07
CA ALA I 85 24.09 -11.52 -35.67
C ALA I 85 23.25 -12.75 -36.02
N LEU I 86 21.93 -12.62 -35.98
CA LEU I 86 21.05 -13.73 -36.33
C LEU I 86 21.11 -14.05 -37.81
N LEU I 87 21.14 -13.01 -38.66
CA LEU I 87 21.11 -13.22 -40.11
C LEU I 87 22.46 -13.67 -40.66
N GLY I 88 23.55 -13.42 -39.96
CA GLY I 88 24.86 -13.75 -40.48
C GLY I 88 25.56 -12.58 -41.15
N ASP I 89 25.58 -11.45 -40.46
CA ASP I 89 26.31 -10.28 -40.94
C ASP I 89 27.81 -10.61 -40.93
N PRO I 90 28.53 -10.41 -42.04
CA PRO I 90 29.97 -10.74 -42.07
C PRO I 90 30.81 -10.00 -41.05
N GLN I 91 30.43 -8.78 -40.66
CA GLN I 91 31.11 -8.10 -39.57
C GLN I 91 30.69 -8.63 -38.21
N CYS I 92 29.69 -9.51 -38.15
CA CYS I 92 29.15 -10.04 -36.92
C CYS I 92 29.38 -11.55 -36.85
N ASP I 93 30.47 -12.01 -37.48
CA ASP I 93 30.70 -13.45 -37.63
C ASP I 93 31.13 -14.12 -36.33
N GLY I 94 31.57 -13.34 -35.33
CA GLY I 94 31.99 -13.94 -34.08
C GLY I 94 30.86 -14.50 -33.26
N PHE I 95 29.63 -14.06 -33.49
CA PHE I 95 28.46 -14.54 -32.75
C PHE I 95 27.76 -15.65 -33.53
N GLN I 96 28.51 -16.73 -33.76
CA GLN I 96 27.99 -17.91 -34.43
C GLN I 96 27.87 -19.05 -33.43
N ASN I 97 26.65 -19.61 -33.33
CA ASN I 97 26.33 -20.70 -32.39
C ASN I 97 26.67 -20.32 -30.95
N LYS I 98 26.38 -19.08 -30.58
CA LYS I 98 26.65 -18.56 -29.26
C LYS I 98 25.37 -18.44 -28.46
N LYS I 99 25.49 -18.61 -27.15
CA LYS I 99 24.38 -18.48 -26.22
C LYS I 99 24.74 -17.48 -25.14
N TRP I 100 23.71 -16.89 -24.54
CA TRP I 100 23.93 -15.83 -23.56
C TRP I 100 22.83 -15.86 -22.52
N ASP I 101 23.12 -15.24 -21.37
CA ASP I 101 22.12 -14.99 -20.35
C ASP I 101 21.56 -13.58 -20.43
N LEU I 102 22.26 -12.66 -21.07
CA LEU I 102 21.77 -11.30 -21.28
C LEU I 102 22.57 -10.67 -22.41
N PHE I 103 21.88 -10.24 -23.47
CA PHE I 103 22.52 -9.60 -24.59
C PHE I 103 22.60 -8.10 -24.37
N VAL I 104 23.72 -7.51 -24.74
CA VAL I 104 23.95 -6.08 -24.61
C VAL I 104 24.12 -5.50 -26.00
N GLU I 105 23.31 -4.50 -26.34
CA GLU I 105 23.37 -3.84 -27.63
C GLU I 105 24.01 -2.47 -27.45
N ARG I 106 25.11 -2.23 -28.17
CA ARG I 106 25.79 -0.95 -28.07
C ARG I 106 25.04 0.12 -28.85
N SER I 107 25.29 1.38 -28.48
CA SER I 107 24.67 2.50 -29.16
C SER I 107 25.35 2.87 -30.48
N LYS I 108 26.48 2.24 -30.79
CA LYS I 108 27.21 2.48 -32.03
C LYS I 108 27.06 1.33 -33.03
N ALA I 109 26.02 0.52 -32.87
CA ALA I 109 25.81 -0.62 -33.75
C ALA I 109 25.40 -0.16 -35.14
N TYR I 110 26.06 -0.72 -36.16
CA TYR I 110 25.76 -0.38 -37.54
C TYR I 110 25.80 -1.65 -38.38
N SER I 111 25.08 -1.61 -39.50
CA SER I 111 24.97 -2.75 -40.41
C SER I 111 25.68 -2.43 -41.71
N ASN I 112 26.59 -3.30 -42.13
CA ASN I 112 27.28 -3.19 -43.41
C ASN I 112 27.00 -4.46 -44.20
N CYS I 113 25.84 -4.49 -44.86
CA CYS I 113 25.42 -5.61 -45.68
C CYS I 113 24.28 -5.13 -46.59
N TYR I 114 23.58 -6.08 -47.19
CA TYR I 114 22.43 -5.75 -48.02
C TYR I 114 21.35 -5.08 -47.18
N PRO I 115 20.68 -4.05 -47.70
CA PRO I 115 19.67 -3.34 -46.91
C PRO I 115 18.42 -4.16 -46.67
N TYR I 116 18.21 -4.58 -45.43
CA TYR I 116 17.04 -5.36 -45.04
C TYR I 116 16.07 -4.48 -44.26
N ASP I 117 14.84 -4.97 -44.12
CA ASP I 117 13.80 -4.23 -43.41
C ASP I 117 12.81 -5.25 -42.86
N VAL I 118 12.82 -5.44 -41.55
CA VAL I 118 11.89 -6.38 -40.91
C VAL I 118 10.55 -5.68 -40.72
N PRO I 119 9.45 -6.25 -41.23
CA PRO I 119 8.13 -5.63 -40.99
C PRO I 119 7.74 -5.55 -39.53
N ASP I 120 8.15 -6.51 -38.71
CA ASP I 120 7.89 -6.51 -37.28
C ASP I 120 9.25 -6.66 -36.58
N TYR I 121 9.92 -5.53 -36.36
CA TYR I 121 11.26 -5.56 -35.78
C TYR I 121 11.23 -5.93 -34.31
N ALA I 122 10.27 -5.36 -33.56
CA ALA I 122 10.22 -5.60 -32.12
C ALA I 122 9.77 -7.02 -31.79
N SER I 123 8.92 -7.61 -32.63
CA SER I 123 8.45 -8.97 -32.37
C SER I 123 9.57 -9.99 -32.55
N LEU I 124 10.36 -9.83 -33.62
CA LEU I 124 11.46 -10.76 -33.86
C LEU I 124 12.59 -10.56 -32.85
N ARG I 125 12.83 -9.31 -32.46
CA ARG I 125 13.88 -9.02 -31.48
C ARG I 125 13.52 -9.52 -30.09
N SER I 126 12.24 -9.71 -29.79
CA SER I 126 11.85 -10.13 -28.45
C SER I 126 11.97 -11.64 -28.27
N LEU I 127 11.45 -12.41 -29.22
CA LEU I 127 11.46 -13.87 -29.07
C LEU I 127 12.86 -14.45 -29.23
N VAL I 128 13.69 -13.83 -30.06
CA VAL I 128 15.07 -14.30 -30.21
C VAL I 128 15.87 -14.01 -28.95
N ALA I 129 15.70 -12.81 -28.38
CA ALA I 129 16.42 -12.46 -27.15
C ALA I 129 15.95 -13.29 -25.96
N SER I 130 14.66 -13.66 -25.93
CA SER I 130 14.17 -14.50 -24.85
C SER I 130 14.66 -15.93 -24.97
N SER I 131 15.01 -16.38 -26.18
CA SER I 131 15.55 -17.73 -26.34
C SER I 131 16.98 -17.82 -25.82
N GLY I 132 17.81 -16.83 -26.13
CA GLY I 132 19.18 -16.83 -25.65
C GLY I 132 20.10 -17.83 -26.32
N THR I 133 19.80 -18.21 -27.56
CA THR I 133 20.65 -19.14 -28.29
C THR I 133 20.55 -18.87 -29.78
N LEU I 134 21.66 -19.12 -30.47
CA LEU I 134 21.74 -19.02 -31.93
C LEU I 134 22.28 -20.33 -32.51
N GLU I 135 21.81 -21.46 -31.98
CA GLU I 135 22.29 -22.77 -32.41
C GLU I 135 21.72 -23.08 -33.78
N PHE I 136 22.40 -22.59 -34.81
CA PHE I 136 21.98 -22.80 -36.19
C PHE I 136 22.41 -24.17 -36.67
N ASN I 137 21.46 -24.93 -37.22
CA ASN I 137 21.73 -26.24 -37.78
C ASN I 137 21.36 -26.23 -39.26
N ASN I 138 22.30 -26.65 -40.10
CA ASN I 138 22.04 -26.69 -41.53
C ASN I 138 21.11 -27.84 -41.88
N GLU I 139 20.20 -27.59 -42.82
CA GLU I 139 19.28 -28.61 -43.30
C GLU I 139 19.37 -28.66 -44.83
N SER I 140 19.40 -29.88 -45.36
CA SER I 140 19.57 -30.10 -46.79
C SER I 140 18.21 -29.98 -47.47
N PHE I 141 18.01 -28.90 -48.22
CA PHE I 141 16.79 -28.68 -48.97
C PHE I 141 16.92 -29.34 -50.35
N ASN I 142 15.98 -29.04 -51.23
CA ASN I 142 15.93 -29.63 -52.57
C ASN I 142 15.67 -28.54 -53.61
N TRP I 143 16.43 -27.46 -53.55
CA TRP I 143 16.31 -26.39 -54.54
C TRP I 143 16.90 -26.87 -55.85
N THR I 144 16.04 -27.30 -56.77
CA THR I 144 16.46 -27.79 -58.07
C THR I 144 15.98 -26.84 -59.16
N GLY I 145 16.80 -26.68 -60.20
CA GLY I 145 16.48 -25.79 -61.29
C GLY I 145 16.80 -24.33 -61.06
N VAL I 146 17.41 -23.98 -59.93
CA VAL I 146 17.77 -22.61 -59.60
C VAL I 146 19.24 -22.58 -59.22
N THR I 147 19.82 -21.37 -59.27
CA THR I 147 21.21 -21.14 -58.88
C THR I 147 21.22 -20.55 -57.48
N GLN I 148 21.77 -21.29 -56.53
CA GLN I 148 21.83 -20.85 -55.14
C GLN I 148 23.09 -20.05 -54.89
N ASN I 149 23.28 -19.64 -53.62
CA ASN I 149 24.46 -18.92 -53.15
C ASN I 149 24.68 -17.62 -53.92
N GLY I 150 23.61 -16.86 -54.09
CA GLY I 150 23.73 -15.57 -54.74
C GLY I 150 24.45 -14.56 -53.87
N THR I 151 25.34 -13.80 -54.49
CA THR I 151 26.16 -12.84 -53.80
C THR I 151 25.78 -11.41 -54.20
N SER I 152 26.20 -10.46 -53.38
CA SER I 152 25.94 -9.04 -53.63
C SER I 152 27.22 -8.25 -53.38
N SER I 153 27.31 -7.09 -54.04
CA SER I 153 28.49 -6.24 -53.91
C SER I 153 28.42 -5.31 -52.72
N ALA I 154 27.29 -5.23 -52.03
CA ALA I 154 27.15 -4.35 -50.88
C ALA I 154 27.41 -5.06 -49.55
N CYS I 155 27.71 -6.36 -49.58
CA CYS I 155 27.93 -7.15 -48.37
C CYS I 155 29.25 -7.90 -48.57
N ILE I 156 30.35 -7.29 -48.15
CA ILE I 156 31.69 -7.80 -48.44
C ILE I 156 32.16 -8.69 -47.29
N ARG I 157 32.63 -9.88 -47.64
CA ARG I 157 33.21 -10.81 -46.68
C ARG I 157 34.56 -11.28 -47.21
N ARG I 158 35.63 -10.95 -46.46
CA ARG I 158 37.01 -11.31 -46.82
C ARG I 158 37.38 -10.79 -48.21
N SER I 159 37.04 -9.52 -48.46
CA SER I 159 37.30 -8.84 -49.73
C SER I 159 36.69 -9.58 -50.91
N ASN I 160 35.50 -10.14 -50.71
CA ASN I 160 34.77 -10.84 -51.74
C ASN I 160 33.29 -10.55 -51.60
N ASN I 161 32.56 -10.70 -52.71
CA ASN I 161 31.13 -10.51 -52.70
C ASN I 161 30.45 -11.69 -52.01
N SER I 162 29.59 -11.42 -51.04
CA SER I 162 28.93 -12.47 -50.28
C SER I 162 27.54 -11.98 -49.88
N PHE I 163 26.89 -12.75 -49.01
CA PHE I 163 25.53 -12.45 -48.57
C PHE I 163 25.44 -12.83 -47.10
N PHE I 164 24.22 -12.87 -46.59
CA PHE I 164 23.98 -13.35 -45.22
C PHE I 164 24.30 -14.84 -45.14
N SER I 165 24.98 -15.24 -44.07
CA SER I 165 25.39 -16.62 -43.94
C SER I 165 24.24 -17.56 -43.59
N ARG I 166 23.13 -17.01 -43.08
CA ARG I 166 21.98 -17.83 -42.69
C ARG I 166 20.85 -17.77 -43.71
N LEU I 167 21.07 -17.15 -44.86
CA LEU I 167 20.07 -17.06 -45.91
C LEU I 167 20.64 -17.61 -47.21
N ASN I 168 19.79 -17.69 -48.23
CA ASN I 168 20.17 -18.21 -49.53
C ASN I 168 19.45 -17.40 -50.60
N TRP I 169 20.22 -16.77 -51.49
CA TRP I 169 19.65 -16.01 -52.58
C TRP I 169 19.47 -16.91 -53.79
N LEU I 170 18.25 -16.96 -54.32
CA LEU I 170 17.91 -17.82 -55.45
C LEU I 170 17.82 -16.99 -56.71
N THR I 171 18.45 -17.46 -57.78
CA THR I 171 18.53 -16.74 -59.03
C THR I 171 18.27 -17.74 -60.16
N GLN I 172 17.83 -17.23 -61.31
CA GLN I 172 17.44 -18.06 -62.44
C GLN I 172 18.59 -18.93 -62.94
N LEU I 173 18.22 -20.06 -63.54
CA LEU I 173 19.17 -20.98 -64.15
C LEU I 173 18.80 -21.16 -65.61
N ASN I 174 19.71 -20.79 -66.51
CA ASN I 174 19.51 -20.88 -67.96
C ASN I 174 18.25 -20.14 -68.40
N PHE I 175 18.03 -18.95 -67.83
CA PHE I 175 16.86 -18.12 -68.09
C PHE I 175 15.56 -18.86 -67.80
N LYS I 176 15.57 -19.67 -66.74
CA LYS I 176 14.40 -20.42 -66.31
C LYS I 176 14.28 -20.33 -64.79
N TYR I 177 13.05 -20.54 -64.30
CA TYR I 177 12.79 -20.52 -62.86
C TYR I 177 11.54 -21.35 -62.60
N PRO I 178 11.71 -22.66 -62.38
CA PRO I 178 10.55 -23.49 -62.03
C PRO I 178 10.05 -23.16 -60.63
N ALA I 179 8.77 -23.44 -60.40
CA ALA I 179 8.18 -23.20 -59.09
C ALA I 179 8.75 -24.18 -58.08
N LEU I 180 9.16 -23.66 -56.92
CA LEU I 180 9.85 -24.45 -55.92
C LEU I 180 8.84 -24.96 -54.89
N ASN I 181 8.65 -26.27 -54.84
CA ASN I 181 7.74 -26.91 -53.90
C ASN I 181 8.56 -27.87 -53.05
N VAL I 182 9.14 -27.35 -51.96
CA VAL I 182 10.04 -28.09 -51.10
C VAL I 182 9.45 -28.12 -49.70
N THR I 183 9.28 -29.31 -49.15
CA THR I 183 8.78 -29.50 -47.80
C THR I 183 9.89 -30.00 -46.87
N MET I 184 9.75 -29.67 -45.59
CA MET I 184 10.73 -30.06 -44.58
C MET I 184 10.00 -30.32 -43.28
N PRO I 185 9.66 -31.59 -43.00
CA PRO I 185 8.94 -31.90 -41.77
C PRO I 185 9.85 -31.77 -40.55
N ASN I 186 9.20 -31.52 -39.41
CA ASN I 186 9.89 -31.42 -38.12
C ASN I 186 9.60 -32.68 -37.32
N ASN I 187 10.63 -33.51 -37.13
CA ASN I 187 10.50 -34.77 -36.40
C ASN I 187 11.15 -34.73 -35.03
N GLU I 188 11.74 -33.60 -34.64
CA GLU I 188 12.41 -33.48 -33.36
C GLU I 188 11.39 -33.13 -32.28
N GLN I 189 11.87 -32.86 -31.06
CA GLN I 189 11.01 -32.57 -29.92
C GLN I 189 11.18 -31.14 -29.42
N PHE I 190 11.67 -30.24 -30.28
CA PHE I 190 11.83 -28.85 -29.93
C PHE I 190 11.31 -27.98 -31.07
N ASP I 191 10.88 -26.78 -30.73
CA ASP I 191 10.39 -25.84 -31.73
C ASP I 191 11.52 -25.36 -32.62
N LYS I 192 11.20 -25.14 -33.89
CA LYS I 192 12.16 -24.64 -34.87
C LYS I 192 11.75 -23.24 -35.32
N LEU I 193 12.73 -22.37 -35.49
CA LEU I 193 12.51 -20.99 -35.94
C LEU I 193 13.20 -20.81 -37.28
N TYR I 194 12.41 -20.74 -38.35
CA TYR I 194 12.92 -20.56 -39.70
C TYR I 194 12.90 -19.08 -40.05
N ILE I 195 14.04 -18.57 -40.53
CA ILE I 195 14.17 -17.18 -40.94
C ILE I 195 14.30 -17.16 -42.46
N TRP I 196 13.30 -16.62 -43.14
CA TRP I 196 13.29 -16.52 -44.59
C TRP I 196 12.95 -15.09 -45.00
N GLY I 197 13.38 -14.71 -46.20
CA GLY I 197 13.24 -13.36 -46.65
C GLY I 197 12.58 -13.28 -48.02
N VAL I 198 12.13 -12.07 -48.35
CA VAL I 198 11.56 -11.75 -49.65
C VAL I 198 12.29 -10.55 -50.20
N HIS I 199 12.78 -10.67 -51.44
CA HIS I 199 13.60 -9.63 -52.05
C HIS I 199 12.74 -8.81 -53.02
N HIS I 200 12.70 -7.50 -52.79
CA HIS I 200 11.97 -6.59 -53.67
C HIS I 200 12.94 -5.96 -54.66
N PRO I 201 12.75 -6.13 -55.96
CA PRO I 201 13.61 -5.47 -56.94
C PRO I 201 13.22 -4.00 -57.09
N VAL I 202 13.90 -3.32 -58.00
CA VAL I 202 13.70 -1.90 -58.21
C VAL I 202 12.97 -1.61 -59.53
N THR I 203 13.26 -2.37 -60.59
CA THR I 203 12.64 -2.18 -61.88
C THR I 203 12.11 -3.51 -62.40
N ASP I 204 11.25 -3.44 -63.41
CA ASP I 204 10.78 -4.65 -64.08
C ASP I 204 11.89 -5.32 -64.88
N LYS I 205 12.89 -4.54 -65.32
CA LYS I 205 14.03 -5.13 -66.02
C LYS I 205 14.83 -6.04 -65.09
N ASP I 206 15.05 -5.61 -63.85
CA ASP I 206 15.81 -6.42 -62.90
C ASP I 206 15.04 -7.66 -62.47
N GLN I 207 13.70 -7.56 -62.40
CA GLN I 207 12.89 -8.72 -62.04
C GLN I 207 12.97 -9.80 -63.12
N ILE I 208 12.90 -9.40 -64.39
CA ILE I 208 13.00 -10.35 -65.49
C ILE I 208 14.42 -10.91 -65.56
N PHE I 209 15.43 -10.06 -65.31
CA PHE I 209 16.81 -10.53 -65.37
C PHE I 209 17.13 -11.52 -64.25
N LEU I 210 16.54 -11.33 -63.07
CA LEU I 210 16.87 -12.18 -61.93
C LEU I 210 16.01 -13.43 -61.84
N TYR I 211 14.69 -13.29 -61.99
CA TYR I 211 13.77 -14.39 -61.72
C TYR I 211 12.97 -14.83 -62.94
N ALA I 212 13.12 -14.16 -64.08
CA ALA I 212 12.52 -14.52 -65.37
C ALA I 212 11.00 -14.56 -65.37
N GLN I 213 10.35 -14.03 -64.34
CA GLN I 213 8.89 -13.98 -64.27
C GLN I 213 8.48 -12.62 -63.76
N SER I 214 7.56 -11.97 -64.48
CA SER I 214 7.17 -10.59 -64.18
C SER I 214 6.32 -10.47 -62.92
N SER I 215 5.83 -11.57 -62.37
CA SER I 215 4.99 -11.52 -61.17
C SER I 215 5.39 -12.68 -60.26
N GLY I 216 6.04 -12.35 -59.15
CA GLY I 216 6.43 -13.34 -58.18
C GLY I 216 5.45 -13.41 -57.02
N ARG I 217 5.47 -14.54 -56.32
CA ARG I 217 4.61 -14.73 -55.16
C ARG I 217 5.27 -15.77 -54.25
N ILE I 218 5.22 -15.52 -52.94
CA ILE I 218 5.85 -16.39 -51.95
C ILE I 218 4.77 -16.83 -50.97
N THR I 219 4.67 -18.15 -50.77
CA THR I 219 3.71 -18.71 -49.82
C THR I 219 4.44 -19.72 -48.93
N VAL I 220 4.55 -19.39 -47.65
CA VAL I 220 5.12 -20.29 -46.65
C VAL I 220 4.03 -20.63 -45.66
N SER I 221 3.69 -21.91 -45.56
CA SER I 221 2.56 -22.35 -44.76
C SER I 221 2.92 -23.57 -43.95
N THR I 222 2.31 -23.67 -42.77
CA THR I 222 2.38 -24.83 -41.90
C THR I 222 0.98 -25.39 -41.72
N LYS I 223 0.84 -26.36 -40.81
CA LYS I 223 -0.47 -26.95 -40.56
C LYS I 223 -1.43 -25.96 -39.92
N ARG I 224 -0.94 -25.13 -39.00
CA ARG I 224 -1.79 -24.22 -38.24
C ARG I 224 -1.67 -22.77 -38.67
N SER I 225 -0.79 -22.44 -39.60
CA SER I 225 -0.62 -21.05 -40.02
C SER I 225 -0.13 -21.01 -41.46
N GLN I 226 -0.31 -19.84 -42.08
CA GLN I 226 0.13 -19.62 -43.45
C GLN I 226 0.51 -18.16 -43.61
N GLN I 227 1.59 -17.91 -44.36
CA GLN I 227 2.05 -16.56 -44.66
C GLN I 227 2.18 -16.42 -46.16
N ALA I 228 1.49 -15.44 -46.73
CA ALA I 228 1.51 -15.18 -48.17
C ALA I 228 1.82 -13.70 -48.37
N VAL I 229 2.94 -13.42 -49.03
CA VAL I 229 3.37 -12.04 -49.29
C VAL I 229 3.77 -11.93 -50.75
N ILE I 230 3.33 -10.85 -51.40
CA ILE I 230 3.67 -10.58 -52.79
C ILE I 230 4.69 -9.46 -52.82
N PRO I 231 5.78 -9.60 -53.60
CA PRO I 231 6.78 -8.52 -53.67
C PRO I 231 6.23 -7.27 -54.33
N ASN I 232 6.76 -6.12 -53.91
CA ASN I 232 6.37 -4.82 -54.43
C ASN I 232 7.58 -4.20 -55.12
N ILE I 233 7.58 -4.19 -56.45
CA ILE I 233 8.66 -3.60 -57.21
C ILE I 233 8.53 -2.08 -57.16
N GLY I 234 9.62 -1.40 -56.81
CA GLY I 234 9.62 0.04 -56.74
C GLY I 234 10.97 0.56 -56.32
N TYR I 235 11.09 1.88 -56.35
CA TYR I 235 12.33 2.56 -56.01
C TYR I 235 12.35 2.91 -54.52
N ARG I 236 13.56 2.90 -53.96
CA ARG I 236 13.80 3.24 -52.57
C ARG I 236 15.03 4.12 -52.51
N PRO I 237 15.20 4.90 -51.43
CA PRO I 237 16.45 5.65 -51.25
C PRO I 237 17.64 4.71 -51.16
N ARG I 238 18.75 5.12 -51.78
CA ARG I 238 19.91 4.26 -51.91
C ARG I 238 20.68 4.18 -50.60
N ILE I 239 20.95 2.95 -50.16
CA ILE I 239 21.81 2.70 -49.01
C ILE I 239 22.95 1.82 -49.49
N ARG I 240 24.19 2.32 -49.33
CA ARG I 240 25.40 1.65 -49.82
C ARG I 240 25.31 1.32 -51.31
N ASN I 241 24.79 2.29 -52.07
CA ASN I 241 24.62 2.19 -53.53
C ASN I 241 23.75 1.00 -53.92
N ILE I 242 22.72 0.71 -53.11
CA ILE I 242 21.74 -0.31 -53.41
C ILE I 242 20.36 0.28 -53.19
N PRO I 243 19.50 0.33 -54.21
CA PRO I 243 18.15 0.90 -54.04
C PRO I 243 17.07 -0.12 -53.76
N SER I 244 17.40 -1.38 -53.53
CA SER I 244 16.41 -2.42 -53.27
C SER I 244 16.30 -2.70 -51.78
N ARG I 245 15.30 -3.50 -51.42
CA ARG I 245 15.02 -3.82 -50.03
C ARG I 245 14.72 -5.30 -49.89
N ILE I 246 14.89 -5.81 -48.67
CA ILE I 246 14.57 -7.20 -48.34
C ILE I 246 13.69 -7.19 -47.10
N SER I 247 12.54 -7.85 -47.19
CA SER I 247 11.65 -8.05 -46.06
C SER I 247 11.89 -9.43 -45.48
N ILE I 248 11.99 -9.51 -44.15
CA ILE I 248 12.36 -10.74 -43.46
C ILE I 248 11.20 -11.17 -42.57
N TYR I 249 10.77 -12.42 -42.74
CA TYR I 249 9.71 -13.01 -41.93
C TYR I 249 10.23 -14.25 -41.22
N TRP I 250 9.57 -14.60 -40.12
CA TRP I 250 9.94 -15.77 -39.34
C TRP I 250 8.75 -16.70 -39.21
N THR I 251 9.04 -18.00 -39.22
CA THR I 251 8.03 -19.04 -39.09
C THR I 251 8.44 -20.01 -37.99
N ILE I 252 7.53 -20.32 -37.09
CA ILE I 252 7.77 -21.22 -35.97
C ILE I 252 7.06 -22.54 -36.25
N VAL I 253 7.81 -23.63 -36.22
CA VAL I 253 7.30 -24.95 -36.55
C VAL I 253 7.23 -25.78 -35.27
N LYS I 254 6.04 -26.27 -34.95
CA LYS I 254 5.83 -27.11 -33.78
C LYS I 254 6.37 -28.52 -34.04
N PRO I 255 6.64 -29.28 -32.98
CA PRO I 255 6.98 -30.70 -33.17
C PRO I 255 5.81 -31.47 -33.77
N GLY I 256 6.09 -32.19 -34.85
CA GLY I 256 5.07 -32.88 -35.60
C GLY I 256 4.50 -32.08 -36.76
N ASP I 257 4.71 -30.76 -36.77
CA ASP I 257 4.24 -29.93 -37.85
C ASP I 257 5.14 -30.08 -39.08
N ILE I 258 4.61 -29.67 -40.23
CA ILE I 258 5.30 -29.80 -41.51
C ILE I 258 5.40 -28.41 -42.13
N LEU I 259 6.62 -28.01 -42.47
CA LEU I 259 6.85 -26.73 -43.12
C LEU I 259 6.83 -26.91 -44.63
N LEU I 260 6.01 -26.10 -45.31
CA LEU I 260 5.90 -26.15 -46.76
C LEU I 260 6.18 -24.76 -47.31
N ILE I 261 7.18 -24.66 -48.17
CA ILE I 261 7.58 -23.40 -48.79
C ILE I 261 7.32 -23.51 -50.28
N ASN I 262 6.42 -22.67 -50.79
CA ASN I 262 6.11 -22.62 -52.21
C ASN I 262 6.26 -21.20 -52.71
N SER I 263 7.03 -21.02 -53.78
CA SER I 263 7.23 -19.71 -54.36
C SER I 263 7.56 -19.86 -55.84
N THR I 264 7.38 -18.76 -56.58
CA THR I 264 7.69 -18.72 -58.00
C THR I 264 8.68 -17.62 -58.34
N GLY I 265 9.34 -17.04 -57.35
CA GLY I 265 10.34 -16.02 -57.58
C GLY I 265 10.44 -15.08 -56.40
N ASN I 266 11.54 -14.32 -56.39
CA ASN I 266 11.81 -13.29 -55.37
C ASN I 266 11.81 -13.86 -53.96
N LEU I 267 12.40 -15.05 -53.80
CA LEU I 267 12.43 -15.73 -52.52
C LEU I 267 13.87 -15.82 -52.02
N ILE I 268 14.09 -15.37 -50.78
CA ILE I 268 15.35 -15.56 -50.08
C ILE I 268 15.17 -16.78 -49.20
N ALA I 269 15.63 -17.93 -49.69
CA ALA I 269 15.39 -19.19 -49.00
C ALA I 269 16.24 -19.29 -47.74
N PRO I 270 15.72 -19.92 -46.69
CA PRO I 270 16.53 -20.18 -45.50
C PRO I 270 17.52 -21.32 -45.73
N ARG I 271 18.54 -21.35 -44.88
CA ARG I 271 19.53 -22.42 -44.92
C ARG I 271 19.30 -23.48 -43.84
N GLY I 272 18.62 -23.12 -42.76
CA GLY I 272 18.36 -24.07 -41.69
C GLY I 272 17.51 -23.44 -40.62
N TYR I 273 17.19 -24.24 -39.61
CA TYR I 273 16.35 -23.81 -38.52
C TYR I 273 17.19 -23.27 -37.37
N PHE I 274 16.58 -22.39 -36.58
CA PHE I 274 17.19 -21.86 -35.36
C PHE I 274 16.50 -22.49 -34.17
N LYS I 275 17.29 -23.06 -33.26
CA LYS I 275 16.73 -23.64 -32.05
C LYS I 275 16.25 -22.53 -31.12
N ILE I 276 15.05 -22.72 -30.57
CA ILE I 276 14.45 -21.75 -29.66
C ILE I 276 14.04 -22.47 -28.38
N ARG I 277 14.29 -21.82 -27.25
CA ARG I 277 13.94 -22.36 -25.94
C ARG I 277 13.36 -21.24 -25.08
N SER I 278 12.95 -21.60 -23.87
CA SER I 278 12.45 -20.65 -22.89
C SER I 278 13.39 -20.63 -21.69
N GLY I 279 13.88 -19.45 -21.36
CA GLY I 279 14.83 -19.29 -20.26
C GLY I 279 14.74 -17.92 -19.66
N LYS I 280 15.83 -17.48 -19.04
CA LYS I 280 15.90 -16.20 -18.36
C LYS I 280 16.64 -15.15 -19.18
N SER I 281 16.90 -15.40 -20.46
CA SER I 281 17.67 -14.49 -21.29
C SER I 281 16.85 -13.26 -21.65
N SER I 282 17.56 -12.15 -21.87
CA SER I 282 16.93 -10.89 -22.25
C SER I 282 17.95 -10.06 -23.02
N ILE I 283 17.54 -8.85 -23.42
CA ILE I 283 18.39 -7.95 -24.17
C ILE I 283 18.37 -6.59 -23.50
N MET I 284 19.46 -5.84 -23.67
CA MET I 284 19.62 -4.53 -23.07
C MET I 284 20.42 -3.63 -24.01
N ARG I 285 20.21 -2.33 -23.86
CA ARG I 285 20.95 -1.33 -24.62
C ARG I 285 21.70 -0.43 -23.64
N SER I 286 23.03 -0.45 -23.71
CA SER I 286 23.85 0.32 -22.79
C SER I 286 25.22 0.52 -23.41
N ASP I 287 26.00 1.44 -22.83
CA ASP I 287 27.35 1.73 -23.28
C ASP I 287 28.40 1.48 -22.19
N ALA I 288 28.03 0.83 -21.09
CA ALA I 288 28.97 0.58 -20.02
C ALA I 288 29.95 -0.53 -20.42
N PRO I 289 31.19 -0.49 -19.92
CA PRO I 289 32.15 -1.55 -20.25
C PRO I 289 31.89 -2.85 -19.50
N ILE I 290 32.76 -3.83 -19.67
CA ILE I 290 32.62 -5.15 -19.06
C ILE I 290 33.72 -5.33 -18.02
N GLY I 291 33.33 -5.68 -16.81
CA GLY I 291 34.27 -5.91 -15.73
C GLY I 291 33.94 -7.13 -14.89
N LYS I 292 34.49 -7.20 -13.68
CA LYS I 292 34.29 -8.32 -12.78
C LYS I 292 33.55 -7.86 -11.54
N CYS I 293 32.61 -8.67 -11.06
CA CYS I 293 31.95 -8.38 -9.79
C CYS I 293 31.52 -9.71 -9.18
N ASN I 294 30.61 -9.64 -8.20
CA ASN I 294 29.80 -10.77 -7.78
C ASN I 294 28.38 -10.30 -7.50
N SER I 295 27.89 -9.35 -8.30
CA SER I 295 26.63 -8.68 -8.07
C SER I 295 25.59 -9.14 -9.10
N GLU I 296 24.37 -9.40 -8.62
CA GLU I 296 23.33 -9.94 -9.47
C GLU I 296 22.69 -8.87 -10.35
N CYS I 297 22.48 -7.68 -9.82
CA CYS I 297 21.71 -6.66 -10.52
C CYS I 297 22.50 -6.04 -11.66
N ILE I 298 21.82 -5.81 -12.78
CA ILE I 298 22.42 -5.19 -13.96
C ILE I 298 21.48 -4.10 -14.46
N THR I 299 22.00 -2.90 -14.60
CA THR I 299 21.28 -1.72 -15.08
C THR I 299 22.07 -1.11 -16.23
N PRO I 300 21.43 -0.32 -17.10
CA PRO I 300 22.19 0.31 -18.20
C PRO I 300 23.29 1.25 -17.75
N ASN I 301 23.23 1.79 -16.53
CA ASN I 301 24.33 2.56 -15.98
C ASN I 301 25.44 1.68 -15.41
N GLY I 302 25.23 0.37 -15.36
CA GLY I 302 26.18 -0.55 -14.77
C GLY I 302 25.56 -1.34 -13.63
N SER I 303 26.36 -2.27 -13.13
CA SER I 303 25.91 -3.11 -12.02
C SER I 303 25.81 -2.30 -10.74
N ILE I 304 24.80 -2.59 -9.94
CA ILE I 304 24.60 -1.91 -8.66
C ILE I 304 24.41 -2.96 -7.57
N PRO I 305 24.80 -2.67 -6.33
CA PRO I 305 24.53 -3.60 -5.23
C PRO I 305 23.03 -3.73 -4.98
N ASN I 306 22.62 -4.93 -4.57
CA ASN I 306 21.21 -5.23 -4.32
C ASN I 306 20.89 -5.40 -2.85
N ASP I 307 21.74 -4.85 -1.96
CA ASP I 307 21.45 -4.95 -0.53
C ASP I 307 20.30 -4.05 -0.13
N LYS I 308 20.28 -2.82 -0.63
CA LYS I 308 19.18 -1.92 -0.31
C LYS I 308 17.93 -2.33 -1.08
N PRO I 309 16.74 -2.19 -0.48
CA PRO I 309 15.52 -2.66 -1.14
C PRO I 309 14.98 -1.73 -2.22
N PHE I 310 15.54 -0.53 -2.37
CA PHE I 310 15.06 0.42 -3.37
C PHE I 310 16.23 1.05 -4.10
N GLN I 311 15.97 1.49 -5.33
CA GLN I 311 16.98 2.15 -6.14
C GLN I 311 16.29 3.10 -7.11
N ASN I 312 17.07 4.06 -7.62
CA ASN I 312 16.55 4.99 -8.61
C ASN I 312 17.58 5.26 -9.70
N VAL I 313 18.48 4.30 -9.95
CA VAL I 313 19.49 4.47 -10.99
C VAL I 313 18.86 4.44 -12.37
N ASN I 314 18.04 3.42 -12.64
CA ASN I 314 17.34 3.30 -13.91
C ASN I 314 16.15 2.37 -13.73
N ARG I 315 15.18 2.53 -14.63
CA ARG I 315 13.99 1.69 -14.60
C ARG I 315 14.18 0.36 -15.30
N ILE I 316 15.26 0.18 -16.05
CA ILE I 316 15.53 -1.09 -16.73
C ILE I 316 16.45 -1.90 -15.85
N THR I 317 16.01 -3.11 -15.49
CA THR I 317 16.76 -3.98 -14.58
C THR I 317 16.77 -5.40 -15.12
N TYR I 318 17.74 -6.18 -14.65
CA TYR I 318 17.85 -7.58 -15.01
C TYR I 318 18.41 -8.35 -13.82
N GLY I 319 17.78 -9.47 -13.49
CA GLY I 319 18.20 -10.25 -12.34
C GLY I 319 17.57 -9.76 -11.05
N ALA I 320 18.16 -10.18 -9.94
CA ALA I 320 17.70 -9.79 -8.62
C ALA I 320 18.07 -8.32 -8.40
N CYS I 321 17.08 -7.44 -8.54
CA CYS I 321 17.31 -6.02 -8.49
C CYS I 321 16.32 -5.35 -7.54
N PRO I 322 16.72 -4.26 -6.90
CA PRO I 322 15.77 -3.49 -6.09
C PRO I 322 14.74 -2.79 -6.96
N ARG I 323 13.59 -2.53 -6.37
CA ARG I 323 12.49 -1.89 -7.09
C ARG I 323 12.80 -0.43 -7.36
N TYR I 324 12.36 0.05 -8.53
CA TYR I 324 12.61 1.41 -8.94
C TYR I 324 11.65 2.37 -8.25
N VAL I 325 12.19 3.50 -7.79
CA VAL I 325 11.41 4.56 -7.17
C VAL I 325 11.85 5.90 -7.75
N LYS I 326 11.15 6.97 -7.36
CA LYS I 326 11.46 8.30 -7.84
C LYS I 326 12.24 9.14 -6.84
N GLN I 327 12.06 8.89 -5.54
CA GLN I 327 12.73 9.68 -4.52
C GLN I 327 14.21 9.34 -4.49
N SER I 328 15.05 10.37 -4.40
CA SER I 328 16.50 10.13 -4.37
C SER I 328 16.93 9.61 -3.00
N THR I 329 16.39 10.16 -1.92
CA THR I 329 16.75 9.77 -0.56
C THR I 329 15.50 9.38 0.20
N LEU I 330 15.55 8.24 0.88
CA LEU I 330 14.49 7.76 1.76
C LEU I 330 15.14 7.31 3.06
N LYS I 331 15.30 8.25 3.99
CA LYS I 331 15.98 7.96 5.25
C LYS I 331 15.08 7.14 6.16
N LEU I 332 15.64 6.08 6.73
CA LEU I 332 14.94 5.25 7.70
C LEU I 332 15.50 5.54 9.08
N ALA I 333 14.62 5.86 10.03
CA ALA I 333 15.06 6.25 11.36
C ALA I 333 15.56 5.04 12.12
N THR I 334 16.80 5.12 12.61
CA THR I 334 17.39 4.07 13.43
C THR I 334 17.90 4.60 14.76
N GLY I 335 17.67 5.88 15.04
CA GLY I 335 18.10 6.47 16.30
C GLY I 335 16.93 6.98 17.11
N MET I 336 17.17 7.94 17.99
CA MET I 336 16.11 8.45 18.85
C MET I 336 15.64 9.80 18.33
N ARG I 337 14.58 10.32 18.94
CA ARG I 337 14.14 11.68 18.65
C ARG I 337 15.17 12.65 19.24
N ASN I 338 15.99 13.23 18.37
CA ASN I 338 17.14 14.01 18.80
C ASN I 338 16.71 15.38 19.30
N VAL I 339 17.19 15.77 20.47
CA VAL I 339 17.07 17.13 20.97
C VAL I 339 18.48 17.64 21.28
N PRO I 340 18.85 18.85 20.88
CA PRO I 340 20.19 19.35 21.18
C PRO I 340 20.35 19.69 22.65
N GLU I 341 21.61 19.83 23.06
CA GLU I 341 22.02 20.16 24.42
C GLU I 341 21.48 19.18 25.45
N ILE J 10 11.73 14.50 31.65
CA ILE J 10 13.05 14.78 31.12
C ILE J 10 12.94 15.85 30.04
N GLU J 11 13.47 17.03 30.34
CA GLU J 11 13.40 18.15 29.40
C GLU J 11 14.32 17.92 28.21
N ASN J 12 15.57 17.52 28.47
CA ASN J 12 16.54 17.33 27.40
C ASN J 12 17.52 16.24 27.80
N GLY J 13 18.20 15.70 26.80
CA GLY J 13 19.14 14.62 27.00
C GLY J 13 20.55 15.12 27.29
N TRP J 14 21.48 14.18 27.27
CA TRP J 14 22.87 14.44 27.60
C TRP J 14 23.72 14.36 26.34
N GLU J 15 24.56 15.38 26.14
CA GLU J 15 25.45 15.46 24.98
C GLU J 15 26.65 14.54 25.10
N GLY J 16 26.99 14.09 26.30
CA GLY J 16 28.20 13.31 26.52
C GLY J 16 27.94 11.86 26.86
N MET J 17 26.99 11.24 26.15
CA MET J 17 26.65 9.84 26.38
C MET J 17 26.72 9.11 25.05
N VAL J 18 27.66 8.17 24.93
CA VAL J 18 27.89 7.48 23.67
C VAL J 18 27.68 5.98 23.75
N ASP J 19 27.64 5.38 24.95
CA ASP J 19 27.58 3.93 25.09
C ASP J 19 26.18 3.41 25.32
N GLY J 20 25.16 4.26 25.21
CA GLY J 20 23.80 3.80 25.40
C GLY J 20 22.81 4.87 25.04
N TRP J 21 21.55 4.47 24.93
CA TRP J 21 20.46 5.39 24.66
C TRP J 21 19.72 5.84 25.92
N TYR J 22 19.81 5.07 27.00
CA TYR J 22 19.19 5.41 28.27
C TYR J 22 20.19 5.19 29.38
N GLY J 23 20.21 6.10 30.35
CA GLY J 23 21.20 5.99 31.41
C GLY J 23 20.85 6.87 32.58
N PHE J 24 21.75 6.87 33.57
CA PHE J 24 21.55 7.60 34.81
C PHE J 24 22.75 8.49 35.08
N ARG J 25 22.50 9.63 35.72
CA ARG J 25 23.54 10.54 36.18
C ARG J 25 23.27 10.84 37.65
N HIS J 26 23.79 9.97 38.52
CA HIS J 26 23.57 10.13 39.95
C HIS J 26 24.57 11.12 40.54
N GLN J 27 24.20 11.67 41.70
CA GLN J 27 25.06 12.61 42.40
C GLN J 27 24.79 12.50 43.89
N ASN J 28 25.85 12.27 44.66
CA ASN J 28 25.75 12.14 46.12
C ASN J 28 26.96 12.84 46.73
N SER J 29 27.19 12.58 48.02
CA SER J 29 28.29 13.21 48.74
C SER J 29 29.66 12.75 48.25
N GLU J 30 29.74 11.56 47.64
CA GLU J 30 31.01 11.07 47.12
C GLU J 30 31.36 11.65 45.75
N GLY J 31 30.44 12.37 45.12
CA GLY J 31 30.65 12.96 43.82
C GLY J 31 29.47 12.68 42.91
N ARG J 32 29.70 12.83 41.61
CA ARG J 32 28.68 12.56 40.60
C ARG J 32 29.26 11.63 39.54
N GLY J 33 28.46 10.63 39.15
CA GLY J 33 28.88 9.68 38.14
C GLY J 33 27.80 9.48 37.09
N GLN J 34 28.20 8.87 35.98
CA GLN J 34 27.30 8.62 34.86
C GLN J 34 27.53 7.20 34.38
N ALA J 35 26.46 6.40 34.35
CA ALA J 35 26.52 5.02 33.90
C ALA J 35 25.38 4.76 32.94
N ALA J 36 25.68 4.08 31.84
CA ALA J 36 24.68 3.78 30.82
C ALA J 36 23.92 2.51 31.16
N ASP J 37 22.60 2.55 30.98
CA ASP J 37 21.81 1.34 31.09
C ASP J 37 22.03 0.47 29.86
N LEU J 38 22.15 -0.84 30.09
CA LEU J 38 22.50 -1.77 29.03
C LEU J 38 21.38 -2.73 28.65
N LYS J 39 20.33 -2.83 29.47
CA LYS J 39 19.24 -3.75 29.18
C LYS J 39 18.19 -3.13 28.26
N SER J 40 17.74 -1.92 28.58
CA SER J 40 16.72 -1.28 27.76
C SER J 40 17.28 -0.81 26.42
N THR J 41 18.57 -0.46 26.37
CA THR J 41 19.19 -0.08 25.11
C THR J 41 19.29 -1.27 24.17
N GLN J 42 19.58 -2.45 24.70
CA GLN J 42 19.66 -3.66 23.87
C GLN J 42 18.29 -4.01 23.29
N ALA J 43 17.23 -3.85 24.07
CA ALA J 43 15.89 -4.18 23.60
C ALA J 43 15.44 -3.25 22.47
N ALA J 44 15.91 -1.99 22.48
CA ALA J 44 15.58 -1.09 21.39
C ALA J 44 16.35 -1.42 20.13
N ILE J 45 17.56 -1.99 20.26
CA ILE J 45 18.35 -2.36 19.09
C ILE J 45 17.71 -3.55 18.38
N ASP J 46 17.24 -4.55 19.14
CA ASP J 46 16.64 -5.73 18.53
C ASP J 46 15.34 -5.42 17.81
N GLN J 47 14.57 -4.44 18.32
CA GLN J 47 13.37 -4.03 17.61
C GLN J 47 13.70 -3.20 16.37
N ILE J 48 14.82 -2.49 16.39
CA ILE J 48 15.23 -1.71 15.23
C ILE J 48 15.89 -2.60 14.19
N ASN J 49 16.78 -3.50 14.63
CA ASN J 49 17.45 -4.41 13.71
C ASN J 49 16.48 -5.40 13.08
N GLY J 50 15.39 -5.72 13.79
CA GLY J 50 14.37 -6.59 13.20
C GLY J 50 13.66 -5.94 12.03
N LYS J 51 13.44 -4.62 12.10
CA LYS J 51 12.81 -3.91 10.99
C LYS J 51 13.71 -3.89 9.76
N LEU J 52 15.02 -3.73 9.96
CA LEU J 52 15.95 -3.73 8.84
C LEU J 52 16.13 -5.11 8.23
N ASN J 53 15.77 -6.17 8.96
CA ASN J 53 15.92 -7.52 8.45
C ASN J 53 14.91 -7.78 7.33
N ARG J 54 13.70 -7.24 7.45
CA ARG J 54 12.68 -7.46 6.43
C ARG J 54 12.99 -6.71 5.15
N LEU J 55 13.73 -5.61 5.22
CA LEU J 55 13.97 -4.78 4.05
C LEU J 55 15.26 -5.16 3.33
N ILE J 56 16.34 -5.38 4.07
CA ILE J 56 17.64 -5.64 3.46
C ILE J 56 17.68 -7.07 2.93
N GLY J 57 18.00 -7.22 1.65
CA GLY J 57 18.16 -8.53 1.06
C GLY J 57 16.89 -9.32 0.85
N LYS J 58 15.78 -8.64 0.58
CA LYS J 58 14.49 -9.28 0.35
C LYS J 58 13.93 -8.89 -1.01
N THR J 59 14.78 -8.87 -2.02
CA THR J 59 14.38 -8.45 -3.36
C THR J 59 13.81 -9.61 -4.16
N ASN J 60 13.11 -9.28 -5.24
CA ASN J 60 12.55 -10.25 -6.17
C ASN J 60 13.19 -10.06 -7.53
N GLU J 61 13.41 -11.17 -8.24
CA GLU J 61 14.13 -11.16 -9.50
C GLU J 61 13.19 -11.22 -10.68
N LYS J 62 13.46 -10.41 -11.69
CA LYS J 62 12.73 -10.42 -12.95
C LYS J 62 13.74 -10.36 -14.08
N PHE J 63 13.58 -11.25 -15.06
CA PHE J 63 14.59 -11.41 -16.12
C PHE J 63 14.18 -10.71 -17.41
N HIS J 64 13.03 -11.05 -17.98
CA HIS J 64 12.60 -10.51 -19.25
C HIS J 64 11.37 -9.64 -19.04
N GLN J 65 11.44 -8.40 -19.48
CA GLN J 65 10.34 -7.44 -19.37
C GLN J 65 10.10 -6.81 -20.74
N ILE J 66 9.18 -5.84 -20.78
CA ILE J 66 8.89 -5.11 -22.00
C ILE J 66 9.92 -4.00 -22.17
N GLU J 67 9.98 -3.42 -23.36
CA GLU J 67 10.86 -2.28 -23.59
C GLU J 67 10.31 -1.05 -22.87
N LYS J 68 11.17 -0.38 -22.11
CA LYS J 68 10.76 0.77 -21.31
C LYS J 68 11.24 2.10 -21.85
N GLU J 69 12.09 2.10 -22.88
CA GLU J 69 12.50 3.32 -23.55
C GLU J 69 12.40 3.10 -25.05
N PHE J 70 12.01 4.15 -25.77
CA PHE J 70 11.73 4.05 -27.20
C PHE J 70 12.44 5.18 -27.94
N SER J 71 12.78 4.90 -29.20
CA SER J 71 13.43 5.87 -30.08
C SER J 71 12.49 6.43 -31.13
N GLU J 72 11.82 5.58 -31.88
CA GLU J 72 10.89 6.01 -32.92
C GLU J 72 9.47 6.03 -32.37
N VAL J 73 8.75 7.12 -32.66
CA VAL J 73 7.38 7.26 -32.15
C VAL J 73 6.44 6.34 -32.92
N GLU J 74 5.54 5.69 -32.19
CA GLU J 74 4.57 4.76 -32.76
C GLU J 74 3.17 5.17 -32.31
N GLY J 75 2.20 4.29 -32.58
CA GLY J 75 0.81 4.61 -32.31
C GLY J 75 0.31 4.19 -30.94
N ARG J 76 -0.69 3.32 -30.92
CA ARG J 76 -1.37 2.97 -29.67
C ARG J 76 -0.50 2.07 -28.79
N ILE J 77 0.26 1.15 -29.38
CA ILE J 77 1.00 0.17 -28.60
C ILE J 77 2.12 0.82 -27.82
N GLN J 78 2.79 1.82 -28.42
CA GLN J 78 3.85 2.52 -27.70
C GLN J 78 3.30 3.39 -26.58
N ASP J 79 2.09 3.96 -26.76
CA ASP J 79 1.48 4.73 -25.70
C ASP J 79 1.02 3.85 -24.54
N LEU J 80 0.63 2.61 -24.84
CA LEU J 80 0.22 1.70 -23.78
C LEU J 80 1.41 1.24 -22.94
N GLU J 81 2.55 1.00 -23.59
CA GLU J 81 3.73 0.56 -22.85
C GLU J 81 4.32 1.68 -22.00
N LYS J 82 4.20 2.93 -22.44
CA LYS J 82 4.63 4.06 -21.63
C LYS J 82 3.69 4.31 -20.46
N TYR J 83 2.46 3.82 -20.52
CA TYR J 83 1.50 4.00 -19.44
C TYR J 83 1.55 2.86 -18.42
N VAL J 84 1.84 1.64 -18.86
CA VAL J 84 1.97 0.52 -17.93
C VAL J 84 3.21 0.70 -17.06
N GLU J 85 4.33 1.11 -17.67
CA GLU J 85 5.56 1.32 -16.91
C GLU J 85 5.43 2.50 -15.96
N ASP J 86 4.72 3.55 -16.38
CA ASP J 86 4.54 4.71 -15.50
C ASP J 86 3.59 4.40 -14.35
N THR J 87 2.63 3.49 -14.57
CA THR J 87 1.72 3.11 -13.48
C THR J 87 2.47 2.32 -12.41
N LYS J 88 3.37 1.43 -12.81
CA LYS J 88 4.12 0.62 -11.85
C LYS J 88 5.08 1.48 -11.04
N ILE J 89 5.71 2.46 -11.68
CA ILE J 89 6.69 3.31 -10.99
C ILE J 89 5.99 4.20 -9.97
N ASP J 90 4.86 4.80 -10.34
CA ASP J 90 4.15 5.68 -9.42
C ASP J 90 3.55 4.91 -8.24
N LEU J 91 3.07 3.69 -8.49
CA LEU J 91 2.51 2.90 -7.40
C LEU J 91 3.60 2.43 -6.42
N TRP J 92 4.76 2.05 -6.95
CA TRP J 92 5.84 1.63 -6.07
C TRP J 92 6.52 2.81 -5.38
N SER J 93 6.47 4.00 -5.98
CA SER J 93 6.99 5.18 -5.31
C SER J 93 6.13 5.54 -4.10
N TYR J 94 4.82 5.42 -4.22
CA TYR J 94 3.94 5.66 -3.08
C TYR J 94 4.07 4.55 -2.04
N ASN J 95 4.28 3.31 -2.47
CA ASN J 95 4.45 2.22 -1.52
C ASN J 95 5.73 2.37 -0.73
N ALA J 96 6.78 2.88 -1.36
CA ALA J 96 8.02 3.14 -0.63
C ALA J 96 7.86 4.28 0.35
N GLU J 97 7.09 5.30 -0.02
CA GLU J 97 6.85 6.41 0.89
C GLU J 97 6.01 5.98 2.10
N LEU J 98 5.00 5.14 1.87
CA LEU J 98 4.16 4.69 2.97
C LEU J 98 4.88 3.71 3.88
N LEU J 99 5.78 2.90 3.32
CA LEU J 99 6.49 1.91 4.13
C LEU J 99 7.50 2.58 5.06
N VAL J 100 8.25 3.56 4.55
CA VAL J 100 9.25 4.23 5.36
C VAL J 100 8.59 5.10 6.42
N ALA J 101 7.54 5.83 6.06
CA ALA J 101 6.88 6.71 7.01
C ALA J 101 6.16 5.93 8.11
N LEU J 102 5.69 4.72 7.80
CA LEU J 102 5.03 3.92 8.83
C LEU J 102 6.04 3.35 9.83
N GLU J 103 7.18 2.85 9.33
CA GLU J 103 8.20 2.32 10.23
C GLU J 103 8.90 3.42 11.02
N ASN J 104 9.06 4.61 10.43
CA ASN J 104 9.62 5.73 11.18
C ASN J 104 8.68 6.19 12.28
N GLN J 105 7.37 6.13 12.05
CA GLN J 105 6.42 6.47 13.10
C GLN J 105 6.47 5.48 14.25
N HIS J 106 6.60 4.19 13.93
CA HIS J 106 6.59 3.18 14.99
C HIS J 106 7.92 3.14 15.74
N THR J 107 9.03 3.40 15.04
CA THR J 107 10.35 3.34 15.69
C THR J 107 10.49 4.42 16.76
N ILE J 108 10.00 5.62 16.48
CA ILE J 108 10.03 6.69 17.47
C ILE J 108 9.04 6.39 18.60
N ASP J 109 7.86 5.86 18.24
CA ASP J 109 6.81 5.63 19.25
C ASP J 109 7.18 4.51 20.20
N LEU J 110 7.80 3.42 19.71
CA LEU J 110 8.23 2.36 20.60
C LEU J 110 9.38 2.82 21.48
N THR J 111 10.22 3.72 20.97
CA THR J 111 11.39 4.15 21.71
C THR J 111 11.01 5.06 22.87
N ASP J 112 10.11 6.01 22.63
CA ASP J 112 9.66 6.90 23.70
C ASP J 112 8.90 6.15 24.79
N SER J 113 8.23 5.06 24.43
CA SER J 113 7.63 4.19 25.44
C SER J 113 8.71 3.48 26.25
N GLU J 114 9.82 3.11 25.63
CA GLU J 114 10.90 2.46 26.36
C GLU J 114 11.58 3.41 27.34
N MET J 115 11.64 4.71 27.00
CA MET J 115 12.15 5.70 27.92
C MET J 115 11.24 5.82 29.15
N ASN J 116 9.93 5.78 28.93
CA ASN J 116 8.99 5.87 30.06
C ASN J 116 8.97 4.57 30.87
N LYS J 117 9.22 3.43 30.23
CA LYS J 117 9.23 2.16 30.94
C LYS J 117 10.40 2.09 31.92
N LEU J 118 11.57 2.59 31.53
CA LEU J 118 12.70 2.62 32.44
C LEU J 118 12.48 3.61 33.57
N PHE J 119 11.77 4.72 33.30
CA PHE J 119 11.42 5.66 34.35
C PHE J 119 10.46 5.04 35.37
N GLU J 120 9.55 4.18 34.91
CA GLU J 120 8.62 3.52 35.82
C GLU J 120 9.30 2.42 36.63
N LYS J 121 10.31 1.77 36.06
CA LYS J 121 10.96 0.65 36.76
C LYS J 121 11.73 1.13 37.98
N THR J 122 12.39 2.29 37.88
CA THR J 122 13.07 2.86 39.04
C THR J 122 12.08 3.31 40.10
N LYS J 123 10.94 3.87 39.67
CA LYS J 123 9.92 4.29 40.62
C LYS J 123 9.23 3.09 41.26
N LYS J 124 9.03 2.02 40.50
CA LYS J 124 8.43 0.80 41.05
C LYS J 124 9.38 0.13 42.03
N GLN J 125 10.67 0.10 41.72
CA GLN J 125 11.65 -0.46 42.65
C GLN J 125 11.76 0.40 43.91
N LEU J 126 11.77 1.72 43.75
CA LEU J 126 11.78 2.65 44.88
C LEU J 126 10.33 2.95 45.28
N ARG J 127 9.69 1.92 45.82
CA ARG J 127 8.25 1.98 46.08
C ARG J 127 7.92 2.90 47.26
N GLU J 128 8.70 2.85 48.33
CA GLU J 128 8.42 3.61 49.53
C GLU J 128 9.57 4.50 49.99
N ASN J 129 10.67 4.55 49.24
CA ASN J 129 11.84 5.32 49.64
C ASN J 129 12.11 6.52 48.76
N ALA J 130 11.44 6.64 47.60
CA ALA J 130 11.65 7.76 46.71
C ALA J 130 10.33 8.14 46.05
N GLU J 131 10.24 9.41 45.65
CA GLU J 131 9.08 9.93 44.95
C GLU J 131 9.55 10.72 43.73
N ASP J 132 8.62 10.96 42.81
CA ASP J 132 8.94 11.71 41.60
C ASP J 132 9.09 13.20 41.93
N MET J 133 9.92 13.88 41.13
CA MET J 133 10.14 15.31 41.27
C MET J 133 9.59 16.12 40.11
N GLY J 134 9.53 15.55 38.91
CA GLY J 134 9.05 16.26 37.74
C GLY J 134 10.09 16.34 36.64
N ASN J 135 11.34 16.55 37.01
CA ASN J 135 12.45 16.58 36.07
C ASN J 135 13.15 15.23 35.94
N GLY J 136 12.73 14.23 36.70
CA GLY J 136 13.35 12.93 36.67
C GLY J 136 14.48 12.72 37.64
N CYS J 137 14.96 13.78 38.28
CA CYS J 137 16.07 13.69 39.23
C CYS J 137 15.50 13.41 40.61
N PHE J 138 15.57 12.15 41.04
CA PHE J 138 15.02 11.72 42.32
C PHE J 138 15.89 12.24 43.45
N LYS J 139 15.43 13.27 44.14
CA LYS J 139 16.17 13.86 45.25
C LYS J 139 16.12 12.92 46.45
N ILE J 140 17.23 12.24 46.70
CA ILE J 140 17.33 11.26 47.78
C ILE J 140 18.48 11.67 48.69
N TYR J 141 18.18 11.85 49.98
CA TYR J 141 19.20 12.14 50.98
C TYR J 141 19.51 10.93 51.86
N HIS J 142 18.91 9.78 51.58
CA HIS J 142 19.15 8.59 52.37
C HIS J 142 20.57 8.08 52.15
N LYS J 143 21.02 7.22 53.07
CA LYS J 143 22.37 6.65 53.02
C LYS J 143 22.39 5.57 51.93
N CYS J 144 22.54 6.04 50.69
CA CYS J 144 22.55 5.17 49.51
C CYS J 144 23.77 5.55 48.68
N ASP J 145 24.83 4.75 48.79
CA ASP J 145 26.10 5.05 48.15
C ASP J 145 26.08 4.59 46.69
N ASN J 146 27.26 4.57 46.05
CA ASN J 146 27.35 4.20 44.64
C ASN J 146 26.99 2.73 44.42
N ALA J 147 27.41 1.85 45.33
CA ALA J 147 27.01 0.45 45.23
C ALA J 147 25.51 0.29 45.48
N CYS J 148 24.94 1.12 46.34
CA CYS J 148 23.50 1.19 46.50
C CYS J 148 22.81 1.67 45.22
N ILE J 149 23.41 2.64 44.52
CA ILE J 149 22.87 3.09 43.26
C ILE J 149 22.93 1.98 42.21
N GLY J 150 24.05 1.26 42.16
CA GLY J 150 24.17 0.15 41.23
C GLY J 150 23.30 -1.04 41.56
N SER J 151 22.86 -1.16 42.82
CA SER J 151 21.89 -2.20 43.17
C SER J 151 20.54 -1.95 42.52
N ILE J 152 20.18 -0.68 42.32
CA ILE J 152 18.96 -0.35 41.59
C ILE J 152 19.10 -0.73 40.12
N ARG J 153 20.30 -0.58 39.56
CA ARG J 153 20.51 -0.77 38.12
C ARG J 153 20.31 -2.23 37.71
N ASN J 154 20.83 -3.17 38.49
CA ASN J 154 20.70 -4.58 38.16
C ASN J 154 19.49 -5.24 38.81
N GLY J 155 18.64 -4.46 39.48
CA GLY J 155 17.44 -5.00 40.07
C GLY J 155 17.63 -5.76 41.37
N THR J 156 18.80 -5.62 42.00
CA THR J 156 19.09 -6.31 43.26
C THR J 156 18.88 -5.41 44.47
N TYR J 157 18.30 -4.22 44.28
CA TYR J 157 18.06 -3.33 45.40
C TYR J 157 16.92 -3.85 46.27
N ASP J 158 17.13 -3.87 47.58
CA ASP J 158 16.14 -4.32 48.54
C ASP J 158 15.64 -3.11 49.32
N HIS J 159 14.32 -2.88 49.29
CA HIS J 159 13.71 -1.77 50.01
C HIS J 159 13.41 -2.08 51.47
N ASP J 160 13.52 -3.35 51.88
CA ASP J 160 13.20 -3.70 53.26
C ASP J 160 14.25 -3.17 54.22
N VAL J 161 15.53 -3.22 53.84
CA VAL J 161 16.59 -2.69 54.70
C VAL J 161 16.67 -1.18 54.67
N TYR J 162 15.97 -0.52 53.73
CA TYR J 162 15.94 0.93 53.67
C TYR J 162 14.51 1.48 53.80
N ARG J 163 13.60 0.70 54.39
CA ARG J 163 12.23 1.17 54.56
C ARG J 163 12.11 2.10 55.76
N ASP J 164 12.46 1.60 56.95
CA ASP J 164 12.39 2.41 58.16
C ASP J 164 13.49 3.47 58.21
N GLU J 165 14.62 3.23 57.53
CA GLU J 165 15.71 4.20 57.52
C GLU J 165 15.41 5.40 56.63
N ALA J 166 14.47 5.28 55.70
CA ALA J 166 14.15 6.37 54.78
C ALA J 166 12.80 7.02 55.05
N LEU J 167 11.87 6.32 55.69
CA LEU J 167 10.57 6.90 55.99
C LEU J 167 10.70 8.04 57.01
N ASN J 168 11.56 7.85 58.02
CA ASN J 168 11.77 8.90 59.00
C ASN J 168 12.58 10.06 58.43
N ASN J 169 13.43 9.79 57.44
CA ASN J 169 14.21 10.86 56.82
C ASN J 169 13.34 11.76 55.96
N ARG J 170 12.28 11.22 55.35
CA ARG J 170 11.38 12.04 54.55
C ARG J 170 10.60 13.02 55.42
N PHE J 171 10.17 12.58 56.61
CA PHE J 171 9.50 13.48 57.52
C PHE J 171 10.46 14.50 58.12
N GLN J 172 11.73 14.11 58.30
CA GLN J 172 12.73 15.05 58.81
C GLN J 172 13.07 16.12 57.78
N ILE J 173 13.28 15.72 56.53
CA ILE J 173 13.62 16.66 55.48
C ILE J 173 12.37 17.05 54.70
N GLN K 1 43.83 2.34 6.79
CA GLN K 1 45.15 2.33 7.40
C GLN K 1 45.18 3.19 8.65
N ILE K 2 44.96 2.56 9.80
CA ILE K 2 45.00 3.23 11.10
C ILE K 2 46.14 2.62 11.91
N GLN K 3 47.06 3.45 12.36
CA GLN K 3 48.24 3.00 13.09
C GLN K 3 48.36 3.80 14.38
N LEU K 4 48.55 3.10 15.50
CA LEU K 4 48.70 3.72 16.81
C LEU K 4 50.02 3.28 17.41
N GLN K 5 50.93 4.23 17.61
CA GLN K 5 52.20 3.98 18.28
C GLN K 5 52.22 4.80 19.57
N GLN K 6 52.20 4.10 20.70
CA GLN K 6 52.23 4.75 22.01
C GLN K 6 53.65 4.74 22.56
N SER K 7 54.07 5.88 23.10
CA SER K 7 55.39 6.03 23.70
C SER K 7 55.24 6.26 25.20
N GLY K 8 56.36 6.51 25.87
CA GLY K 8 56.37 6.73 27.29
C GLY K 8 57.35 5.83 28.01
N PRO K 9 58.01 6.36 29.03
CA PRO K 9 58.98 5.54 29.78
C PRO K 9 58.28 4.44 30.58
N GLY K 10 59.01 3.35 30.77
CA GLY K 10 58.49 2.22 31.51
C GLY K 10 59.29 1.93 32.76
N LEU K 11 59.78 2.97 33.42
CA LEU K 11 60.53 2.82 34.66
C LEU K 11 60.33 4.12 35.47
N VAL K 12 59.45 4.07 36.46
CA VAL K 12 59.10 5.23 37.26
C VAL K 12 59.25 4.89 38.73
N LYS K 13 59.48 5.92 39.53
CA LYS K 13 59.56 5.76 40.97
C LYS K 13 58.17 5.51 41.54
N PRO K 14 58.02 4.58 42.48
CA PRO K 14 56.71 4.39 43.12
C PRO K 14 56.29 5.61 43.93
N SER K 15 54.98 5.70 44.15
CA SER K 15 54.33 6.83 44.84
C SER K 15 54.62 8.15 44.13
N GLN K 16 54.63 8.10 42.79
CA GLN K 16 54.85 9.30 41.98
C GLN K 16 53.83 9.37 40.86
N THR K 17 54.01 10.33 39.95
CA THR K 17 53.14 10.45 38.79
C THR K 17 53.61 9.53 37.67
N LEU K 18 52.83 9.48 36.60
CA LEU K 18 53.13 8.64 35.45
C LEU K 18 52.72 9.36 34.18
N SER K 19 53.50 9.16 33.13
CA SER K 19 53.25 9.76 31.83
C SER K 19 53.22 8.68 30.76
N LEU K 20 52.25 8.78 29.85
CA LEU K 20 52.12 7.83 28.75
C LEU K 20 51.51 8.55 27.56
N THR K 21 52.28 8.66 26.48
CA THR K 21 51.86 9.37 25.28
C THR K 21 51.50 8.35 24.19
N CYS K 22 50.29 8.47 23.66
CA CYS K 22 49.78 7.57 22.62
C CYS K 22 49.64 8.38 21.33
N SER K 23 50.69 8.38 20.52
CA SER K 23 50.67 9.08 19.24
C SER K 23 49.78 8.33 18.25
N ILE K 24 49.08 9.09 17.41
CA ILE K 24 48.12 8.55 16.46
C ILE K 24 48.53 9.00 15.06
N SER K 25 48.63 8.03 14.14
CA SER K 25 49.00 8.30 12.76
C SER K 25 47.95 7.68 11.84
N GLY K 26 47.55 8.43 10.82
CA GLY K 26 46.55 7.96 9.88
C GLY K 26 45.12 8.23 10.28
N ASP K 27 44.89 8.72 11.50
CA ASP K 27 43.55 9.06 11.97
C ASP K 27 43.66 10.30 12.84
N THR K 28 42.53 11.00 12.96
CA THR K 28 42.45 12.20 13.80
C THR K 28 41.70 11.90 15.08
N VAL K 29 42.05 12.62 16.14
CA VAL K 29 41.37 12.45 17.42
C VAL K 29 39.94 12.96 17.33
N THR K 30 39.74 14.08 16.63
CA THR K 30 38.40 14.64 16.47
C THR K 30 37.59 13.77 15.52
N ASN K 31 36.84 12.81 16.08
CA ASN K 31 36.00 11.92 15.29
C ASN K 31 34.69 11.73 16.03
N ASN K 32 33.58 11.87 15.31
CA ASN K 32 32.27 11.76 15.94
C ASN K 32 31.96 10.33 16.37
N TYR K 33 32.20 9.37 15.49
CA TYR K 33 31.80 7.98 15.72
C TYR K 33 32.96 7.11 16.19
N ALA K 34 33.85 7.67 17.01
CA ALA K 34 34.99 6.90 17.51
C ALA K 34 35.41 7.43 18.87
N ALA K 35 35.63 6.51 19.81
CA ALA K 35 36.19 6.82 21.11
C ALA K 35 37.57 6.19 21.24
N TRP K 36 38.26 6.52 22.32
CA TRP K 36 39.62 6.05 22.55
C TRP K 36 39.72 5.54 24.00
N ASP K 37 39.75 4.23 24.15
CA ASP K 37 39.81 3.61 25.46
C ASP K 37 41.25 3.52 25.95
N TRP K 38 41.43 2.99 27.16
CA TRP K 38 42.75 2.69 27.71
C TRP K 38 42.64 1.42 28.51
N ILE K 39 43.38 0.39 28.10
CA ILE K 39 43.27 -0.95 28.67
C ILE K 39 44.64 -1.40 29.15
N ARG K 40 44.73 -1.85 30.39
CA ARG K 40 45.94 -2.42 30.93
C ARG K 40 45.76 -3.91 31.15
N GLN K 41 46.87 -4.66 31.03
CA GLN K 41 46.84 -6.11 31.13
C GLN K 41 47.95 -6.55 32.08
N SER K 42 47.61 -7.43 33.01
CA SER K 42 48.55 -7.93 34.01
C SER K 42 48.48 -9.45 34.07
N PRO K 43 49.59 -10.11 34.42
CA PRO K 43 49.54 -11.57 34.62
C PRO K 43 48.67 -11.99 35.80
N THR K 44 48.37 -11.10 36.73
CA THR K 44 47.60 -11.47 37.92
C THR K 44 46.10 -11.49 37.62
N ARG K 45 45.54 -10.35 37.20
CA ARG K 45 44.11 -10.23 36.95
C ARG K 45 43.74 -10.41 35.48
N GLY K 46 44.55 -9.88 34.57
CA GLY K 46 44.26 -9.96 33.15
C GLY K 46 43.89 -8.60 32.57
N LEU K 47 43.13 -8.65 31.48
CA LEU K 47 42.67 -7.43 30.84
C LEU K 47 41.60 -6.76 31.69
N GLU K 48 41.73 -5.44 31.84
CA GLU K 48 40.74 -4.67 32.59
C GLU K 48 40.65 -3.28 31.97
N TRP K 49 39.53 -2.62 32.24
CA TRP K 49 39.22 -1.32 31.67
C TRP K 49 39.61 -0.21 32.63
N LEU K 50 40.10 0.90 32.08
CA LEU K 50 40.50 2.05 32.88
C LEU K 50 39.66 3.28 32.59
N GLY K 51 39.51 3.67 31.33
CA GLY K 51 38.75 4.85 31.01
C GLY K 51 38.72 5.07 29.51
N ARG K 52 38.02 6.14 29.11
CA ARG K 52 37.88 6.46 27.71
C ARG K 52 37.70 7.97 27.55
N THR K 53 37.94 8.44 26.34
CA THR K 53 37.71 9.83 26.00
C THR K 53 37.31 9.93 24.53
N PHE K 54 36.58 10.98 24.20
CA PHE K 54 36.11 11.21 22.84
C PHE K 54 35.83 12.71 22.70
N TYR K 55 35.16 13.08 21.61
CA TYR K 55 34.86 14.49 21.34
C TYR K 55 33.47 14.61 20.74
N ARG K 56 32.51 15.09 21.52
CA ARG K 56 31.20 15.50 21.04
C ARG K 56 31.03 16.96 21.45
N SER K 57 31.58 17.86 20.64
CA SER K 57 31.62 19.32 20.82
C SER K 57 32.42 19.76 22.05
N LYS K 58 32.97 18.83 22.83
CA LYS K 58 33.75 19.10 24.03
C LYS K 58 34.43 17.81 24.45
N TRP K 59 35.63 17.94 25.00
CA TRP K 59 36.42 16.77 25.39
C TRP K 59 35.82 16.15 26.64
N TYR K 60 35.26 14.97 26.49
CA TYR K 60 34.60 14.25 27.57
C TYR K 60 35.52 13.15 28.10
N LYS K 61 35.37 12.85 29.39
CA LYS K 61 36.23 11.87 30.04
C LYS K 61 35.39 10.92 30.88
N GLU K 62 35.76 9.64 30.87
CA GLU K 62 35.18 8.64 31.74
C GLU K 62 36.29 7.81 32.35
N TYR K 63 36.04 7.26 33.53
CA TYR K 63 37.04 6.51 34.27
C TYR K 63 36.39 5.33 34.96
N ALA K 64 37.21 4.33 35.28
CA ALA K 64 36.74 3.15 35.98
C ALA K 64 36.48 3.47 37.45
N LEU K 65 35.88 2.49 38.14
CA LEU K 65 35.53 2.69 39.54
C LEU K 65 36.76 2.70 40.44
N SER K 66 37.72 1.82 40.17
CA SER K 66 38.86 1.66 41.07
C SER K 66 39.88 2.80 40.95
N VAL K 67 40.07 3.33 39.74
CA VAL K 67 41.16 4.28 39.49
C VAL K 67 40.44 5.59 39.12
N LYS K 68 39.29 5.81 39.75
CA LYS K 68 38.51 7.02 39.48
C LYS K 68 39.23 8.28 39.94
N SER K 69 39.89 8.22 41.11
CA SER K 69 40.49 9.39 41.72
C SER K 69 41.99 9.47 41.47
N ARG K 70 42.51 8.71 40.52
CA ARG K 70 43.95 8.70 40.24
C ARG K 70 44.30 8.80 38.77
N LEU K 71 43.33 8.73 37.86
CA LEU K 71 43.60 8.70 36.42
C LEU K 71 43.04 9.95 35.76
N THR K 72 43.89 10.64 34.99
CA THR K 72 43.47 11.75 34.15
C THR K 72 43.95 11.48 32.73
N ILE K 73 43.06 11.58 31.76
CA ILE K 73 43.37 11.38 30.36
C ILE K 73 43.30 12.73 29.66
N SER K 74 44.41 13.18 29.10
CA SER K 74 44.49 14.49 28.46
C SER K 74 44.66 14.34 26.96
N PRO K 75 43.63 14.62 26.16
CA PRO K 75 43.79 14.58 24.70
C PRO K 75 44.45 15.84 24.19
N ASP K 76 44.97 15.74 22.96
CA ASP K 76 45.61 16.87 22.30
C ASP K 76 45.23 16.86 20.83
N THR K 77 44.90 18.04 20.30
CA THR K 77 44.52 18.18 18.90
C THR K 77 45.70 18.60 18.04
N SER K 78 46.69 19.28 18.63
CA SER K 78 47.73 19.96 17.86
C SER K 78 48.59 18.98 17.06
N LYS K 79 48.99 17.86 17.66
CA LYS K 79 49.85 16.91 16.95
C LYS K 79 49.35 15.48 17.10
N ASN K 80 48.02 15.31 17.16
CA ASN K 80 47.35 14.01 17.07
C ASN K 80 47.79 13.08 18.22
N GLN K 81 47.52 13.53 19.44
CA GLN K 81 48.04 12.88 20.64
C GLN K 81 46.95 12.74 21.68
N ILE K 82 46.92 11.58 22.34
CA ILE K 82 46.14 11.37 23.56
C ILE K 82 47.10 10.90 24.64
N SER K 83 47.16 11.63 25.74
CA SER K 83 48.16 11.41 26.79
C SER K 83 47.49 10.80 28.01
N LEU K 84 48.12 9.79 28.59
CA LEU K 84 47.65 9.16 29.81
C LEU K 84 48.49 9.62 30.97
N GLN K 85 47.83 10.09 32.03
CA GLN K 85 48.51 10.56 33.23
C GLN K 85 47.95 9.80 34.44
N LEU K 86 48.80 9.01 35.08
CA LEU K 86 48.43 8.27 36.29
C LEU K 86 49.13 8.90 37.47
N SER K 87 48.38 9.17 38.54
CA SER K 87 48.91 9.82 39.72
C SER K 87 48.94 8.84 40.89
N SER K 88 49.97 8.98 41.73
CA SER K 88 50.21 8.16 42.91
C SER K 88 50.30 6.68 42.53
N VAL K 89 51.35 6.36 41.76
CA VAL K 89 51.55 5.00 41.28
C VAL K 89 51.90 4.07 42.44
N THR K 90 51.61 2.79 42.25
CA THR K 90 51.77 1.76 43.25
C THR K 90 52.48 0.57 42.61
N PRO K 91 53.37 -0.11 43.32
CA PRO K 91 54.06 -1.26 42.73
C PRO K 91 53.17 -2.45 42.38
N GLU K 92 51.88 -2.42 42.72
CA GLU K 92 50.96 -3.43 42.19
C GLU K 92 50.59 -3.15 40.73
N ASP K 93 50.91 -1.96 40.23
CA ASP K 93 50.61 -1.58 38.85
C ASP K 93 51.71 -1.99 37.87
N THR K 94 52.53 -2.97 38.23
CA THR K 94 53.57 -3.44 37.31
C THR K 94 52.95 -4.26 36.19
N ALA K 95 52.48 -3.58 35.14
CA ALA K 95 51.75 -4.24 34.08
C ALA K 95 51.93 -3.46 32.79
N VAL K 96 51.58 -4.10 31.67
CA VAL K 96 51.67 -3.47 30.36
C VAL K 96 50.38 -2.70 30.11
N TYR K 97 50.49 -1.60 29.37
CA TYR K 97 49.38 -0.72 29.10
C TYR K 97 49.17 -0.60 27.59
N TYR K 98 47.92 -0.75 27.17
CA TYR K 98 47.56 -0.76 25.75
C TYR K 98 46.69 0.45 25.45
N CYS K 99 47.08 1.22 24.44
CA CYS K 99 46.27 2.32 23.92
C CYS K 99 45.55 1.82 22.68
N ALA K 100 44.23 1.66 22.78
CA ALA K 100 43.45 1.08 21.70
C ALA K 100 42.28 2.00 21.37
N ARG K 101 41.80 1.90 20.14
CA ARG K 101 40.77 2.77 19.60
C ARG K 101 39.43 2.05 19.57
N ALA K 102 38.42 2.64 20.18
CA ALA K 102 37.07 2.11 20.12
C ALA K 102 36.37 2.69 18.89
N GLY K 103 35.07 2.48 18.79
CA GLY K 103 34.28 3.08 17.74
C GLY K 103 33.80 2.17 16.64
N ILE K 104 33.68 0.86 16.88
CA ILE K 104 33.01 -0.03 15.92
C ILE K 104 31.52 0.00 16.29
N THR K 105 30.85 1.02 15.77
CA THR K 105 29.52 1.40 16.23
C THR K 105 28.44 0.80 15.34
N ILE K 106 27.28 0.56 15.96
CA ILE K 106 26.06 0.23 15.25
C ILE K 106 24.99 1.23 15.65
N PHE K 107 24.31 1.80 14.64
CA PHE K 107 23.28 2.83 14.82
C PHE K 107 23.80 4.05 15.57
N GLY K 108 25.10 4.35 15.43
CA GLY K 108 25.69 5.49 16.08
C GLY K 108 26.11 5.29 17.52
N LEU K 109 25.88 4.12 18.09
CA LEU K 109 26.22 3.84 19.48
C LEU K 109 27.52 3.06 19.56
N ILE K 110 28.45 3.54 20.38
CA ILE K 110 29.74 2.87 20.56
C ILE K 110 29.51 1.66 21.46
N THR K 111 29.64 0.46 20.89
CA THR K 111 29.33 -0.77 21.59
C THR K 111 30.47 -1.27 22.47
N GLY K 112 31.62 -0.60 22.45
CA GLY K 112 32.73 -1.00 23.29
C GLY K 112 33.70 -1.97 22.67
N GLY K 113 33.66 -2.17 21.36
CA GLY K 113 34.67 -2.97 20.71
C GLY K 113 35.91 -2.14 20.38
N LEU K 114 37.06 -2.79 20.45
CA LEU K 114 38.34 -2.10 20.34
C LEU K 114 39.07 -2.55 19.08
N ASP K 115 39.60 -1.59 18.32
CA ASP K 115 40.36 -1.85 17.11
C ASP K 115 41.63 -1.01 17.12
N TYR K 116 42.60 -1.45 16.33
CA TYR K 116 43.85 -0.72 16.06
C TYR K 116 44.62 -0.46 17.37
N TRP K 117 45.05 -1.55 17.97
CA TRP K 117 45.73 -1.52 19.27
C TRP K 117 47.16 -1.03 19.11
N GLY K 118 47.92 -1.04 20.20
CA GLY K 118 49.31 -0.65 20.18
C GLY K 118 50.18 -1.60 20.98
N GLN K 119 51.34 -1.12 21.45
CA GLN K 119 52.23 -1.94 22.26
C GLN K 119 53.00 -1.04 23.21
N GLY K 120 53.19 -1.51 24.44
CA GLY K 120 53.90 -0.75 25.45
C GLY K 120 53.97 -1.45 26.79
N SER K 121 55.15 -1.42 27.42
CA SER K 121 55.39 -2.08 28.68
C SER K 121 55.67 -1.06 29.77
N LEU K 122 55.54 -1.49 31.02
CA LEU K 122 55.74 -0.60 32.16
C LEU K 122 56.08 -1.43 33.39
N VAL K 123 57.12 -1.01 34.12
CA VAL K 123 57.50 -1.66 35.37
C VAL K 123 58.04 -0.58 36.30
N THR K 124 57.76 -0.72 37.59
CA THR K 124 58.21 0.25 38.58
C THR K 124 58.96 -0.47 39.70
N VAL K 125 59.76 0.29 40.44
CA VAL K 125 60.56 -0.26 41.53
C VAL K 125 59.67 -0.64 42.70
N MET L 1 32.27 -12.56 34.93
CA MET L 1 32.55 -13.04 33.58
C MET L 1 33.32 -14.35 33.63
N THR L 2 32.64 -15.45 33.32
CA THR L 2 33.21 -16.79 33.41
C THR L 2 33.26 -17.45 32.05
N GLN L 3 34.33 -18.22 31.82
CA GLN L 3 34.49 -19.00 30.61
C GLN L 3 34.63 -20.46 30.98
N SER L 4 33.92 -21.34 30.28
CA SER L 4 33.96 -22.77 30.60
C SER L 4 35.34 -23.41 30.39
N PRO L 5 36.10 -23.18 29.32
CA PRO L 5 37.44 -23.78 29.27
C PRO L 5 38.51 -22.84 29.80
N SER L 6 39.60 -23.45 30.25
CA SER L 6 40.78 -22.71 30.71
C SER L 6 42.03 -23.06 29.94
N SER L 7 42.26 -24.34 29.66
CA SER L 7 43.40 -24.78 28.87
C SER L 7 43.07 -26.11 28.24
N LEU L 8 43.14 -26.19 26.91
CA LEU L 8 42.80 -27.40 26.18
C LEU L 8 43.86 -27.65 25.11
N SER L 9 44.00 -28.93 24.75
CA SER L 9 44.95 -29.36 23.72
C SER L 9 44.16 -30.11 22.66
N ALA L 10 43.64 -29.36 21.69
CA ALA L 10 42.87 -29.95 20.59
C ALA L 10 43.79 -30.20 19.40
N SER L 11 43.44 -31.22 18.62
CA SER L 11 44.22 -31.57 17.44
C SER L 11 43.98 -30.55 16.33
N VAL L 12 44.82 -30.64 15.30
CA VAL L 12 44.72 -29.73 14.16
C VAL L 12 43.49 -30.09 13.35
N GLY L 13 42.66 -29.08 13.05
CA GLY L 13 41.43 -29.28 12.33
C GLY L 13 40.22 -29.61 13.19
N ASP L 14 40.38 -29.64 14.52
CA ASP L 14 39.29 -29.95 15.40
C ASP L 14 38.32 -28.78 15.50
N ARG L 15 37.09 -29.08 15.93
CA ARG L 15 36.07 -28.08 16.18
C ARG L 15 35.92 -27.92 17.69
N VAL L 16 36.11 -26.70 18.17
CA VAL L 16 36.09 -26.40 19.60
C VAL L 16 35.07 -25.29 19.85
N THR L 17 34.28 -25.45 20.92
CA THR L 17 33.29 -24.46 21.32
C THR L 17 33.71 -23.87 22.65
N ILE L 18 33.87 -22.54 22.68
CA ILE L 18 34.27 -21.81 23.88
C ILE L 18 33.05 -21.03 24.34
N THR L 19 32.51 -21.40 25.50
CA THR L 19 31.29 -20.81 26.03
C THR L 19 31.64 -19.80 27.13
N CYS L 20 31.11 -18.59 26.99
CA CYS L 20 31.40 -17.49 27.91
C CYS L 20 30.10 -17.06 28.57
N ARG L 21 29.86 -17.54 29.79
CA ARG L 21 28.67 -17.13 30.54
C ARG L 21 28.79 -15.68 30.98
N THR L 22 27.68 -14.95 30.87
CA THR L 22 27.61 -13.55 31.26
C THR L 22 26.54 -13.38 32.34
N SER L 23 26.47 -12.17 32.89
CA SER L 23 25.51 -11.83 33.93
C SER L 23 24.28 -11.12 33.38
N GLN L 24 24.47 -10.12 32.53
CA GLN L 24 23.38 -9.38 31.93
C GLN L 24 23.13 -9.90 30.52
N SER L 25 21.85 -10.09 30.20
CA SER L 25 21.45 -10.71 28.93
C SER L 25 21.37 -9.62 27.85
N LEU L 26 22.45 -9.45 27.11
CA LEU L 26 22.49 -8.54 25.97
C LEU L 26 23.55 -9.05 24.99
N SER L 27 23.21 -9.02 23.70
CA SER L 27 24.03 -9.66 22.68
C SER L 27 24.77 -8.69 21.76
N SER L 28 24.24 -7.49 21.55
CA SER L 28 24.85 -6.56 20.61
C SER L 28 26.06 -5.83 21.18
N TYR L 29 26.36 -6.02 22.47
CA TYR L 29 27.50 -5.34 23.09
C TYR L 29 28.72 -6.23 23.25
N THR L 30 28.53 -7.53 23.43
CA THR L 30 29.66 -8.42 23.69
C THR L 30 30.49 -8.64 22.42
N HIS L 31 31.77 -8.94 22.62
CA HIS L 31 32.70 -9.16 21.52
C HIS L 31 33.58 -10.37 21.86
N TRP L 32 34.58 -10.61 21.03
CA TRP L 32 35.54 -11.68 21.25
C TRP L 32 36.92 -11.22 20.81
N TYR L 33 37.94 -11.59 21.58
CA TYR L 33 39.30 -11.12 21.36
C TYR L 33 40.26 -12.30 21.37
N GLN L 34 41.38 -12.14 20.66
CA GLN L 34 42.44 -13.14 20.60
C GLN L 34 43.77 -12.43 20.75
N GLN L 35 44.64 -12.96 21.60
CA GLN L 35 45.94 -12.37 21.88
C GLN L 35 47.01 -13.45 21.80
N LYS L 36 47.87 -13.35 20.79
CA LYS L 36 49.08 -14.16 20.77
C LYS L 36 50.06 -13.64 21.82
N PRO L 37 50.93 -14.50 22.34
CA PRO L 37 51.93 -14.03 23.32
C PRO L 37 52.88 -13.02 22.70
N GLY L 38 52.97 -11.86 23.35
CA GLY L 38 53.78 -10.76 22.84
C GLY L 38 53.27 -10.16 21.55
N LYS L 39 51.96 -9.96 21.44
CA LYS L 39 51.39 -9.38 20.23
C LYS L 39 50.10 -8.64 20.61
N ALA L 40 49.80 -7.59 19.87
CA ALA L 40 48.64 -6.75 20.20
C ALA L 40 47.35 -7.48 19.88
N PRO L 41 46.41 -7.58 20.83
CA PRO L 41 45.17 -8.31 20.57
C PRO L 41 44.31 -7.62 19.51
N LYS L 42 43.54 -8.45 18.80
CA LYS L 42 42.68 -7.98 17.73
C LYS L 42 41.24 -8.41 18.01
N LEU L 43 40.33 -7.95 17.15
CA LEU L 43 38.91 -8.25 17.24
C LEU L 43 38.52 -9.18 16.10
N LEU L 44 37.95 -10.33 16.43
CA LEU L 44 37.51 -11.29 15.42
C LEU L 44 36.04 -11.12 15.08
N ILE L 45 35.17 -11.29 16.07
CA ILE L 45 33.72 -11.13 15.87
C ILE L 45 33.20 -10.11 16.88
N TYR L 46 32.39 -9.18 16.39
CA TYR L 46 31.80 -8.14 17.21
C TYR L 46 30.29 -8.26 17.17
N ALA L 47 29.66 -7.90 18.29
CA ALA L 47 28.23 -8.08 18.56
C ALA L 47 27.79 -9.55 18.47
N ALA L 48 28.74 -10.47 18.62
CA ALA L 48 28.55 -11.92 18.68
C ALA L 48 27.89 -12.51 17.45
N SER L 49 27.79 -11.76 16.34
CA SER L 49 27.13 -12.28 15.15
C SER L 49 27.83 -11.97 13.84
N SER L 50 28.79 -11.05 13.80
CA SER L 50 29.42 -10.64 12.55
C SER L 50 30.92 -10.53 12.74
N ARG L 51 31.67 -11.18 11.85
CA ARG L 51 33.12 -11.17 11.94
C ARG L 51 33.69 -9.81 11.55
N GLY L 52 34.90 -9.55 12.01
CA GLY L 52 35.59 -8.30 11.73
C GLY L 52 36.51 -8.41 10.53
N SER L 53 37.29 -7.35 10.33
CA SER L 53 38.22 -7.29 9.22
C SER L 53 39.43 -8.18 9.49
N GLY L 54 39.94 -8.80 8.43
CA GLY L 54 41.08 -9.71 8.55
C GLY L 54 40.79 -10.96 9.33
N VAL L 55 39.60 -11.53 9.18
CA VAL L 55 39.16 -12.71 9.90
C VAL L 55 38.78 -13.77 8.87
N PRO L 56 39.29 -14.99 8.97
CA PRO L 56 38.88 -16.04 8.03
C PRO L 56 37.45 -16.50 8.31
N SER L 57 36.96 -17.36 7.41
CA SER L 57 35.58 -17.82 7.46
C SER L 57 35.37 -18.98 8.43
N ARG L 58 36.42 -19.46 9.08
CA ARG L 58 36.30 -20.58 10.01
C ARG L 58 35.94 -20.15 11.43
N PHE L 59 35.76 -18.86 11.67
CA PHE L 59 35.38 -18.34 12.98
C PHE L 59 33.91 -17.94 12.95
N SER L 60 33.12 -18.49 13.88
CA SER L 60 31.70 -18.20 13.96
C SER L 60 31.30 -18.05 15.42
N GLY L 61 30.25 -17.26 15.64
CA GLY L 61 29.75 -17.04 16.99
C GLY L 61 28.25 -17.24 17.04
N SER L 62 27.75 -17.46 18.26
CA SER L 62 26.33 -17.68 18.48
C SER L 62 25.89 -16.92 19.73
N GLY L 63 24.62 -16.54 19.74
CA GLY L 63 24.05 -15.85 20.88
C GLY L 63 22.72 -16.45 21.31
N SER L 64 22.63 -16.88 22.57
CA SER L 64 21.42 -17.50 23.11
C SER L 64 21.25 -17.00 24.54
N GLY L 65 20.46 -15.94 24.70
CA GLY L 65 20.21 -15.36 26.00
C GLY L 65 21.46 -14.74 26.62
N THR L 66 21.90 -15.30 27.75
CA THR L 66 23.12 -14.86 28.41
C THR L 66 24.31 -15.76 28.08
N ASP L 67 24.15 -16.71 27.17
CA ASP L 67 25.20 -17.64 26.79
C ASP L 67 25.71 -17.30 25.40
N PHE L 68 27.03 -17.16 25.28
CA PHE L 68 27.67 -16.83 24.00
C PHE L 68 28.80 -17.80 23.74
N THR L 69 28.77 -18.43 22.57
CA THR L 69 29.75 -19.44 22.19
C THR L 69 30.54 -18.95 20.97
N LEU L 70 31.86 -19.08 21.04
CA LEU L 70 32.74 -18.80 19.91
C LEU L 70 33.23 -20.14 19.37
N THR L 71 32.85 -20.46 18.14
CA THR L 71 33.12 -21.76 17.54
C THR L 71 34.13 -21.61 16.42
N ILE L 72 35.15 -22.47 16.43
CA ILE L 72 36.13 -22.55 15.36
C ILE L 72 35.84 -23.80 14.54
N SER L 73 35.66 -23.62 13.23
CA SER L 73 35.31 -24.74 12.36
C SER L 73 36.48 -25.71 12.22
N SER L 74 37.69 -25.19 12.05
CA SER L 74 38.88 -26.02 11.89
C SER L 74 40.05 -25.34 12.59
N LEU L 75 40.67 -26.06 13.53
CA LEU L 75 41.82 -25.51 14.23
C LEU L 75 43.03 -25.47 13.31
N GLN L 76 43.86 -24.45 13.47
CA GLN L 76 45.03 -24.23 12.65
C GLN L 76 46.26 -24.09 13.53
N PRO L 77 47.44 -24.45 13.01
CA PRO L 77 48.68 -24.25 13.79
C PRO L 77 49.00 -22.78 14.06
N GLU L 78 48.46 -21.86 13.27
CA GLU L 78 48.68 -20.42 13.46
C GLU L 78 47.67 -19.79 14.42
N ASP L 79 46.74 -20.58 14.98
CA ASP L 79 45.72 -20.07 15.88
C ASP L 79 46.02 -20.36 17.34
N PHE L 80 47.29 -20.58 17.69
CA PHE L 80 47.69 -20.81 19.07
C PHE L 80 47.78 -19.47 19.77
N ALA L 81 46.74 -19.13 20.54
CA ALA L 81 46.69 -17.86 21.25
C ALA L 81 45.66 -17.97 22.36
N THR L 82 45.69 -16.99 23.26
CA THR L 82 44.74 -16.91 24.36
C THR L 82 43.53 -16.08 23.92
N TYR L 83 42.33 -16.62 24.17
CA TYR L 83 41.09 -15.98 23.76
C TYR L 83 40.48 -15.24 24.94
N TYR L 84 39.85 -14.09 24.67
CA TYR L 84 39.27 -13.26 25.70
C TYR L 84 37.83 -12.90 25.36
N CYS L 85 36.99 -12.85 26.38
CA CYS L 85 35.57 -12.55 26.23
C CYS L 85 35.26 -11.28 27.00
N GLN L 86 34.63 -10.31 26.32
CA GLN L 86 34.31 -9.02 26.91
C GLN L 86 32.88 -8.67 26.58
N GLN L 87 32.12 -8.21 27.58
CA GLN L 87 30.72 -7.81 27.35
C GLN L 87 30.62 -6.32 27.10
N SER L 88 30.92 -5.50 28.09
CA SER L 88 30.99 -4.07 27.82
C SER L 88 32.25 -3.42 28.39
N ARG L 89 32.65 -3.78 29.61
CA ARG L 89 33.84 -3.21 30.22
C ARG L 89 34.66 -4.23 31.00
N THR L 90 34.19 -5.47 31.11
CA THR L 90 34.87 -6.50 31.88
C THR L 90 35.31 -7.61 30.94
N PHE L 91 36.57 -8.01 31.06
CA PHE L 91 37.15 -9.04 30.22
C PHE L 91 37.19 -10.36 30.95
N GLY L 92 37.15 -11.45 30.18
CA GLY L 92 37.19 -12.77 30.75
C GLY L 92 38.58 -13.13 31.28
N GLN L 93 38.62 -14.24 32.03
CA GLN L 93 39.87 -14.69 32.61
C GLN L 93 40.85 -15.22 31.57
N GLY L 94 40.36 -15.65 30.41
CA GLY L 94 41.21 -16.15 29.36
C GLY L 94 40.86 -17.54 28.91
N THR L 95 41.28 -17.91 27.69
CA THR L 95 41.03 -19.24 27.14
C THR L 95 42.23 -19.60 26.28
N LYS L 96 43.09 -20.49 26.80
CA LYS L 96 44.30 -20.89 26.11
C LYS L 96 44.03 -22.18 25.32
N VAL L 97 44.01 -22.06 24.00
CA VAL L 97 43.87 -23.22 23.12
C VAL L 97 45.24 -23.60 22.60
N GLU L 98 45.45 -24.89 22.38
CA GLU L 98 46.75 -25.39 21.93
C GLU L 98 46.53 -26.44 20.85
N ILE L 99 47.48 -26.51 19.93
CA ILE L 99 47.41 -27.47 18.83
C ILE L 99 48.02 -28.81 19.26
#